data_8VJW
#
_entry.id   8VJW
#
_cell.length_a   101.078
_cell.length_b   60.584
_cell.length_c   147.759
_cell.angle_alpha   90.00
_cell.angle_beta   106.57
_cell.angle_gamma   90.00
#
_symmetry.space_group_name_H-M   'P 1 21 1'
#
loop_
_entity.id
_entity.type
_entity.pdbx_description
1 polymer 'Neurolysin, mitochondrial'
2 polymer 'Angiotensin-1 peptide N-terminal end'
3 polymer 'Angiotensin-1 peptide C-terminal end'
4 non-polymer 'ZINC ION'
5 water water
#
loop_
_entity_poly.entity_id
_entity_poly.type
_entity_poly.pdbx_seq_one_letter_code
_entity_poly.pdbx_strand_id
1 'polypeptide(L)'
;SSYTVAGRNVLRWDLSPEQIKTRTEELIVQTKQVYDAVGMLGIEEVTYENCLQALADVEVKYIVERTMLDFPQHVSSDKE
VRAASTEADKRLSRFDIEMSMRGDIFERIVHLQETCDLGKIKPEARRYLEKSIKMGKRNGLHLPEQVQNEIKSMKKRMSE
LCIDFNKNLNEDDTFLVFSKAELGALPDDFIDSLEKTDDDKYKITLKYPHYFPVMKKCCIPETRRRMEMAFNTRCKEENT
IILQQLLPLRTKVAKLLGYSTHADFVLEMNTAKSTSRVTAFLDDLSQKLKPLGEAEREFILNLKKKECKDRGFEYDGKIN
AWDLYYYMTQTEELKYSIDQEFLKEYFPIEVVTEGLLNTYQELLGLSFEQMTDAHVWNKSVTLYTVKDKATGEVLGQFYL
DLYPREGKYNHAACFGLQPGCLLPDGSRMMAVAALVVNFSQPVAGRPSLLRHDEVRTYFHEFGHVMHQICAQTDFARFSG
TNVETDFVEVPSQMLENWVWDVDSLRRLSKHYKDGSPIADDLLEKLVASRLVNTGLLTLRQIVLSKVDQSLHTNTSLDAA
SEYAKYCSEILGVAATPGTNMPATFGHLAGGYDGQYYGYLWSEVFSMDMFYSCFKKEGIMNPEVGMKYRNLILKPGGSLD
GMDMLHNFLKREPNQKAFLMSRGLHAP
;
A,B
2 'polypeptide(L)' DRVY C,E
3 'polypeptide(L)' IHPFHL D,F
#
# COMPACT_ATOMS: atom_id res chain seq x y z
N SER A 1 32.74 25.33 42.58
CA SER A 1 31.65 26.29 42.46
C SER A 1 30.62 25.84 41.43
N SER A 2 29.36 26.23 41.65
CA SER A 2 28.28 25.86 40.73
C SER A 2 28.29 26.68 39.45
N TYR A 3 29.09 27.75 39.38
CA TYR A 3 29.13 28.62 38.21
C TYR A 3 30.51 28.60 37.54
N THR A 4 31.41 27.73 37.96
CA THR A 4 32.72 27.58 37.37
C THR A 4 32.86 26.17 36.80
N VAL A 5 33.97 25.93 36.10
CA VAL A 5 34.22 24.63 35.49
C VAL A 5 35.59 24.06 35.83
N ALA A 6 36.55 24.86 36.29
CA ALA A 6 37.90 24.37 36.52
C ALA A 6 37.94 23.43 37.70
N GLY A 7 38.54 22.25 37.50
CA GLY A 7 38.73 21.27 38.55
C GLY A 7 37.54 20.41 38.87
N ARG A 8 36.36 20.71 38.33
CA ARG A 8 35.18 19.91 38.62
C ARG A 8 35.15 18.57 37.90
N ASN A 9 35.99 18.40 36.88
CA ASN A 9 36.10 17.13 36.15
C ASN A 9 37.41 16.47 36.57
N VAL A 10 37.32 15.55 37.53
CA VAL A 10 38.51 14.91 38.09
C VAL A 10 38.82 13.59 37.40
N LEU A 11 38.11 13.27 36.32
CA LEU A 11 38.33 12.03 35.61
C LEU A 11 39.56 12.14 34.73
N ARG A 12 40.50 11.22 34.91
CA ARG A 12 41.68 11.12 34.05
C ARG A 12 41.59 9.86 33.21
N TRP A 13 42.08 9.94 31.96
CA TRP A 13 42.01 8.83 31.01
C TRP A 13 43.38 8.41 30.50
N ASP A 14 44.45 8.77 31.21
CA ASP A 14 45.80 8.43 30.81
C ASP A 14 46.45 7.42 31.77
N LEU A 15 45.64 6.58 32.39
CA LEU A 15 46.14 5.59 33.33
C LEU A 15 46.71 4.38 32.60
N SER A 16 47.87 3.92 33.05
CA SER A 16 48.47 2.72 32.50
C SER A 16 47.83 1.48 33.13
N PRO A 17 48.00 0.30 32.52
CA PRO A 17 47.46 -0.91 33.15
C PRO A 17 47.96 -1.15 34.56
N GLU A 18 49.20 -0.75 34.86
CA GLU A 18 49.72 -0.91 36.22
C GLU A 18 49.08 0.11 37.17
N GLN A 19 48.80 1.31 36.68
CA GLN A 19 48.18 2.33 37.52
C GLN A 19 46.73 1.98 37.85
N ILE A 20 46.04 1.28 36.94
CA ILE A 20 44.67 0.89 37.21
C ILE A 20 44.61 -0.15 38.32
N LYS A 21 45.49 -1.15 38.25
CA LYS A 21 45.51 -2.19 39.29
C LYS A 21 45.93 -1.62 40.63
N THR A 22 46.87 -0.67 40.64
CA THR A 22 47.28 -0.05 41.89
C THR A 22 46.16 0.82 42.45
N ARG A 23 45.49 1.60 41.60
CA ARG A 23 44.39 2.44 42.05
C ARG A 23 43.20 1.62 42.52
N THR A 24 43.06 0.40 42.03
CA THR A 24 41.97 -0.47 42.46
C THR A 24 42.17 -0.95 43.89
N GLU A 25 43.38 -1.39 44.21
CA GLU A 25 43.65 -1.86 45.57
C GLU A 25 43.57 -0.72 46.57
N GLU A 26 44.00 0.48 46.17
CA GLU A 26 43.91 1.64 47.06
C GLU A 26 42.46 2.05 47.28
N LEU A 27 41.62 1.93 46.24
CA LEU A 27 40.23 2.29 46.38
C LEU A 27 39.49 1.35 47.34
N ILE A 28 39.84 0.07 47.32
CA ILE A 28 39.18 -0.90 48.18
C ILE A 28 39.54 -0.65 49.65
N VAL A 29 40.82 -0.37 49.92
CA VAL A 29 41.26 -0.16 51.29
C VAL A 29 40.68 1.14 51.84
N GLN A 30 40.63 2.19 51.02
CA GLN A 30 40.07 3.47 51.47
C GLN A 30 38.58 3.36 51.72
N THR A 31 37.85 2.71 50.81
CA THR A 31 36.40 2.59 50.97
C THR A 31 36.05 1.68 52.14
N LYS A 32 36.85 0.64 52.38
CA LYS A 32 36.53 -0.28 53.47
C LYS A 32 36.72 0.38 54.83
N GLN A 33 37.62 1.35 54.94
CA GLN A 33 37.79 2.06 56.20
C GLN A 33 36.51 2.80 56.59
N VAL A 34 35.74 3.26 55.61
CA VAL A 34 34.49 3.95 55.91
C VAL A 34 33.44 2.95 56.40
N TYR A 35 33.30 1.83 55.69
CA TYR A 35 32.31 0.83 56.08
C TYR A 35 32.68 0.18 57.41
N ASP A 36 33.96 -0.11 57.62
CA ASP A 36 34.37 -0.72 58.89
C ASP A 36 34.17 0.23 60.06
N ALA A 37 34.27 1.54 59.83
CA ALA A 37 34.04 2.50 60.89
C ALA A 37 32.57 2.53 61.31
N VAL A 38 31.66 2.46 60.33
CA VAL A 38 30.23 2.45 60.65
C VAL A 38 29.84 1.14 61.31
N GLY A 39 30.46 0.04 60.89
CA GLY A 39 30.12 -1.25 61.49
C GLY A 39 30.60 -1.40 62.91
N MET A 40 31.65 -0.66 63.29
CA MET A 40 32.20 -0.72 64.64
C MET A 40 31.62 0.35 65.56
N LEU A 41 30.36 0.72 65.38
CA LEU A 41 29.69 1.70 66.23
C LEU A 41 28.55 1.04 66.99
N GLY A 42 28.22 1.63 68.13
CA GLY A 42 27.12 1.10 68.93
C GLY A 42 25.79 1.27 68.23
N ILE A 43 24.90 0.30 68.45
CA ILE A 43 23.56 0.36 67.85
C ILE A 43 22.80 1.55 68.41
N GLU A 44 23.00 1.85 69.69
CA GLU A 44 22.38 3.00 70.35
C GLU A 44 23.19 4.28 70.18
N GLU A 45 24.14 4.30 69.25
CA GLU A 45 24.98 5.46 69.02
C GLU A 45 24.93 5.98 67.60
N VAL A 46 24.33 5.24 66.66
CA VAL A 46 24.29 5.67 65.27
C VAL A 46 23.42 6.91 65.14
N THR A 47 23.92 7.88 64.37
CA THR A 47 23.22 9.14 64.12
C THR A 47 23.15 9.39 62.62
N TYR A 48 22.59 10.53 62.24
CA TYR A 48 22.48 10.88 60.84
C TYR A 48 23.84 11.19 60.22
N GLU A 49 24.78 11.69 61.03
CA GLU A 49 26.06 12.14 60.51
C GLU A 49 27.10 11.02 60.42
N ASN A 50 27.17 10.15 61.43
CA ASN A 50 28.17 9.10 61.46
C ASN A 50 27.73 7.83 60.73
N CYS A 51 26.46 7.73 60.34
CA CYS A 51 25.95 6.53 59.68
C CYS A 51 25.42 6.87 58.29
N LEU A 52 24.34 7.66 58.19
CA LEU A 52 23.76 7.95 56.89
C LEU A 52 24.68 8.84 56.06
N GLN A 53 25.09 9.98 56.62
CA GLN A 53 25.96 10.90 55.89
C GLN A 53 27.33 10.29 55.62
N ALA A 54 27.84 9.47 56.54
CA ALA A 54 29.14 8.85 56.33
C ALA A 54 29.12 7.89 55.15
N LEU A 55 28.01 7.15 54.98
CA LEU A 55 27.89 6.26 53.84
C LEU A 55 27.62 7.03 52.55
N ALA A 56 26.86 8.11 52.63
CA ALA A 56 26.58 8.91 51.44
C ALA A 56 27.83 9.60 50.91
N ASP A 57 28.76 9.95 51.80
CA ASP A 57 29.99 10.62 51.36
C ASP A 57 30.92 9.66 50.65
N VAL A 58 30.97 8.39 51.07
CA VAL A 58 31.86 7.44 50.43
C VAL A 58 31.26 6.90 49.14
N GLU A 59 29.93 6.89 49.03
CA GLU A 59 29.29 6.40 47.82
C GLU A 59 29.56 7.32 46.64
N VAL A 60 29.60 8.62 46.88
CA VAL A 60 29.96 9.56 45.82
C VAL A 60 31.44 9.46 45.49
N LYS A 61 32.27 9.25 46.50
CA LYS A 61 33.70 9.11 46.26
C LYS A 61 34.04 7.78 45.58
N TYR A 62 33.26 6.74 45.84
CA TYR A 62 33.55 5.42 45.28
C TYR A 62 33.13 5.33 43.81
N ILE A 63 31.88 5.71 43.51
CA ILE A 63 31.37 5.53 42.16
C ILE A 63 32.12 6.40 41.16
N VAL A 64 32.69 7.51 41.61
CA VAL A 64 33.47 8.35 40.72
C VAL A 64 34.84 7.72 40.46
N GLU A 65 35.51 7.29 41.53
CA GLU A 65 36.80 6.62 41.36
C GLU A 65 36.65 5.30 40.63
N ARG A 66 35.49 4.64 40.78
CA ARG A 66 35.23 3.40 40.07
C ARG A 66 35.10 3.64 38.57
N THR A 67 34.45 4.74 38.18
CA THR A 67 34.20 5.01 36.77
C THR A 67 35.51 5.15 35.99
N MET A 68 36.52 5.78 36.59
CA MET A 68 37.82 5.88 35.94
C MET A 68 38.44 4.51 35.66
N LEU A 69 37.96 3.46 36.32
CA LEU A 69 38.54 2.13 36.22
C LEU A 69 37.71 1.16 35.39
N ASP A 70 36.38 1.22 35.46
CA ASP A 70 35.54 0.28 34.74
C ASP A 70 35.12 0.77 33.37
N PHE A 71 35.48 2.00 32.99
CA PHE A 71 35.04 2.58 31.73
C PHE A 71 36.04 2.37 30.58
N PRO A 72 37.36 2.50 30.80
CA PRO A 72 38.29 2.33 29.68
C PRO A 72 38.16 1.00 28.94
N GLN A 73 37.52 -0.01 29.54
CA GLN A 73 37.33 -1.27 28.83
C GLN A 73 36.36 -1.16 27.66
N HIS A 74 35.65 -0.04 27.54
CA HIS A 74 34.65 0.14 26.50
C HIS A 74 35.08 1.08 25.39
N VAL A 75 36.15 1.86 25.57
CA VAL A 75 36.48 2.92 24.63
C VAL A 75 37.96 2.92 24.27
N SER A 76 38.82 2.53 25.20
CA SER A 76 40.25 2.64 24.99
C SER A 76 40.70 1.73 23.84
N SER A 77 41.68 2.20 23.07
CA SER A 77 42.22 1.45 21.95
C SER A 77 43.33 0.51 22.36
N ASP A 78 43.86 0.62 23.57
CA ASP A 78 44.90 -0.27 24.07
C ASP A 78 44.24 -1.49 24.70
N LYS A 79 44.60 -2.68 24.21
CA LYS A 79 43.98 -3.90 24.71
C LYS A 79 44.42 -4.22 26.13
N GLU A 80 45.65 -3.86 26.50
CA GLU A 80 46.09 -4.06 27.87
C GLU A 80 45.34 -3.15 28.84
N VAL A 81 44.97 -1.95 28.40
CA VAL A 81 44.15 -1.07 29.23
C VAL A 81 42.74 -1.64 29.37
N ARG A 82 42.17 -2.12 28.27
CA ARG A 82 40.85 -2.75 28.34
C ARG A 82 40.89 -4.01 29.19
N ALA A 83 42.00 -4.75 29.15
CA ALA A 83 42.12 -5.95 29.97
C ALA A 83 42.28 -5.60 31.44
N ALA A 84 43.13 -4.63 31.75
CA ALA A 84 43.29 -4.20 33.13
C ALA A 84 42.02 -3.57 33.68
N SER A 85 41.25 -2.89 32.81
CA SER A 85 39.98 -2.31 33.24
C SER A 85 38.95 -3.40 33.57
N THR A 86 38.97 -4.51 32.84
CA THR A 86 38.05 -5.59 33.12
C THR A 86 38.36 -6.26 34.46
N GLU A 87 39.65 -6.49 34.74
CA GLU A 87 40.03 -7.06 36.03
C GLU A 87 39.73 -6.13 37.18
N ALA A 88 39.57 -4.84 36.93
CA ALA A 88 39.10 -3.93 37.97
C ALA A 88 37.59 -3.98 38.11
N ASP A 89 36.87 -4.19 37.00
CA ASP A 89 35.41 -4.34 37.09
C ASP A 89 35.05 -5.61 37.83
N LYS A 90 35.75 -6.72 37.55
CA LYS A 90 35.50 -7.96 38.28
C LYS A 90 35.87 -7.82 39.75
N ARG A 91 36.99 -7.15 40.03
CA ARG A 91 37.43 -6.98 41.41
C ARG A 91 36.45 -6.14 42.21
N LEU A 92 35.95 -5.06 41.62
CA LEU A 92 35.08 -4.13 42.34
C LEU A 92 33.63 -4.60 42.38
N SER A 93 33.19 -5.34 41.37
CA SER A 93 31.82 -5.85 41.40
C SER A 93 31.63 -6.87 42.52
N ARG A 94 32.65 -7.68 42.78
CA ARG A 94 32.59 -8.59 43.93
C ARG A 94 32.80 -7.84 45.24
N PHE A 95 33.47 -6.69 45.20
CA PHE A 95 33.64 -5.88 46.40
C PHE A 95 32.33 -5.20 46.79
N ASP A 96 31.55 -4.75 45.80
CA ASP A 96 30.25 -4.16 46.09
C ASP A 96 29.31 -5.19 46.72
N ILE A 97 29.39 -6.44 46.27
CA ILE A 97 28.58 -7.50 46.86
C ILE A 97 29.00 -7.74 48.31
N GLU A 98 30.30 -7.69 48.58
CA GLU A 98 30.78 -7.92 49.94
C GLU A 98 30.35 -6.81 50.88
N MET A 99 30.26 -5.57 50.39
CA MET A 99 29.82 -4.46 51.22
C MET A 99 28.31 -4.42 51.38
N SER A 100 27.56 -4.89 50.38
CA SER A 100 26.11 -4.90 50.50
C SER A 100 25.61 -6.00 51.41
N MET A 101 26.38 -7.09 51.54
CA MET A 101 26.01 -8.23 52.37
C MET A 101 26.42 -8.06 53.83
N ARG A 102 26.93 -6.88 54.22
CA ARG A 102 27.35 -6.68 55.60
C ARG A 102 26.12 -6.61 56.50
N GLY A 103 26.03 -7.53 57.46
CA GLY A 103 24.90 -7.55 58.36
C GLY A 103 24.95 -6.43 59.39
N ASP A 104 26.15 -6.06 59.84
CA ASP A 104 26.26 -5.01 60.85
C ASP A 104 25.80 -3.65 60.32
N ILE A 105 26.05 -3.38 59.03
CA ILE A 105 25.58 -2.12 58.45
C ILE A 105 24.05 -2.12 58.34
N PHE A 106 23.47 -3.26 57.95
CA PHE A 106 22.02 -3.33 57.83
C PHE A 106 21.33 -3.20 59.17
N GLU A 107 21.93 -3.74 60.24
CA GLU A 107 21.33 -3.64 61.57
C GLU A 107 21.24 -2.21 62.05
N ARG A 108 22.14 -1.34 61.58
CA ARG A 108 22.22 0.02 62.08
C ARG A 108 21.36 1.00 61.27
N ILE A 109 21.14 0.72 59.98
CA ILE A 109 20.28 1.61 59.19
C ILE A 109 18.80 1.35 59.44
N VAL A 110 18.44 0.13 59.87
CA VAL A 110 17.07 -0.12 60.27
C VAL A 110 16.78 0.52 61.62
N HIS A 111 17.81 0.69 62.45
CA HIS A 111 17.62 1.35 63.73
C HIS A 111 17.36 2.85 63.57
N LEU A 112 17.98 3.47 62.57
CA LEU A 112 17.74 4.90 62.33
C LEU A 112 16.32 5.15 61.86
N GLN A 113 15.83 4.34 60.93
CA GLN A 113 14.51 4.53 60.35
C GLN A 113 13.38 4.14 61.31
N GLU A 114 13.69 3.49 62.44
CA GLU A 114 12.68 3.08 63.39
C GLU A 114 12.75 3.81 64.72
N THR A 115 13.82 4.56 64.99
CA THR A 115 14.00 5.20 66.28
C THR A 115 14.17 6.71 66.22
N CYS A 116 14.62 7.26 65.09
CA CYS A 116 14.90 8.68 64.98
C CYS A 116 13.72 9.42 64.35
N ASP A 117 13.61 10.71 64.68
CA ASP A 117 12.54 11.55 64.16
C ASP A 117 12.78 11.79 62.68
N LEU A 118 11.91 11.23 61.84
CA LEU A 118 12.04 11.36 60.39
C LEU A 118 11.58 12.70 59.86
N GLY A 119 11.08 13.60 60.72
CA GLY A 119 10.63 14.90 60.29
C GLY A 119 11.75 15.92 60.24
N LYS A 120 12.88 15.60 60.88
CA LYS A 120 14.03 16.49 60.92
C LYS A 120 15.01 16.24 59.79
N ILE A 121 14.64 15.45 58.78
CA ILE A 121 15.50 15.15 57.65
C ILE A 121 14.76 15.43 56.35
N LYS A 122 15.54 15.63 55.29
CA LYS A 122 14.97 15.94 53.99
C LYS A 122 14.18 14.75 53.45
N PRO A 123 13.20 15.00 52.58
CA PRO A 123 12.45 13.88 51.99
C PRO A 123 13.31 12.90 51.21
N GLU A 124 14.42 13.36 50.63
CA GLU A 124 15.33 12.43 49.97
C GLU A 124 16.10 11.58 50.96
N ALA A 125 16.27 12.06 52.20
CA ALA A 125 16.92 11.24 53.22
C ALA A 125 16.00 10.13 53.70
N ARG A 126 14.69 10.41 53.80
CA ARG A 126 13.74 9.36 54.16
C ARG A 126 13.63 8.33 53.05
N ARG A 127 13.64 8.77 51.80
CA ARG A 127 13.68 7.83 50.68
C ARG A 127 14.97 7.05 50.66
N TYR A 128 16.08 7.67 51.09
CA TYR A 128 17.35 6.96 51.15
C TYR A 128 17.30 5.82 52.14
N LEU A 129 16.63 6.03 53.29
CA LEU A 129 16.52 4.97 54.29
C LEU A 129 15.65 3.82 53.79
N GLU A 130 14.48 4.15 53.21
CA GLU A 130 13.57 3.10 52.75
C GLU A 130 14.21 2.29 51.62
N LYS A 131 14.89 2.96 50.69
CA LYS A 131 15.52 2.24 49.58
C LYS A 131 16.75 1.46 50.03
N SER A 132 17.46 1.96 51.05
CA SER A 132 18.62 1.23 51.53
C SER A 132 18.21 -0.01 52.32
N ILE A 133 17.12 0.10 53.09
CA ILE A 133 16.61 -1.05 53.83
C ILE A 133 16.02 -2.08 52.88
N LYS A 134 15.29 -1.61 51.86
CA LYS A 134 14.68 -2.52 50.90
C LYS A 134 15.74 -3.30 50.13
N MET A 135 16.86 -2.65 49.80
CA MET A 135 17.96 -3.37 49.15
C MET A 135 18.60 -4.38 50.07
N GLY A 136 18.60 -4.10 51.38
CA GLY A 136 19.10 -5.09 52.33
C GLY A 136 18.20 -6.31 52.40
N LYS A 137 16.88 -6.11 52.33
CA LYS A 137 15.95 -7.22 52.31
C LYS A 137 16.03 -8.00 50.99
N ARG A 138 16.34 -7.31 49.90
CA ARG A 138 16.52 -7.98 48.62
C ARG A 138 17.86 -8.70 48.51
N ASN A 139 18.73 -8.58 49.51
CA ASN A 139 19.97 -9.35 49.58
C ASN A 139 19.91 -10.43 50.65
N GLY A 140 18.76 -10.64 51.28
CA GLY A 140 18.63 -11.66 52.30
C GLY A 140 19.28 -11.33 53.62
N LEU A 141 19.51 -10.05 53.92
CA LEU A 141 20.14 -9.67 55.16
C LEU A 141 19.25 -9.89 56.38
N HIS A 142 17.96 -10.13 56.17
CA HIS A 142 17.04 -10.50 57.23
C HIS A 142 16.82 -12.01 57.31
N LEU A 143 17.70 -12.79 56.72
CA LEU A 143 17.61 -14.24 56.65
C LEU A 143 18.75 -14.87 57.43
N PRO A 144 18.68 -16.18 57.72
CA PRO A 144 19.77 -16.83 58.45
C PRO A 144 21.12 -16.65 57.76
N GLU A 145 22.19 -16.79 58.56
CA GLU A 145 23.52 -16.47 58.06
C GLU A 145 24.03 -17.50 57.06
N GLN A 146 23.63 -18.77 57.21
CA GLN A 146 24.12 -19.80 56.29
C GLN A 146 23.51 -19.67 54.90
N VAL A 147 22.37 -18.99 54.78
CA VAL A 147 21.82 -18.71 53.45
C VAL A 147 22.29 -17.36 52.91
N GLN A 148 22.82 -16.48 53.76
CA GLN A 148 23.42 -15.25 53.26
C GLN A 148 24.75 -15.53 52.57
N ASN A 149 25.57 -16.41 53.17
CA ASN A 149 26.82 -16.81 52.51
C ASN A 149 26.55 -17.57 51.23
N GLU A 150 25.41 -18.25 51.14
CA GLU A 150 25.07 -18.97 49.90
C GLU A 150 24.63 -18.01 48.81
N ILE A 151 23.89 -16.96 49.18
CA ILE A 151 23.48 -15.96 48.21
C ILE A 151 24.69 -15.10 47.80
N LYS A 152 25.52 -14.72 48.77
CA LYS A 152 26.74 -13.97 48.46
C LYS A 152 27.66 -14.77 47.54
N SER A 153 27.65 -16.10 47.68
CA SER A 153 28.49 -16.94 46.83
C SER A 153 28.01 -16.94 45.39
N MET A 154 26.69 -17.04 45.18
CA MET A 154 26.15 -17.12 43.83
C MET A 154 26.18 -15.76 43.13
N LYS A 155 25.99 -14.66 43.87
CA LYS A 155 26.00 -13.35 43.24
C LYS A 155 27.38 -12.98 42.73
N LYS A 156 28.43 -13.42 43.42
CA LYS A 156 29.79 -13.21 42.91
C LYS A 156 30.03 -13.99 41.63
N ARG A 157 29.41 -15.17 41.50
CA ARG A 157 29.53 -15.92 40.26
C ARG A 157 28.74 -15.25 39.13
N MET A 158 27.54 -14.75 39.44
CA MET A 158 26.76 -14.02 38.45
C MET A 158 27.48 -12.75 38.01
N SER A 159 28.23 -12.12 38.91
CA SER A 159 28.95 -10.91 38.56
C SER A 159 30.02 -11.17 37.51
N GLU A 160 30.78 -12.25 37.66
CA GLU A 160 31.83 -12.56 36.70
C GLU A 160 31.25 -13.08 35.38
N LEU A 161 30.12 -13.78 35.43
CA LEU A 161 29.51 -14.29 34.21
C LEU A 161 28.98 -13.16 33.33
N CYS A 162 28.41 -12.12 33.94
CA CYS A 162 27.89 -11.00 33.16
C CYS A 162 29.02 -10.19 32.54
N ILE A 163 30.15 -10.06 33.24
CA ILE A 163 31.28 -9.32 32.68
C ILE A 163 31.92 -10.10 31.54
N ASP A 164 32.09 -11.41 31.70
CA ASP A 164 32.63 -12.22 30.62
C ASP A 164 31.69 -12.30 29.44
N PHE A 165 30.38 -12.18 29.68
CA PHE A 165 29.41 -12.25 28.59
C PHE A 165 29.58 -11.09 27.62
N ASN A 166 29.79 -9.88 28.15
CA ASN A 166 29.99 -8.72 27.29
C ASN A 166 31.43 -8.57 26.84
N LYS A 167 32.39 -9.11 27.59
CA LYS A 167 33.79 -9.04 27.18
C LYS A 167 34.02 -9.83 25.90
N ASN A 168 33.32 -10.95 25.74
CA ASN A 168 33.46 -11.75 24.53
C ASN A 168 32.93 -11.02 23.31
N LEU A 169 31.78 -10.35 23.45
CA LEU A 169 31.20 -9.63 22.32
C LEU A 169 32.03 -8.40 21.96
N ASN A 170 32.52 -7.68 22.98
CA ASN A 170 33.28 -6.46 22.72
C ASN A 170 34.59 -6.74 22.00
N GLU A 171 35.19 -7.90 22.24
CA GLU A 171 36.48 -8.26 21.65
C GLU A 171 36.35 -9.15 20.43
N ASP A 172 35.13 -9.30 19.90
CA ASP A 172 34.91 -10.19 18.75
C ASP A 172 35.42 -9.53 17.48
N ASP A 173 36.32 -10.22 16.78
CA ASP A 173 36.90 -9.72 15.53
C ASP A 173 36.52 -10.59 14.33
N THR A 174 35.42 -11.32 14.42
CA THR A 174 35.01 -12.21 13.34
C THR A 174 34.68 -11.42 12.09
N PHE A 175 35.16 -11.91 10.94
CA PHE A 175 34.97 -11.22 9.68
C PHE A 175 34.82 -12.25 8.57
N LEU A 176 34.21 -11.81 7.47
CA LEU A 176 33.99 -12.66 6.31
C LEU A 176 34.67 -12.07 5.09
N VAL A 177 34.85 -12.89 4.06
CA VAL A 177 35.55 -12.50 2.84
C VAL A 177 34.61 -12.71 1.66
N PHE A 178 34.45 -11.67 0.85
CA PHE A 178 33.58 -11.71 -0.32
C PHE A 178 34.30 -11.07 -1.51
N SER A 179 33.81 -11.40 -2.70
CA SER A 179 34.33 -10.84 -3.94
C SER A 179 33.44 -9.70 -4.42
N LYS A 180 33.92 -9.01 -5.45
CA LYS A 180 33.17 -7.87 -6.00
C LYS A 180 31.82 -8.31 -6.54
N ALA A 181 31.78 -9.45 -7.24
CA ALA A 181 30.52 -9.93 -7.80
C ALA A 181 29.54 -10.36 -6.70
N GLU A 182 30.05 -10.90 -5.60
CA GLU A 182 29.20 -11.30 -4.48
C GLU A 182 28.63 -10.12 -3.72
N LEU A 183 29.14 -8.92 -3.94
CA LEU A 183 28.63 -7.72 -3.28
C LEU A 183 27.83 -6.87 -4.26
N GLY A 184 26.85 -7.49 -4.92
CA GLY A 184 26.07 -6.77 -5.91
C GLY A 184 25.16 -5.72 -5.28
N ALA A 185 24.85 -4.70 -6.07
CA ALA A 185 23.98 -3.58 -5.74
C ALA A 185 24.51 -2.70 -4.61
N LEU A 186 25.69 -2.99 -4.07
CA LEU A 186 26.26 -2.14 -3.03
C LEU A 186 26.96 -0.95 -3.67
N PRO A 187 26.78 0.25 -3.13
CA PRO A 187 27.40 1.44 -3.73
C PRO A 187 28.92 1.41 -3.64
N ASP A 188 29.56 2.14 -4.56
CA ASP A 188 31.01 2.11 -4.65
C ASP A 188 31.69 2.85 -3.51
N ASP A 189 30.99 3.77 -2.83
CA ASP A 189 31.57 4.43 -1.68
C ASP A 189 31.75 3.46 -0.51
N PHE A 190 31.02 2.34 -0.50
CA PHE A 190 31.15 1.32 0.54
C PHE A 190 32.16 0.25 0.16
N ILE A 191 32.22 -0.11 -1.13
CA ILE A 191 33.14 -1.15 -1.56
C ILE A 191 34.59 -0.66 -1.47
N ASP A 192 34.84 0.57 -1.94
CA ASP A 192 36.19 1.11 -1.98
C ASP A 192 36.76 1.41 -0.59
N SER A 193 35.93 1.39 0.45
CA SER A 193 36.37 1.67 1.81
C SER A 193 36.53 0.39 2.63
N LEU A 194 36.90 -0.71 2.00
CA LEU A 194 37.07 -1.99 2.66
C LEU A 194 38.48 -2.52 2.41
N GLU A 195 38.96 -3.32 3.36
CA GLU A 195 40.29 -3.91 3.22
C GLU A 195 40.28 -4.97 2.12
N LYS A 196 41.25 -4.90 1.23
CA LYS A 196 41.38 -5.84 0.12
C LYS A 196 42.39 -6.93 0.49
N THR A 197 42.06 -8.17 0.12
CA THR A 197 42.93 -9.31 0.40
C THR A 197 43.93 -9.48 -0.74
N ASP A 198 44.69 -10.58 -0.69
CA ASP A 198 45.67 -10.83 -1.73
C ASP A 198 45.00 -11.22 -3.04
N ASP A 199 43.96 -12.05 -2.98
CA ASP A 199 43.24 -12.49 -4.17
C ASP A 199 42.18 -11.48 -4.58
N ASP A 200 42.42 -10.20 -4.31
CA ASP A 200 41.55 -9.10 -4.72
C ASP A 200 40.15 -9.20 -4.13
N LYS A 201 39.96 -9.96 -3.06
CA LYS A 201 38.69 -10.01 -2.38
C LYS A 201 38.64 -8.97 -1.26
N TYR A 202 37.44 -8.72 -0.75
CA TYR A 202 37.21 -7.67 0.23
C TYR A 202 36.92 -8.29 1.60
N LYS A 203 37.24 -7.53 2.65
CA LYS A 203 36.98 -7.91 4.03
C LYS A 203 35.85 -7.06 4.59
N ILE A 204 34.86 -7.71 5.20
CA ILE A 204 33.74 -7.03 5.83
C ILE A 204 33.62 -7.54 7.27
N THR A 205 33.62 -6.62 8.22
CA THR A 205 33.50 -6.98 9.62
C THR A 205 32.03 -7.21 9.99
N LEU A 206 31.79 -7.55 11.24
CA LEU A 206 30.44 -7.82 11.74
C LEU A 206 29.94 -6.71 12.66
N LYS A 207 30.32 -5.47 12.37
CA LYS A 207 29.89 -4.31 13.15
C LYS A 207 28.86 -3.50 12.36
N TYR A 208 28.30 -2.50 13.03
CA TYR A 208 27.17 -1.78 12.47
C TYR A 208 27.48 -1.02 11.18
N PRO A 209 28.60 -0.31 11.04
CA PRO A 209 28.89 0.35 9.76
C PRO A 209 29.09 -0.61 8.59
N HIS A 210 29.25 -1.91 8.85
CA HIS A 210 29.43 -2.91 7.79
C HIS A 210 28.27 -3.88 7.66
N TYR A 211 27.64 -4.27 8.77
CA TYR A 211 26.63 -5.32 8.72
C TYR A 211 25.33 -4.81 8.10
N PHE A 212 24.83 -3.68 8.57
CA PHE A 212 23.53 -3.18 8.14
C PHE A 212 23.50 -2.72 6.69
N PRO A 213 24.50 -1.99 6.19
CA PRO A 213 24.49 -1.65 4.76
C PRO A 213 24.47 -2.86 3.84
N VAL A 214 25.06 -3.97 4.25
CA VAL A 214 25.04 -5.18 3.42
C VAL A 214 23.68 -5.85 3.48
N MET A 215 23.14 -6.04 4.69
CA MET A 215 21.85 -6.72 4.84
C MET A 215 20.68 -5.92 4.29
N LYS A 216 20.87 -4.64 3.97
CA LYS A 216 19.79 -3.80 3.48
C LYS A 216 19.85 -3.52 1.99
N LYS A 217 20.96 -3.80 1.32
CA LYS A 217 21.08 -3.46 -0.10
C LYS A 217 21.76 -4.50 -0.96
N CYS A 218 22.34 -5.57 -0.40
CA CYS A 218 23.02 -6.57 -1.20
C CYS A 218 21.99 -7.46 -1.89
N CYS A 219 22.02 -7.50 -3.22
CA CYS A 219 21.05 -8.28 -3.98
C CYS A 219 21.38 -9.76 -4.01
N ILE A 220 22.61 -10.14 -3.72
CA ILE A 220 23.02 -11.55 -3.71
C ILE A 220 22.47 -12.21 -2.45
N PRO A 221 21.56 -13.17 -2.57
CA PRO A 221 20.98 -13.78 -1.35
C PRO A 221 21.99 -14.57 -0.54
N GLU A 222 22.94 -15.25 -1.20
CA GLU A 222 23.92 -16.06 -0.47
C GLU A 222 24.86 -15.19 0.36
N THR A 223 25.17 -13.98 -0.11
CA THR A 223 26.01 -13.09 0.67
C THR A 223 25.29 -12.63 1.94
N ARG A 224 23.97 -12.41 1.85
CA ARG A 224 23.21 -12.02 3.03
C ARG A 224 23.01 -13.19 3.98
N ARG A 225 22.98 -14.42 3.45
CA ARG A 225 22.83 -15.59 4.31
C ARG A 225 24.07 -15.81 5.18
N ARG A 226 25.25 -15.65 4.58
CA ARG A 226 26.48 -15.85 5.35
C ARG A 226 26.65 -14.78 6.41
N MET A 227 26.27 -13.54 6.10
CA MET A 227 26.37 -12.46 7.07
C MET A 227 25.40 -12.66 8.22
N GLU A 228 24.18 -13.13 7.94
CA GLU A 228 23.22 -13.40 9.00
C GLU A 228 23.69 -14.57 9.85
N MET A 229 24.31 -15.58 9.23
CA MET A 229 24.81 -16.72 9.98
C MET A 229 25.95 -16.32 10.91
N ALA A 230 26.90 -15.52 10.41
CA ALA A 230 28.04 -15.14 11.22
C ALA A 230 27.67 -14.09 12.27
N PHE A 231 26.67 -13.26 12.00
CA PHE A 231 26.30 -12.21 12.95
C PHE A 231 25.54 -12.78 14.13
N ASN A 232 24.71 -13.80 13.92
CA ASN A 232 23.92 -14.41 14.99
C ASN A 232 24.60 -15.62 15.62
N THR A 233 25.86 -15.89 15.26
CA THR A 233 26.65 -16.94 15.89
C THR A 233 27.88 -16.38 16.57
N ARG A 234 27.92 -15.07 16.80
CA ARG A 234 29.04 -14.46 17.51
C ARG A 234 29.11 -14.98 18.93
N CYS A 235 30.25 -15.59 19.28
CA CYS A 235 30.47 -16.15 20.62
C CYS A 235 29.41 -17.20 20.97
N LYS A 236 28.98 -17.96 19.95
CA LYS A 236 27.97 -18.99 20.18
C LYS A 236 28.48 -20.07 21.14
N GLU A 237 29.77 -20.41 21.04
CA GLU A 237 30.31 -21.50 21.85
C GLU A 237 30.39 -21.10 23.32
N GLU A 238 30.97 -19.93 23.61
CA GLU A 238 31.27 -19.55 24.99
C GLU A 238 30.11 -18.86 25.70
N ASN A 239 29.30 -18.09 24.98
CA ASN A 239 28.19 -17.39 25.63
C ASN A 239 27.00 -18.31 25.90
N THR A 240 26.88 -19.42 25.17
CA THR A 240 25.85 -20.40 25.49
C THR A 240 26.13 -21.06 26.83
N ILE A 241 27.41 -21.32 27.12
CA ILE A 241 27.79 -21.89 28.42
C ILE A 241 27.47 -20.93 29.54
N ILE A 242 27.59 -19.62 29.30
CA ILE A 242 27.28 -18.63 30.33
C ILE A 242 25.78 -18.62 30.60
N LEU A 243 24.96 -18.70 29.55
CA LEU A 243 23.51 -18.75 29.76
C LEU A 243 23.09 -20.04 30.44
N GLN A 244 23.81 -21.13 30.23
CA GLN A 244 23.52 -22.38 30.92
C GLN A 244 23.81 -22.29 32.41
N GLN A 245 24.59 -21.30 32.84
CA GLN A 245 24.90 -21.08 34.25
C GLN A 245 24.20 -19.86 34.83
N LEU A 246 24.11 -18.77 34.08
CA LEU A 246 23.57 -17.52 34.62
C LEU A 246 22.07 -17.63 34.86
N LEU A 247 21.33 -18.13 33.87
CA LEU A 247 19.88 -18.24 34.03
C LEU A 247 19.46 -19.15 35.18
N PRO A 248 20.04 -20.35 35.36
CA PRO A 248 19.68 -21.13 36.56
C PRO A 248 20.10 -20.45 37.86
N LEU A 249 21.23 -19.75 37.86
CA LEU A 249 21.64 -19.03 39.06
C LEU A 249 20.71 -17.87 39.39
N ARG A 250 20.17 -17.22 38.36
CA ARG A 250 19.27 -16.09 38.60
C ARG A 250 17.96 -16.55 39.22
N THR A 251 17.47 -17.73 38.81
CA THR A 251 16.26 -18.27 39.41
C THR A 251 16.52 -18.91 40.76
N LYS A 252 17.75 -19.33 41.03
CA LYS A 252 18.05 -19.93 42.33
C LYS A 252 18.21 -18.87 43.41
N VAL A 253 18.81 -17.73 43.09
CA VAL A 253 18.93 -16.66 44.07
C VAL A 253 17.60 -15.98 44.33
N ALA A 254 16.66 -16.07 43.39
CA ALA A 254 15.34 -15.47 43.61
C ALA A 254 14.48 -16.35 44.50
N LYS A 255 14.60 -17.67 44.37
CA LYS A 255 13.81 -18.56 45.21
C LYS A 255 14.26 -18.50 46.67
N LEU A 256 15.55 -18.26 46.92
CA LEU A 256 16.03 -18.14 48.28
C LEU A 256 15.52 -16.87 48.94
N LEU A 257 15.25 -15.83 48.16
CA LEU A 257 14.74 -14.56 48.67
C LEU A 257 13.23 -14.54 48.83
N GLY A 258 12.54 -15.60 48.42
CA GLY A 258 11.10 -15.69 48.53
C GLY A 258 10.34 -15.42 47.25
N TYR A 259 11.03 -15.14 46.15
CA TYR A 259 10.39 -14.88 44.87
C TYR A 259 10.31 -16.16 44.04
N SER A 260 9.20 -16.30 43.30
CA SER A 260 9.00 -17.50 42.50
C SER A 260 10.01 -17.60 41.37
N THR A 261 10.18 -16.52 40.61
CA THR A 261 11.12 -16.48 39.50
C THR A 261 11.95 -15.20 39.58
N HIS A 262 13.01 -15.16 38.76
CA HIS A 262 13.84 -13.97 38.72
C HIS A 262 13.13 -12.80 38.07
N ALA A 263 12.16 -13.08 37.18
CA ALA A 263 11.37 -12.00 36.60
C ALA A 263 10.52 -11.30 37.65
N ASP A 264 9.90 -12.07 38.54
CA ASP A 264 9.14 -11.46 39.63
C ASP A 264 10.04 -10.67 40.58
N PHE A 265 11.32 -11.03 40.66
CA PHE A 265 12.22 -10.35 41.59
C PHE A 265 12.55 -8.94 41.11
N VAL A 266 12.88 -8.79 39.83
CA VAL A 266 13.27 -7.47 39.32
C VAL A 266 12.07 -6.62 38.94
N LEU A 267 10.88 -7.22 38.74
CA LEU A 267 9.71 -6.45 38.38
C LEU A 267 9.15 -5.65 39.56
N GLU A 268 9.51 -6.01 40.79
CA GLU A 268 9.04 -5.26 41.95
C GLU A 268 9.68 -3.89 42.02
N MET A 269 10.92 -3.75 41.52
CA MET A 269 11.63 -2.49 41.50
C MET A 269 11.34 -1.67 40.24
N ASN A 270 10.29 -1.99 39.51
CA ASN A 270 9.93 -1.29 38.29
C ASN A 270 8.51 -0.74 38.40
N THR A 271 8.14 0.08 37.41
CA THR A 271 6.82 0.68 37.40
C THR A 271 5.74 -0.28 36.95
N ALA A 272 6.10 -1.37 36.28
CA ALA A 272 5.13 -2.40 35.90
C ALA A 272 4.71 -3.28 37.07
N LYS A 273 5.44 -3.23 38.18
CA LYS A 273 5.09 -3.87 39.45
C LYS A 273 5.10 -5.39 39.36
N SER A 274 4.33 -5.97 38.45
CA SER A 274 4.16 -7.41 38.39
C SER A 274 4.43 -7.93 36.98
N THR A 275 4.80 -9.21 36.91
CA THR A 275 5.01 -9.86 35.62
C THR A 275 3.71 -10.25 34.94
N SER A 276 2.63 -10.42 35.70
CA SER A 276 1.34 -10.74 35.09
C SER A 276 0.82 -9.58 34.25
N ARG A 277 1.20 -8.35 34.60
CA ARG A 277 0.79 -7.19 33.81
C ARG A 277 1.71 -6.97 32.62
N VAL A 278 2.97 -7.39 32.72
CA VAL A 278 3.91 -7.27 31.60
C VAL A 278 3.50 -8.19 30.47
N THR A 279 3.22 -9.47 30.79
CA THR A 279 2.78 -10.41 29.76
C THR A 279 1.42 -10.03 29.20
N ALA A 280 0.59 -9.35 30.01
CA ALA A 280 -0.69 -8.86 29.49
C ALA A 280 -0.50 -7.67 28.56
N PHE A 281 0.50 -6.82 28.85
CA PHE A 281 0.77 -5.68 27.99
C PHE A 281 1.37 -6.12 26.66
N LEU A 282 2.22 -7.15 26.68
CA LEU A 282 2.86 -7.61 25.45
C LEU A 282 1.91 -8.41 24.57
N ASP A 283 1.09 -9.27 25.17
CA ASP A 283 0.21 -10.13 24.37
C ASP A 283 -0.92 -9.34 23.73
N ASP A 284 -1.42 -8.30 24.42
CA ASP A 284 -2.49 -7.49 23.84
C ASP A 284 -1.97 -6.53 22.77
N LEU A 285 -0.73 -6.06 22.92
CA LEU A 285 -0.13 -5.25 21.86
C LEU A 285 0.21 -6.10 20.63
N SER A 286 0.54 -7.38 20.85
CA SER A 286 0.84 -8.27 19.74
C SER A 286 -0.40 -8.60 18.91
N GLN A 287 -1.59 -8.51 19.50
CA GLN A 287 -2.81 -8.76 18.74
C GLN A 287 -3.17 -7.59 17.83
N LYS A 288 -2.96 -6.36 18.31
CA LYS A 288 -3.28 -5.20 17.50
C LYS A 288 -2.32 -5.04 16.33
N LEU A 289 -1.10 -5.55 16.48
CA LEU A 289 -0.10 -5.48 15.42
C LEU A 289 -0.04 -6.75 14.58
N LYS A 290 -0.83 -7.77 14.91
CA LYS A 290 -0.82 -9.00 14.13
C LYS A 290 -1.31 -8.80 12.70
N PRO A 291 -2.45 -8.13 12.45
CA PRO A 291 -2.84 -7.92 11.05
C PRO A 291 -1.86 -7.03 10.28
N LEU A 292 -1.20 -6.09 10.95
CA LEU A 292 -0.19 -5.28 10.28
C LEU A 292 0.99 -6.15 9.86
N GLY A 293 1.41 -7.08 10.71
CA GLY A 293 2.50 -7.97 10.36
C GLY A 293 2.15 -8.89 9.20
N GLU A 294 0.89 -9.30 9.10
CA GLU A 294 0.47 -10.17 8.00
C GLU A 294 0.48 -9.42 6.68
N ALA A 295 0.13 -8.13 6.70
CA ALA A 295 0.13 -7.34 5.47
C ALA A 295 1.56 -7.08 4.99
N GLU A 296 2.49 -6.85 5.93
CA GLU A 296 3.87 -6.60 5.55
C GLU A 296 4.54 -7.88 5.04
N ARG A 297 4.20 -9.03 5.64
CA ARG A 297 4.80 -10.29 5.22
C ARG A 297 4.30 -10.69 3.83
N GLU A 298 3.02 -10.43 3.53
CA GLU A 298 2.50 -10.74 2.20
C GLU A 298 3.11 -9.83 1.14
N PHE A 299 3.31 -8.55 1.47
CA PHE A 299 3.93 -7.64 0.51
C PHE A 299 5.41 -7.96 0.31
N ILE A 300 6.12 -8.27 1.40
CA ILE A 300 7.52 -8.64 1.28
C ILE A 300 7.68 -9.94 0.50
N LEU A 301 6.78 -10.90 0.73
CA LEU A 301 6.85 -12.17 0.01
C LEU A 301 6.62 -11.97 -1.48
N ASN A 302 5.76 -11.03 -1.85
CA ASN A 302 5.53 -10.74 -3.27
C ASN A 302 6.77 -10.10 -3.89
N LEU A 303 7.46 -9.24 -3.14
CA LEU A 303 8.69 -8.64 -3.65
C LEU A 303 9.76 -9.70 -3.88
N LYS A 304 9.88 -10.66 -2.96
CA LYS A 304 10.83 -11.75 -3.13
C LYS A 304 10.46 -12.64 -4.31
N LYS A 305 9.16 -12.82 -4.56
CA LYS A 305 8.73 -13.66 -5.68
C LYS A 305 9.03 -13.00 -7.02
N LYS A 306 8.85 -11.69 -7.11
CA LYS A 306 9.12 -11.00 -8.37
C LYS A 306 10.62 -10.86 -8.64
N GLU A 307 11.40 -10.57 -7.59
CA GLU A 307 12.83 -10.38 -7.77
C GLU A 307 13.52 -11.69 -8.12
N CYS A 308 13.09 -12.81 -7.51
CA CYS A 308 13.65 -14.10 -7.86
C CYS A 308 13.31 -14.47 -9.30
N LYS A 309 12.14 -14.08 -9.78
CA LYS A 309 11.77 -14.35 -11.17
C LYS A 309 12.54 -13.46 -12.13
N ASP A 310 12.76 -12.19 -11.74
CA ASP A 310 13.48 -11.27 -12.62
C ASP A 310 14.96 -11.55 -12.67
N ARG A 311 15.55 -12.04 -11.57
CA ARG A 311 16.98 -12.31 -11.53
C ARG A 311 17.32 -13.76 -11.85
N GLY A 312 16.34 -14.66 -11.81
CA GLY A 312 16.60 -16.06 -12.08
C GLY A 312 17.01 -16.88 -10.88
N PHE A 313 16.55 -16.51 -9.68
CA PHE A 313 16.89 -17.23 -8.47
C PHE A 313 15.81 -18.28 -8.16
N GLU A 314 16.09 -19.11 -7.16
CA GLU A 314 15.16 -20.15 -6.72
C GLU A 314 14.30 -19.60 -5.58
N TYR A 315 13.03 -19.34 -5.87
CA TYR A 315 12.10 -18.81 -4.89
C TYR A 315 11.60 -19.93 -3.99
N ASP A 316 11.99 -19.91 -2.71
CA ASP A 316 11.63 -20.98 -1.80
C ASP A 316 10.25 -20.82 -1.20
N GLY A 317 9.67 -19.62 -1.24
CA GLY A 317 8.34 -19.41 -0.72
C GLY A 317 8.25 -18.95 0.71
N LYS A 318 9.38 -18.66 1.36
CA LYS A 318 9.39 -18.24 2.75
C LYS A 318 10.31 -17.03 2.90
N ILE A 319 10.09 -16.29 3.98
CA ILE A 319 10.90 -15.13 4.32
C ILE A 319 11.96 -15.58 5.31
N ASN A 320 13.21 -15.63 4.86
CA ASN A 320 14.30 -16.04 5.72
C ASN A 320 14.75 -14.88 6.60
N ALA A 321 15.61 -15.20 7.57
CA ALA A 321 16.10 -14.16 8.49
C ALA A 321 16.96 -13.14 7.76
N TRP A 322 17.72 -13.57 6.76
CA TRP A 322 18.58 -12.67 6.00
C TRP A 322 17.83 -11.93 4.91
N ASP A 323 16.54 -12.22 4.70
CA ASP A 323 15.74 -11.53 3.71
C ASP A 323 14.94 -10.37 4.30
N LEU A 324 14.90 -10.26 5.63
CA LEU A 324 14.01 -9.28 6.26
C LEU A 324 14.50 -7.85 6.00
N TYR A 325 15.76 -7.57 6.32
CA TYR A 325 16.27 -6.21 6.14
C TYR A 325 16.31 -5.81 4.68
N TYR A 326 16.57 -6.75 3.78
CA TYR A 326 16.74 -6.41 2.36
C TYR A 326 15.42 -5.98 1.73
N TYR A 327 14.31 -6.61 2.12
CA TYR A 327 13.02 -6.30 1.53
C TYR A 327 12.21 -5.28 2.32
N MET A 328 12.49 -5.11 3.61
CA MET A 328 11.91 -3.97 4.32
C MET A 328 12.42 -2.65 3.77
N THR A 329 13.67 -2.63 3.30
CA THR A 329 14.20 -1.43 2.67
C THR A 329 13.52 -1.16 1.33
N GLN A 330 13.21 -2.23 0.58
CA GLN A 330 12.48 -2.05 -0.67
C GLN A 330 11.06 -1.56 -0.41
N THR A 331 10.45 -1.98 0.69
CA THR A 331 9.15 -1.44 1.06
C THR A 331 9.25 0.04 1.40
N GLU A 332 10.38 0.47 1.96
CA GLU A 332 10.58 1.88 2.27
C GLU A 332 10.80 2.71 1.00
N GLU A 333 11.41 2.12 -0.03
CA GLU A 333 11.70 2.87 -1.24
C GLU A 333 10.51 2.94 -2.19
N LEU A 334 9.65 1.92 -2.19
CA LEU A 334 8.52 1.86 -3.12
C LEU A 334 7.28 2.56 -2.59
N LYS A 335 6.97 2.39 -1.29
CA LYS A 335 5.74 2.95 -0.73
C LYS A 335 5.90 4.38 -0.22
N TYR A 336 7.13 4.87 -0.07
CA TYR A 336 7.33 6.22 0.45
C TYR A 336 8.44 6.99 -0.23
N SER A 337 9.06 6.44 -1.29
CA SER A 337 10.05 7.16 -2.10
C SER A 337 11.22 7.65 -1.26
N ILE A 338 11.66 6.83 -0.32
CA ILE A 338 12.75 7.18 0.59
C ILE A 338 13.96 6.36 0.19
N ASP A 339 14.92 7.00 -0.48
CA ASP A 339 16.20 6.39 -0.84
C ASP A 339 17.21 6.81 0.24
N GLN A 340 17.54 5.87 1.13
CA GLN A 340 18.41 6.20 2.25
C GLN A 340 19.80 6.60 1.79
N GLU A 341 20.29 6.04 0.69
CA GLU A 341 21.62 6.39 0.20
C GLU A 341 21.66 7.81 -0.34
N PHE A 342 20.54 8.33 -0.84
CA PHE A 342 20.49 9.71 -1.30
C PHE A 342 20.19 10.69 -0.18
N LEU A 343 19.42 10.29 0.82
CA LEU A 343 19.06 11.20 1.89
C LEU A 343 20.24 11.49 2.82
N LYS A 344 21.20 10.57 2.91
CA LYS A 344 22.33 10.78 3.81
C LYS A 344 23.25 11.91 3.34
N GLU A 345 23.16 12.29 2.06
CA GLU A 345 23.94 13.43 1.57
C GLU A 345 23.48 14.74 2.19
N TYR A 346 22.27 14.78 2.74
CA TYR A 346 21.74 15.97 3.39
C TYR A 346 21.96 15.98 4.89
N PHE A 347 22.55 14.92 5.46
CA PHE A 347 22.80 14.81 6.89
C PHE A 347 24.28 14.56 7.16
N PRO A 348 25.13 15.56 6.96
CA PRO A 348 26.53 15.42 7.38
C PRO A 348 26.65 15.51 8.89
N ILE A 349 27.75 14.96 9.41
CA ILE A 349 27.89 14.83 10.86
C ILE A 349 27.98 16.20 11.52
N GLU A 350 28.63 17.16 10.87
CA GLU A 350 28.78 18.48 11.48
C GLU A 350 27.46 19.22 11.55
N VAL A 351 26.65 19.15 10.49
CA VAL A 351 25.38 19.85 10.47
C VAL A 351 24.38 19.20 11.43
N VAL A 352 24.37 17.86 11.48
CA VAL A 352 23.48 17.17 12.39
C VAL A 352 23.84 17.48 13.84
N THR A 353 25.14 17.51 14.15
CA THR A 353 25.56 17.81 15.51
C THR A 353 25.18 19.22 15.90
N GLU A 354 25.43 20.19 15.02
CA GLU A 354 25.08 21.58 15.33
C GLU A 354 23.58 21.74 15.50
N GLY A 355 22.79 21.17 14.59
CA GLY A 355 21.35 21.28 14.69
C GLY A 355 20.78 20.58 15.90
N LEU A 356 21.39 19.46 16.30
CA LEU A 356 20.93 18.73 17.48
C LEU A 356 21.12 19.57 18.74
N LEU A 357 22.29 20.21 18.87
CA LEU A 357 22.55 21.03 20.05
C LEU A 357 21.66 22.26 20.07
N ASN A 358 21.52 22.95 18.94
CA ASN A 358 20.70 24.15 18.89
C ASN A 358 19.23 23.82 19.16
N THR A 359 18.79 22.61 18.83
CA THR A 359 17.40 22.23 19.08
C THR A 359 17.13 22.17 20.58
N TYR A 360 18.09 21.70 21.37
CA TYR A 360 17.91 21.56 22.81
C TYR A 360 18.54 22.69 23.61
N GLN A 361 19.33 23.56 22.97
CA GLN A 361 19.75 24.78 23.64
C GLN A 361 18.55 25.70 23.87
N GLU A 362 17.61 25.70 22.93
CA GLU A 362 16.42 26.54 23.03
C GLU A 362 15.26 25.84 23.72
N LEU A 363 15.17 24.51 23.62
CA LEU A 363 14.07 23.80 24.23
C LEU A 363 14.21 23.76 25.75
N LEU A 364 15.34 23.26 26.24
CA LEU A 364 15.56 23.12 27.67
C LEU A 364 16.25 24.34 28.29
N GLY A 365 16.55 25.37 27.50
CA GLY A 365 17.22 26.54 28.03
C GLY A 365 18.60 26.25 28.56
N LEU A 366 19.50 25.80 27.68
CA LEU A 366 20.86 25.45 28.07
C LEU A 366 21.85 26.14 27.15
N SER A 367 23.13 26.02 27.49
CA SER A 367 24.21 26.60 26.71
C SER A 367 25.32 25.58 26.58
N PHE A 368 25.69 25.25 25.34
CA PHE A 368 26.71 24.26 25.05
C PHE A 368 27.95 24.95 24.52
N GLU A 369 29.12 24.47 24.94
CA GLU A 369 30.39 25.07 24.52
C GLU A 369 31.45 23.97 24.45
N GLN A 370 32.03 23.77 23.27
CA GLN A 370 33.10 22.81 23.14
C GLN A 370 34.37 23.35 23.78
N MET A 371 35.07 22.50 24.51
CA MET A 371 36.33 22.87 25.16
C MET A 371 37.50 22.47 24.27
N THR A 372 38.35 23.43 23.93
CA THR A 372 39.51 23.15 23.11
C THR A 372 40.57 22.42 23.92
N ASP A 373 41.36 21.60 23.24
CA ASP A 373 42.41 20.78 23.86
C ASP A 373 41.83 19.96 25.01
N ALA A 374 40.90 19.08 24.66
CA ALA A 374 40.19 18.28 25.64
C ALA A 374 41.01 17.06 26.05
N HIS A 375 41.04 16.81 27.35
CA HIS A 375 41.69 15.60 27.88
C HIS A 375 40.71 14.45 27.75
N VAL A 376 40.92 13.59 26.76
CA VAL A 376 40.01 12.51 26.42
C VAL A 376 40.78 11.21 26.31
N TRP A 377 40.05 10.11 26.22
CA TRP A 377 40.62 8.77 26.09
C TRP A 377 40.97 8.41 24.64
N ASN A 378 40.61 9.26 23.68
CA ASN A 378 40.89 9.03 22.27
C ASN A 378 40.79 10.35 21.53
N LYS A 379 41.68 10.53 20.54
CA LYS A 379 41.80 11.82 19.87
C LYS A 379 40.54 12.20 19.11
N SER A 380 39.67 11.24 18.79
CA SER A 380 38.45 11.51 18.05
C SER A 380 37.26 11.80 18.97
N VAL A 381 37.51 12.17 20.23
CA VAL A 381 36.46 12.42 21.20
C VAL A 381 36.47 13.89 21.56
N THR A 382 35.32 14.56 21.40
CA THR A 382 35.17 15.96 21.74
C THR A 382 34.45 16.10 23.08
N LEU A 383 34.69 17.23 23.75
CA LEU A 383 34.11 17.51 25.05
C LEU A 383 33.32 18.82 24.99
N TYR A 384 32.15 18.82 25.61
CA TYR A 384 31.28 19.99 25.67
C TYR A 384 30.89 20.28 27.11
N THR A 385 30.73 21.56 27.42
CA THR A 385 30.32 22.00 28.75
C THR A 385 28.92 22.58 28.67
N VAL A 386 28.05 22.14 29.59
CA VAL A 386 26.65 22.55 29.60
C VAL A 386 26.44 23.58 30.71
N LYS A 387 25.88 24.73 30.36
CA LYS A 387 25.51 25.77 31.31
C LYS A 387 24.00 26.01 31.23
N ASP A 388 23.43 26.50 32.32
CA ASP A 388 22.06 26.96 32.32
C ASP A 388 21.99 28.33 31.64
N LYS A 389 21.09 28.45 30.65
CA LYS A 389 21.08 29.66 29.83
C LYS A 389 20.73 30.89 30.67
N ALA A 390 19.80 30.76 31.61
CA ALA A 390 19.32 31.93 32.34
C ALA A 390 20.24 32.31 33.49
N THR A 391 20.81 31.32 34.18
CA THR A 391 21.58 31.57 35.39
C THR A 391 23.09 31.37 35.21
N GLY A 392 23.53 30.90 34.05
CA GLY A 392 24.95 30.66 33.85
C GLY A 392 25.53 29.54 34.71
N GLU A 393 24.68 28.75 35.35
CA GLU A 393 25.16 27.68 36.20
C GLU A 393 25.73 26.54 35.37
N VAL A 394 26.95 26.13 35.69
CA VAL A 394 27.62 25.04 34.98
C VAL A 394 26.99 23.74 35.46
N LEU A 395 26.10 23.18 34.66
CA LEU A 395 25.41 21.95 35.05
C LEU A 395 26.32 20.73 34.93
N GLY A 396 26.96 20.55 33.79
CA GLY A 396 27.82 19.41 33.61
C GLY A 396 28.50 19.41 32.26
N GLN A 397 29.24 18.33 32.01
CA GLN A 397 29.94 18.10 30.75
C GLN A 397 29.51 16.76 30.16
N PHE A 398 29.92 16.53 28.92
CA PHE A 398 29.67 15.25 28.26
C PHE A 398 30.62 15.11 27.07
N TYR A 399 31.05 13.88 26.83
CA TYR A 399 31.94 13.56 25.72
C TYR A 399 31.13 13.06 24.53
N LEU A 400 31.72 13.14 23.34
CA LEU A 400 31.11 12.66 22.11
C LEU A 400 32.06 11.69 21.43
N ASP A 401 31.71 10.40 21.45
CA ASP A 401 32.49 9.34 20.81
C ASP A 401 31.59 8.71 19.75
N LEU A 402 31.75 9.16 18.50
CA LEU A 402 30.80 8.85 17.45
C LEU A 402 31.28 7.81 16.44
N TYR A 403 32.58 7.50 16.40
CA TYR A 403 33.08 6.65 15.34
C TYR A 403 33.67 5.36 15.91
N PRO A 404 33.41 4.22 15.26
CA PRO A 404 33.90 2.95 15.78
C PRO A 404 35.39 2.76 15.52
N ARG A 405 35.98 1.87 16.30
CA ARG A 405 37.39 1.53 16.19
C ARG A 405 37.60 0.14 16.78
N GLU A 406 38.86 -0.27 16.90
CA GLU A 406 39.17 -1.58 17.46
C GLU A 406 38.96 -1.55 18.98
N GLY A 407 38.22 -2.54 19.48
CA GLY A 407 37.98 -2.65 20.90
C GLY A 407 36.96 -1.69 21.47
N LYS A 408 36.22 -0.98 20.62
CA LYS A 408 35.21 -0.05 21.08
C LYS A 408 33.86 -0.75 21.23
N TYR A 409 33.05 -0.23 22.14
CA TYR A 409 31.68 -0.71 22.33
C TYR A 409 30.92 -0.68 21.01
N ASN A 410 30.46 -1.85 20.57
CA ASN A 410 29.94 -2.04 19.21
C ASN A 410 28.44 -1.79 19.09
N HIS A 411 27.79 -1.26 20.12
CA HIS A 411 26.38 -0.93 20.06
C HIS A 411 26.22 0.58 20.18
N ALA A 412 25.31 1.08 21.00
CA ALA A 412 25.11 2.52 21.19
C ALA A 412 24.53 2.71 22.59
N ALA A 413 25.31 3.34 23.47
CA ALA A 413 24.90 3.52 24.85
C ALA A 413 25.41 4.86 25.36
N CYS A 414 24.96 5.21 26.56
CA CYS A 414 25.39 6.43 27.25
C CYS A 414 25.79 6.05 28.66
N PHE A 415 27.01 6.42 29.03
CA PHE A 415 27.61 6.02 30.32
C PHE A 415 27.64 7.22 31.24
N GLY A 416 26.97 7.11 32.38
CA GLY A 416 27.06 8.14 33.41
C GLY A 416 28.41 8.07 34.10
N LEU A 417 29.19 9.15 34.03
CA LEU A 417 30.55 9.16 34.56
C LEU A 417 30.66 9.84 35.91
N GLN A 418 29.95 10.95 36.13
CA GLN A 418 29.93 11.62 37.42
C GLN A 418 28.49 12.00 37.74
N PRO A 419 28.01 11.71 38.94
CA PRO A 419 26.63 12.07 39.31
C PRO A 419 26.53 13.50 39.82
N GLY A 420 25.43 14.16 39.47
CA GLY A 420 25.17 15.50 39.94
C GLY A 420 24.53 15.52 41.31
N CYS A 421 25.32 15.26 42.35
CA CYS A 421 24.83 15.18 43.72
C CYS A 421 25.70 16.05 44.63
N LEU A 422 25.32 16.11 45.90
CA LEU A 422 26.02 16.94 46.87
C LEU A 422 27.28 16.27 47.39
N LEU A 423 28.26 17.10 47.71
CA LEU A 423 29.52 16.69 48.32
C LEU A 423 29.49 16.94 49.82
N PRO A 424 30.45 16.37 50.56
CA PRO A 424 30.48 16.65 52.01
C PRO A 424 30.61 18.12 52.36
N ASP A 425 31.38 18.88 51.57
CA ASP A 425 31.61 20.29 51.86
C ASP A 425 30.48 21.20 51.37
N GLY A 426 29.28 20.66 51.16
CA GLY A 426 28.13 21.46 50.79
C GLY A 426 28.00 21.82 49.33
N SER A 427 29.07 21.68 48.54
CA SER A 427 29.02 22.05 47.14
C SER A 427 28.27 20.99 46.32
N ARG A 428 28.23 21.18 45.01
CA ARG A 428 27.53 20.30 44.09
C ARG A 428 28.51 19.75 43.05
N MET A 429 28.37 18.47 42.73
CA MET A 429 29.25 17.85 41.77
C MET A 429 28.78 18.13 40.33
N MET A 430 29.75 18.28 39.44
CA MET A 430 29.45 18.50 38.03
C MET A 430 29.17 17.16 37.36
N ALA A 431 27.96 17.01 36.82
CA ALA A 431 27.55 15.75 36.21
C ALA A 431 28.27 15.54 34.89
N VAL A 432 28.82 14.35 34.68
CA VAL A 432 29.57 14.02 33.48
C VAL A 432 28.94 12.77 32.86
N ALA A 433 28.68 12.84 31.55
CA ALA A 433 28.15 11.72 30.78
C ALA A 433 29.06 11.45 29.59
N ALA A 434 28.70 10.46 28.79
CA ALA A 434 29.48 10.10 27.61
C ALA A 434 28.58 9.41 26.60
N LEU A 435 28.59 9.91 25.37
CA LEU A 435 27.79 9.36 24.29
C LEU A 435 28.68 8.49 23.41
N VAL A 436 28.37 7.20 23.33
CA VAL A 436 29.18 6.23 22.60
C VAL A 436 28.30 5.59 21.53
N VAL A 437 28.60 5.87 20.26
CA VAL A 437 27.89 5.31 19.13
C VAL A 437 28.91 4.93 18.05
N ASN A 438 28.43 4.17 17.06
CA ASN A 438 29.27 3.69 15.97
C ASN A 438 28.65 4.14 14.66
N PHE A 439 28.85 5.42 14.33
CA PHE A 439 28.28 5.99 13.11
C PHE A 439 29.22 5.75 11.92
N SER A 440 28.73 6.12 10.74
CA SER A 440 29.52 5.97 9.53
C SER A 440 30.72 6.90 9.54
N GLN A 441 31.79 6.47 8.91
CA GLN A 441 33.05 7.21 8.85
C GLN A 441 33.18 7.95 7.52
N PRO A 442 34.01 8.99 7.47
CA PRO A 442 34.18 9.72 6.20
C PRO A 442 34.80 8.84 5.13
N VAL A 443 34.07 8.69 4.02
CA VAL A 443 34.50 7.85 2.90
C VAL A 443 34.36 8.65 1.60
N ALA A 444 35.11 8.22 0.59
CA ALA A 444 35.05 8.78 -0.75
C ALA A 444 35.33 10.28 -0.76
N GLY A 445 36.18 10.74 0.16
CA GLY A 445 36.49 12.16 0.24
C GLY A 445 35.33 13.02 0.65
N ARG A 446 34.37 12.47 1.39
CA ARG A 446 33.20 13.18 1.86
C ARG A 446 33.15 13.12 3.38
N PRO A 447 32.47 14.06 4.03
CA PRO A 447 32.29 13.98 5.48
C PRO A 447 31.39 12.81 5.86
N SER A 448 31.32 12.54 7.16
CA SER A 448 30.48 11.47 7.65
C SER A 448 29.03 11.76 7.34
N LEU A 449 28.41 10.91 6.53
CA LEU A 449 27.01 11.05 6.16
C LEU A 449 26.18 10.04 6.95
N LEU A 450 25.15 10.54 7.62
CA LEU A 450 24.33 9.73 8.52
C LEU A 450 22.98 9.42 7.88
N ARG A 451 22.58 8.15 7.93
CA ARG A 451 21.24 7.79 7.55
C ARG A 451 20.24 8.36 8.56
N HIS A 452 18.96 8.36 8.18
CA HIS A 452 17.96 8.93 9.07
C HIS A 452 17.82 8.13 10.36
N ASP A 453 17.96 6.80 10.27
CA ASP A 453 17.95 5.99 11.48
C ASP A 453 19.18 6.21 12.34
N GLU A 454 20.28 6.71 11.76
CA GLU A 454 21.44 7.10 12.55
C GLU A 454 21.22 8.42 13.26
N VAL A 455 20.36 9.28 12.71
CA VAL A 455 20.04 10.53 13.39
C VAL A 455 19.13 10.29 14.59
N ARG A 456 18.24 9.29 14.49
CA ARG A 456 17.41 8.93 15.64
C ARG A 456 18.27 8.45 16.80
N THR A 457 19.21 7.54 16.53
CA THR A 457 20.11 7.07 17.57
C THR A 457 20.90 8.23 18.17
N TYR A 458 21.30 9.19 17.34
CA TYR A 458 21.98 10.38 17.84
C TYR A 458 21.06 11.17 18.76
N PHE A 459 19.76 11.26 18.42
CA PHE A 459 18.81 11.96 19.26
C PHE A 459 18.42 11.13 20.48
N HIS A 460 18.32 9.80 20.33
CA HIS A 460 18.03 8.96 21.48
C HIS A 460 19.14 9.02 22.52
N GLU A 461 20.38 8.77 22.10
CA GLU A 461 21.49 8.74 23.05
C GLU A 461 21.68 10.09 23.72
N PHE A 462 21.34 11.19 23.03
CA PHE A 462 21.42 12.49 23.66
C PHE A 462 20.36 12.69 24.73
N GLY A 463 19.31 11.86 24.72
CA GLY A 463 18.32 11.93 25.79
C GLY A 463 18.88 11.48 27.12
N HIS A 464 19.67 10.41 27.11
CA HIS A 464 20.35 9.98 28.33
C HIS A 464 21.40 10.99 28.78
N VAL A 465 21.98 11.73 27.82
CA VAL A 465 22.97 12.76 28.17
C VAL A 465 22.31 13.90 28.93
N MET A 466 21.17 14.39 28.43
CA MET A 466 20.48 15.48 29.10
C MET A 466 19.90 15.03 30.45
N HIS A 467 19.41 13.78 30.50
CA HIS A 467 18.90 13.27 31.77
C HIS A 467 20.01 13.11 32.80
N GLN A 468 21.23 12.81 32.36
CA GLN A 468 22.35 12.68 33.28
C GLN A 468 22.78 14.04 33.82
N ILE A 469 22.79 15.06 32.97
CA ILE A 469 23.32 16.37 33.35
C ILE A 469 22.26 17.22 34.06
N CYS A 470 21.02 17.18 33.59
CA CYS A 470 19.97 17.99 34.22
C CYS A 470 19.52 17.42 35.56
N ALA A 471 19.79 16.15 35.83
CA ALA A 471 19.40 15.57 37.11
C ALA A 471 20.30 16.10 38.23
N GLN A 472 19.66 16.63 39.27
CA GLN A 472 20.39 17.16 40.43
C GLN A 472 19.69 16.68 41.69
N THR A 473 20.33 15.75 42.39
CA THR A 473 19.81 15.21 43.65
C THR A 473 20.83 15.46 44.75
N ASP A 474 20.61 14.82 45.89
CA ASP A 474 21.52 14.93 47.03
C ASP A 474 22.38 13.70 47.23
N PHE A 475 21.92 12.54 46.80
CA PHE A 475 22.65 11.29 46.96
C PHE A 475 23.03 10.74 45.59
N ALA A 476 24.15 10.01 45.53
CA ALA A 476 24.66 9.53 44.26
C ALA A 476 23.80 8.41 43.68
N ARG A 477 23.05 7.68 44.51
CA ARG A 477 22.23 6.59 44.00
C ARG A 477 20.96 7.07 43.33
N PHE A 478 20.51 8.29 43.62
CA PHE A 478 19.33 8.87 43.00
C PHE A 478 19.68 9.83 41.87
N SER A 479 20.96 10.03 41.58
CA SER A 479 21.38 10.99 40.58
C SER A 479 21.53 10.33 39.21
N GLY A 480 21.55 11.16 38.19
CA GLY A 480 21.73 10.65 36.83
C GLY A 480 20.51 9.90 36.35
N THR A 481 20.75 8.83 35.60
CA THR A 481 19.69 8.01 35.04
C THR A 481 19.36 6.80 35.92
N ASN A 482 19.68 6.87 37.22
CA ASN A 482 19.45 5.76 38.14
C ASN A 482 17.99 5.79 38.60
N VAL A 483 17.11 5.40 37.69
CA VAL A 483 15.67 5.34 37.94
C VAL A 483 15.18 3.91 37.71
N GLU A 484 13.86 3.73 37.63
CA GLU A 484 13.31 2.44 37.26
C GLU A 484 13.77 2.06 35.86
N THR A 485 14.17 0.80 35.70
CA THR A 485 14.74 0.38 34.42
C THR A 485 13.71 0.47 33.29
N ASP A 486 12.44 0.24 33.59
CA ASP A 486 11.38 0.40 32.60
C ASP A 486 10.95 1.86 32.43
N PHE A 487 11.68 2.80 33.01
CA PHE A 487 11.39 4.22 32.87
C PHE A 487 12.56 5.04 32.34
N VAL A 488 13.80 4.54 32.44
CA VAL A 488 14.96 5.28 31.97
C VAL A 488 14.89 5.55 30.47
N GLU A 489 14.14 4.74 29.73
CA GLU A 489 13.99 4.92 28.29
C GLU A 489 12.92 5.95 27.93
N VAL A 490 12.43 6.71 28.90
CA VAL A 490 11.44 7.76 28.63
C VAL A 490 12.12 9.02 28.09
N PRO A 491 13.14 9.58 28.74
CA PRO A 491 13.76 10.79 28.20
C PRO A 491 14.45 10.57 26.87
N SER A 492 15.00 9.39 26.63
CA SER A 492 15.75 9.13 25.41
C SER A 492 14.82 8.89 24.23
N GLN A 493 13.82 8.03 24.39
CA GLN A 493 12.91 7.73 23.29
C GLN A 493 11.98 8.88 22.96
N MET A 494 11.84 9.86 23.85
CA MET A 494 10.97 10.99 23.56
C MET A 494 11.63 12.00 22.62
N LEU A 495 12.95 12.13 22.68
CA LEU A 495 13.65 13.06 21.80
C LEU A 495 13.67 12.59 20.35
N GLU A 496 13.32 11.33 20.08
CA GLU A 496 13.26 10.84 18.71
C GLU A 496 12.12 11.49 17.93
N ASN A 497 11.11 12.04 18.62
CA ASN A 497 10.01 12.70 17.92
C ASN A 497 10.45 13.97 17.21
N TRP A 498 11.54 14.60 17.65
CA TRP A 498 12.06 15.77 16.97
C TRP A 498 12.75 15.43 15.65
N VAL A 499 13.01 14.14 15.38
CA VAL A 499 13.57 13.73 14.11
C VAL A 499 12.48 13.41 13.08
N TRP A 500 11.20 13.55 13.46
CA TRP A 500 10.10 13.28 12.55
C TRP A 500 9.20 14.51 12.36
N ASP A 501 9.70 15.69 12.71
CA ASP A 501 8.97 16.95 12.51
C ASP A 501 9.52 17.65 11.27
N VAL A 502 8.61 18.24 10.50
CA VAL A 502 9.00 18.86 9.24
C VAL A 502 9.91 20.07 9.47
N ASP A 503 9.57 20.91 10.45
CA ASP A 503 10.36 22.11 10.70
C ASP A 503 11.71 21.78 11.34
N SER A 504 11.74 20.79 12.23
CA SER A 504 13.00 20.44 12.88
C SER A 504 13.96 19.74 11.93
N LEU A 505 13.44 19.02 10.93
CA LEU A 505 14.31 18.35 9.97
C LEU A 505 15.01 19.34 9.05
N ARG A 506 14.40 20.51 8.81
CA ARG A 506 15.08 21.52 8.01
C ARG A 506 16.23 22.15 8.78
N ARG A 507 16.14 22.19 10.11
CA ARG A 507 17.24 22.69 10.93
C ARG A 507 18.38 21.69 11.06
N LEU A 508 18.16 20.43 10.67
CA LEU A 508 19.18 19.39 10.76
C LEU A 508 19.79 19.03 9.40
N SER A 509 19.26 19.59 8.31
CA SER A 509 19.63 19.17 6.97
C SER A 509 20.38 20.27 6.23
N LYS A 510 21.40 19.86 5.47
CA LYS A 510 22.17 20.74 4.61
C LYS A 510 23.03 19.88 3.69
N HIS A 511 22.80 19.96 2.38
CA HIS A 511 23.53 19.10 1.45
C HIS A 511 25.03 19.37 1.55
N TYR A 512 25.81 18.29 1.57
CA TYR A 512 27.25 18.41 1.80
C TYR A 512 27.97 19.09 0.64
N LYS A 513 27.34 19.21 -0.52
CA LYS A 513 28.02 19.74 -1.69
C LYS A 513 27.57 21.17 -1.98
N ASP A 514 26.35 21.33 -2.50
CA ASP A 514 25.85 22.64 -2.88
C ASP A 514 25.17 23.39 -1.75
N GLY A 515 25.09 22.80 -0.55
CA GLY A 515 24.47 23.47 0.58
C GLY A 515 22.98 23.67 0.47
N SER A 516 22.32 23.08 -0.52
CA SER A 516 20.89 23.23 -0.67
C SER A 516 20.15 22.37 0.36
N PRO A 517 18.94 22.77 0.74
CA PRO A 517 18.15 21.99 1.69
C PRO A 517 17.44 20.84 0.98
N ILE A 518 16.77 20.01 1.78
CA ILE A 518 15.98 18.91 1.24
C ILE A 518 14.74 19.45 0.55
N ALA A 519 14.36 18.84 -0.57
CA ALA A 519 13.17 19.24 -1.28
C ALA A 519 11.94 19.10 -0.39
N ASP A 520 10.95 19.96 -0.64
CA ASP A 520 9.73 19.95 0.17
C ASP A 520 8.96 18.64 0.02
N ASP A 521 8.93 18.10 -1.20
CA ASP A 521 8.21 16.84 -1.42
C ASP A 521 8.88 15.69 -0.68
N LEU A 522 10.21 15.65 -0.69
CA LEU A 522 10.92 14.58 0.00
C LEU A 522 10.78 14.69 1.52
N LEU A 523 10.72 15.91 2.05
CA LEU A 523 10.55 16.08 3.49
C LEU A 523 9.17 15.61 3.94
N GLU A 524 8.14 15.87 3.12
CA GLU A 524 6.81 15.41 3.48
C GLU A 524 6.71 13.89 3.44
N LYS A 525 7.35 13.27 2.45
CA LYS A 525 7.35 11.81 2.37
C LYS A 525 8.16 11.19 3.51
N LEU A 526 9.20 11.89 3.98
CA LEU A 526 10.01 11.36 5.07
C LEU A 526 9.23 11.31 6.38
N VAL A 527 8.48 12.37 6.69
CA VAL A 527 7.66 12.37 7.90
C VAL A 527 6.54 11.34 7.77
N ALA A 528 5.96 11.21 6.57
CA ALA A 528 4.90 10.24 6.35
C ALA A 528 5.41 8.80 6.40
N SER A 529 6.72 8.60 6.24
CA SER A 529 7.32 7.27 6.30
C SER A 529 7.69 6.86 7.72
N ARG A 530 6.97 7.35 8.73
CA ARG A 530 7.27 6.97 10.10
C ARG A 530 6.82 5.55 10.39
N LEU A 531 5.61 5.18 9.96
CA LEU A 531 5.03 3.89 10.26
C LEU A 531 5.30 2.84 9.20
N VAL A 532 6.32 3.04 8.36
CA VAL A 532 6.67 2.02 7.38
C VAL A 532 7.33 0.85 8.09
N ASN A 533 6.91 -0.37 7.74
CA ASN A 533 7.42 -1.60 8.35
C ASN A 533 7.28 -1.59 9.87
N THR A 534 6.28 -0.86 10.38
CA THR A 534 6.10 -0.78 11.83
C THR A 534 5.65 -2.11 12.43
N GLY A 535 5.04 -2.99 11.63
CA GLY A 535 4.60 -4.27 12.11
C GLY A 535 5.74 -5.20 12.46
N LEU A 536 6.55 -5.55 11.46
CA LEU A 536 7.66 -6.48 11.69
C LEU A 536 8.72 -5.87 12.61
N LEU A 537 8.84 -4.54 12.62
CA LEU A 537 9.81 -3.90 13.51
C LEU A 537 9.39 -4.05 14.97
N THR A 538 8.11 -3.82 15.28
CA THR A 538 7.65 -3.94 16.65
C THR A 538 7.47 -5.39 17.06
N LEU A 539 7.03 -6.25 16.14
CA LEU A 539 6.91 -7.67 16.46
C LEU A 539 8.25 -8.27 16.86
N ARG A 540 9.32 -7.84 16.19
CA ARG A 540 10.66 -8.31 16.60
C ARG A 540 11.01 -7.81 18.00
N GLN A 541 10.60 -6.58 18.32
CA GLN A 541 10.82 -6.08 19.68
C GLN A 541 9.92 -6.81 20.68
N ILE A 542 8.71 -7.16 20.28
CA ILE A 542 7.84 -7.95 21.15
C ILE A 542 8.41 -9.34 21.35
N VAL A 543 9.03 -9.91 20.31
CA VAL A 543 9.65 -11.23 20.43
C VAL A 543 10.79 -11.17 21.44
N LEU A 544 11.67 -10.18 21.31
CA LEU A 544 12.78 -10.04 22.25
C LEU A 544 12.29 -9.77 23.67
N SER A 545 11.12 -9.13 23.80
CA SER A 545 10.56 -8.91 25.12
C SER A 545 9.98 -10.20 25.70
N LYS A 546 9.28 -10.98 24.86
CA LYS A 546 8.72 -12.25 25.33
C LYS A 546 9.82 -13.26 25.64
N VAL A 547 10.90 -13.25 24.85
CA VAL A 547 12.03 -14.15 25.12
C VAL A 547 12.67 -13.80 26.45
N ASP A 548 12.80 -12.50 26.74
CA ASP A 548 13.39 -12.09 28.02
C ASP A 548 12.51 -12.51 29.19
N GLN A 549 11.18 -12.47 29.02
CA GLN A 549 10.28 -12.91 30.07
C GLN A 549 10.26 -14.42 30.19
N SER A 550 10.38 -15.13 29.06
CA SER A 550 10.34 -16.58 29.11
C SER A 550 11.63 -17.16 29.67
N LEU A 551 12.78 -16.59 29.29
CA LEU A 551 14.05 -17.12 29.77
C LEU A 551 14.28 -16.85 31.26
N HIS A 552 13.49 -15.97 31.87
CA HIS A 552 13.56 -15.71 33.30
C HIS A 552 12.33 -16.23 34.04
N THR A 553 11.51 -17.05 33.38
CA THR A 553 10.36 -17.68 34.02
C THR A 553 10.55 -19.19 34.13
N ASN A 554 10.74 -19.88 33.02
CA ASN A 554 10.99 -21.31 33.05
C ASN A 554 12.43 -21.59 33.45
N THR A 555 12.63 -22.71 34.14
CA THR A 555 13.95 -23.07 34.64
C THR A 555 14.79 -23.73 33.55
N SER A 556 14.53 -25.01 33.30
CA SER A 556 15.29 -25.79 32.31
C SER A 556 14.69 -25.51 30.93
N LEU A 557 15.16 -24.44 30.29
CA LEU A 557 14.68 -24.05 28.98
C LEU A 557 15.87 -23.73 28.09
N ASP A 558 15.91 -24.36 26.91
CA ASP A 558 16.96 -24.08 25.94
C ASP A 558 16.79 -22.66 25.40
N ALA A 559 17.82 -21.84 25.57
CA ALA A 559 17.72 -20.43 25.17
C ALA A 559 17.52 -20.30 23.66
N ALA A 560 18.23 -21.11 22.87
CA ALA A 560 18.08 -21.02 21.42
C ALA A 560 16.71 -21.50 20.97
N SER A 561 16.15 -22.51 21.64
CA SER A 561 14.84 -23.02 21.23
C SER A 561 13.73 -22.02 21.53
N GLU A 562 13.85 -21.28 22.64
CA GLU A 562 12.78 -20.35 23.01
C GLU A 562 12.79 -19.13 22.11
N TYR A 563 13.96 -18.67 21.67
CA TYR A 563 14.01 -17.56 20.73
C TYR A 563 13.39 -17.95 19.39
N ALA A 564 13.71 -19.16 18.90
CA ALA A 564 13.13 -19.63 17.66
C ALA A 564 11.63 -19.86 17.80
N LYS A 565 11.15 -20.13 19.02
CA LYS A 565 9.74 -20.36 19.24
C LYS A 565 8.92 -19.10 19.01
N TYR A 566 9.30 -18.00 19.67
CA TYR A 566 8.54 -16.76 19.54
C TYR A 566 8.70 -16.11 18.18
N CYS A 567 9.77 -16.44 17.45
CA CYS A 567 9.93 -15.89 16.10
C CYS A 567 8.85 -16.40 15.17
N SER A 568 8.65 -17.72 15.14
CA SER A 568 7.63 -18.30 14.27
C SER A 568 6.22 -18.01 14.76
N GLU A 569 6.04 -17.73 16.06
CA GLU A 569 4.71 -17.47 16.58
C GLU A 569 4.30 -16.02 16.40
N ILE A 570 5.15 -15.08 16.80
CA ILE A 570 4.79 -13.67 16.80
C ILE A 570 5.26 -12.97 15.52
N LEU A 571 6.54 -13.10 15.19
CA LEU A 571 7.09 -12.35 14.06
C LEU A 571 6.70 -12.97 12.73
N GLY A 572 6.63 -14.29 12.65
CA GLY A 572 6.32 -14.96 11.40
C GLY A 572 7.54 -15.30 10.56
N VAL A 573 8.72 -14.83 10.93
CA VAL A 573 9.96 -15.15 10.24
C VAL A 573 10.75 -16.09 11.13
N ALA A 574 11.01 -17.30 10.64
CA ALA A 574 11.65 -18.32 11.44
C ALA A 574 13.12 -17.97 11.69
N ALA A 575 13.61 -18.34 12.87
CA ALA A 575 15.01 -18.16 13.22
C ALA A 575 15.86 -19.20 12.50
N THR A 576 16.99 -18.76 11.95
CA THR A 576 17.85 -19.62 11.17
C THR A 576 18.42 -20.74 12.06
N PRO A 577 18.24 -22.01 11.70
CA PRO A 577 18.81 -23.09 12.52
C PRO A 577 20.32 -23.04 12.51
N GLY A 578 20.91 -23.26 13.68
CA GLY A 578 22.34 -23.15 13.88
C GLY A 578 22.80 -21.84 14.48
N THR A 579 21.94 -20.83 14.48
CA THR A 579 22.27 -19.54 15.08
C THR A 579 21.85 -19.52 16.55
N ASN A 580 22.24 -18.44 17.24
CA ASN A 580 21.92 -18.28 18.65
C ASN A 580 21.94 -16.78 18.95
N MET A 581 20.78 -16.14 18.79
CA MET A 581 20.67 -14.71 19.10
C MET A 581 20.91 -14.41 20.58
N PRO A 582 20.33 -15.14 21.54
CA PRO A 582 20.61 -14.82 22.95
C PRO A 582 22.08 -14.86 23.32
N ALA A 583 22.91 -15.59 22.58
CA ALA A 583 24.34 -15.58 22.83
C ALA A 583 24.96 -14.21 22.56
N THR A 584 24.33 -13.41 21.69
CA THR A 584 24.79 -12.05 21.40
C THR A 584 23.92 -10.99 22.04
N PHE A 585 22.95 -11.39 22.87
CA PHE A 585 22.00 -10.47 23.50
C PHE A 585 22.70 -9.80 24.67
N GLY A 586 23.41 -8.70 24.39
CA GLY A 586 24.14 -8.01 25.42
C GLY A 586 23.29 -7.40 26.51
N HIS A 587 21.99 -7.23 26.25
CA HIS A 587 21.10 -6.66 27.26
C HIS A 587 20.86 -7.60 28.44
N LEU A 588 21.08 -8.90 28.25
CA LEU A 588 20.88 -9.86 29.33
C LEU A 588 21.91 -9.70 30.44
N ALA A 589 23.07 -9.09 30.14
CA ALA A 589 24.12 -8.88 31.13
C ALA A 589 24.43 -7.40 31.33
N GLY A 590 23.60 -6.50 30.79
CA GLY A 590 23.86 -5.08 30.91
C GLY A 590 22.82 -4.35 31.73
N GLY A 591 22.18 -5.06 32.66
CA GLY A 591 21.19 -4.48 33.54
C GLY A 591 19.76 -4.60 33.08
N TYR A 592 19.52 -5.13 31.88
CA TYR A 592 18.17 -5.27 31.34
C TYR A 592 17.66 -6.71 31.41
N ASP A 593 18.18 -7.49 32.37
CA ASP A 593 17.73 -8.87 32.54
C ASP A 593 16.28 -8.89 33.05
N GLY A 594 15.40 -9.50 32.28
CA GLY A 594 13.99 -9.53 32.64
C GLY A 594 13.29 -8.18 32.58
N GLN A 595 13.95 -7.16 32.05
CA GLN A 595 13.38 -5.81 32.00
C GLN A 595 13.45 -5.22 30.59
N TYR A 596 13.68 -6.05 29.57
CA TYR A 596 13.75 -5.54 28.20
C TYR A 596 12.41 -4.99 27.71
N TYR A 597 11.31 -5.39 28.36
CA TYR A 597 10.00 -4.85 28.00
C TYR A 597 9.93 -3.34 28.14
N GLY A 598 10.86 -2.74 28.90
CA GLY A 598 10.84 -1.30 29.14
C GLY A 598 10.98 -0.46 27.89
N TYR A 599 11.55 -1.01 26.82
CA TYR A 599 11.68 -0.25 25.58
C TYR A 599 10.31 0.07 24.98
N LEU A 600 9.39 -0.89 25.02
CA LEU A 600 8.02 -0.65 24.60
C LEU A 600 7.16 -0.07 25.73
N TRP A 601 7.49 -0.38 26.99
CA TRP A 601 6.74 0.16 28.10
C TRP A 601 6.98 1.66 28.26
N SER A 602 8.22 2.11 28.08
CA SER A 602 8.52 3.53 28.21
C SER A 602 7.97 4.34 27.04
N GLU A 603 7.83 3.70 25.87
CA GLU A 603 7.33 4.41 24.70
C GLU A 603 5.88 4.85 24.89
N VAL A 604 5.11 4.11 25.69
CA VAL A 604 3.73 4.51 25.95
C VAL A 604 3.68 5.83 26.71
N PHE A 605 4.65 6.07 27.60
CA PHE A 605 4.67 7.31 28.37
C PHE A 605 5.17 8.48 27.54
N SER A 606 6.21 8.27 26.73
CA SER A 606 6.79 9.36 25.95
C SER A 606 5.80 9.88 24.93
N MET A 607 5.09 8.98 24.24
CA MET A 607 4.10 9.43 23.26
C MET A 607 2.94 10.16 23.91
N ASP A 608 2.63 9.81 25.16
CA ASP A 608 1.53 10.48 25.85
C ASP A 608 1.91 11.88 26.30
N MET A 609 3.20 12.13 26.54
CA MET A 609 3.63 13.48 26.88
C MET A 609 3.84 14.34 25.64
N PHE A 610 4.38 13.73 24.57
CA PHE A 610 4.66 14.49 23.35
C PHE A 610 3.38 14.95 22.67
N TYR A 611 2.32 14.14 22.72
CA TYR A 611 1.07 14.47 22.07
C TYR A 611 0.16 15.35 22.92
N SER A 612 0.19 15.16 24.24
CA SER A 612 -0.72 15.89 25.12
C SER A 612 -0.15 17.20 25.63
N CYS A 613 1.16 17.40 25.54
CA CYS A 613 1.77 18.62 26.07
C CYS A 613 2.64 19.33 25.05
N PHE A 614 3.43 18.60 24.26
CA PHE A 614 4.35 19.22 23.31
C PHE A 614 3.69 19.52 21.98
N LYS A 615 3.01 18.53 21.39
CA LYS A 615 2.39 18.74 20.08
C LYS A 615 1.29 19.80 20.14
N LYS A 616 0.67 19.99 21.30
CA LYS A 616 -0.33 21.04 21.44
C LYS A 616 0.31 22.42 21.48
N GLU A 617 1.19 22.65 22.46
CA GLU A 617 1.80 23.96 22.67
C GLU A 617 2.97 24.24 21.73
N GLY A 618 3.38 23.28 20.92
CA GLY A 618 4.54 23.46 20.06
C GLY A 618 5.76 22.74 20.57
N ILE A 619 6.41 21.95 19.72
CA ILE A 619 7.54 21.13 20.14
C ILE A 619 8.78 21.94 20.45
N MET A 620 8.78 23.24 20.14
CA MET A 620 9.90 24.12 20.45
C MET A 620 9.54 25.13 21.53
N ASN A 621 8.39 24.97 22.18
CA ASN A 621 7.96 25.89 23.23
C ASN A 621 8.90 25.80 24.42
N PRO A 622 9.59 26.89 24.79
CA PRO A 622 10.45 26.83 25.98
C PRO A 622 9.69 26.69 27.28
N GLU A 623 8.39 27.01 27.30
CA GLU A 623 7.59 26.83 28.51
C GLU A 623 7.40 25.35 28.82
N VAL A 624 7.04 24.56 27.81
CA VAL A 624 6.90 23.12 28.02
C VAL A 624 8.27 22.47 28.17
N GLY A 625 9.29 23.01 27.48
CA GLY A 625 10.63 22.47 27.61
C GLY A 625 11.19 22.63 29.01
N MET A 626 10.91 23.76 29.65
CA MET A 626 11.36 23.97 31.03
C MET A 626 10.57 23.11 32.01
N LYS A 627 9.26 22.99 31.78
CA LYS A 627 8.44 22.10 32.61
C LYS A 627 8.91 20.65 32.49
N TYR A 628 9.29 20.24 31.28
CA TYR A 628 9.79 18.90 31.08
C TYR A 628 11.13 18.70 31.77
N ARG A 629 12.00 19.73 31.74
CA ARG A 629 13.32 19.60 32.35
C ARG A 629 13.23 19.52 33.87
N ASN A 630 12.36 20.32 34.48
CA ASN A 630 12.31 20.40 35.94
C ASN A 630 11.49 19.27 36.56
N LEU A 631 10.51 18.72 35.83
CA LEU A 631 9.63 17.71 36.39
C LEU A 631 10.01 16.28 36.03
N ILE A 632 10.79 16.08 34.98
CA ILE A 632 11.18 14.75 34.53
C ILE A 632 12.68 14.53 34.62
N LEU A 633 13.47 15.46 34.06
CA LEU A 633 14.92 15.27 34.02
C LEU A 633 15.58 15.64 35.34
N LYS A 634 15.16 16.76 35.95
CA LYS A 634 15.86 17.24 37.15
C LYS A 634 15.70 16.31 38.35
N PRO A 635 14.51 15.79 38.69
CA PRO A 635 14.42 14.90 39.86
C PRO A 635 15.25 13.63 39.73
N GLY A 636 15.40 13.11 38.52
CA GLY A 636 16.16 11.88 38.35
C GLY A 636 15.51 10.73 39.08
N GLY A 637 16.26 10.11 39.99
CA GLY A 637 15.76 9.00 40.78
C GLY A 637 15.26 9.37 42.15
N SER A 638 15.24 10.66 42.50
CA SER A 638 14.77 11.09 43.81
C SER A 638 13.26 10.99 43.95
N LEU A 639 12.54 10.72 42.87
CA LEU A 639 11.10 10.54 42.91
C LEU A 639 10.72 9.29 42.14
N ASP A 640 9.53 8.79 42.40
CA ASP A 640 9.03 7.62 41.70
C ASP A 640 8.74 7.97 40.24
N GLY A 641 8.75 6.93 39.39
CA GLY A 641 8.52 7.16 37.97
C GLY A 641 7.13 7.66 37.66
N MET A 642 6.11 7.07 38.30
CA MET A 642 4.74 7.50 38.04
C MET A 642 4.43 8.85 38.69
N ASP A 643 5.12 9.19 39.78
CA ASP A 643 4.90 10.49 40.40
C ASP A 643 5.36 11.61 39.49
N MET A 644 6.52 11.44 38.83
CA MET A 644 7.00 12.46 37.91
C MET A 644 6.08 12.58 36.69
N LEU A 645 5.53 11.45 36.23
CA LEU A 645 4.58 11.51 35.12
C LEU A 645 3.29 12.21 35.54
N HIS A 646 2.84 11.96 36.77
CA HIS A 646 1.63 12.62 37.24
C HIS A 646 1.83 14.11 37.44
N ASN A 647 3.03 14.53 37.84
CA ASN A 647 3.31 15.95 38.00
C ASN A 647 3.35 16.67 36.66
N PHE A 648 3.77 15.99 35.61
CA PHE A 648 3.89 16.59 34.29
C PHE A 648 2.58 16.54 33.51
N LEU A 649 1.94 15.36 33.47
CA LEU A 649 0.70 15.19 32.73
C LEU A 649 -0.52 15.67 33.51
N LYS A 650 -0.39 15.90 34.82
CA LYS A 650 -1.50 16.29 35.68
C LYS A 650 -2.62 15.25 35.66
N ARG A 651 -2.27 14.00 35.41
CA ARG A 651 -3.21 12.89 35.32
C ARG A 651 -2.40 11.60 35.28
N GLU A 652 -3.06 10.51 34.92
CA GLU A 652 -2.42 9.22 34.73
C GLU A 652 -2.22 8.93 33.25
N PRO A 653 -1.09 8.35 32.86
CA PRO A 653 -0.85 8.10 31.43
C PRO A 653 -1.76 7.02 30.88
N ASN A 654 -1.92 7.04 29.56
CA ASN A 654 -2.75 6.07 28.87
C ASN A 654 -2.17 5.80 27.49
N GLN A 655 -2.67 4.75 26.85
CA GLN A 655 -2.17 4.34 25.54
C GLN A 655 -2.89 5.02 24.38
N LYS A 656 -3.81 5.95 24.64
CA LYS A 656 -4.54 6.59 23.54
C LYS A 656 -3.59 7.29 22.58
N ALA A 657 -2.66 8.09 23.12
CA ALA A 657 -1.68 8.75 22.26
C ALA A 657 -0.67 7.75 21.70
N PHE A 658 -0.35 6.71 22.46
CA PHE A 658 0.62 5.72 21.98
C PHE A 658 0.03 4.86 20.87
N LEU A 659 -1.28 4.62 20.88
CA LEU A 659 -1.89 3.75 19.88
C LEU A 659 -2.07 4.46 18.55
N MET A 660 -2.54 5.71 18.57
CA MET A 660 -2.76 6.43 17.32
C MET A 660 -1.45 6.84 16.65
N SER A 661 -0.35 6.92 17.41
CA SER A 661 0.94 7.17 16.81
C SER A 661 1.49 5.93 16.10
N ARG A 662 0.82 4.79 16.24
CA ARG A 662 1.21 3.55 15.56
C ARG A 662 0.18 3.12 14.53
N GLY A 663 -0.84 3.94 14.27
CA GLY A 663 -1.88 3.58 13.34
C GLY A 663 -2.88 2.57 13.85
N LEU A 664 -3.02 2.43 15.17
CA LEU A 664 -3.91 1.48 15.80
C LEU A 664 -5.10 2.23 16.40
N HIS A 665 -5.64 1.71 17.50
CA HIS A 665 -6.77 2.33 18.19
C HIS A 665 -6.39 3.69 18.76
N SER B 1 -45.72 -19.02 -32.60
CA SER B 1 -46.22 -19.32 -31.27
C SER B 1 -45.22 -18.91 -30.20
N SER B 2 -45.74 -18.55 -29.01
CA SER B 2 -44.89 -18.13 -27.90
C SER B 2 -44.20 -19.29 -27.21
N TYR B 3 -44.60 -20.53 -27.50
CA TYR B 3 -44.02 -21.70 -26.84
C TYR B 3 -43.31 -22.64 -27.81
N THR B 4 -43.12 -22.23 -29.06
CA THR B 4 -42.39 -23.01 -30.05
C THR B 4 -41.16 -22.25 -30.51
N VAL B 5 -40.33 -22.92 -31.30
CA VAL B 5 -39.10 -22.33 -31.82
C VAL B 5 -38.95 -22.45 -33.32
N ALA B 6 -39.67 -23.35 -33.98
CA ALA B 6 -39.48 -23.60 -35.40
C ALA B 6 -39.98 -22.41 -36.23
N GLY B 7 -39.12 -21.92 -37.13
CA GLY B 7 -39.49 -20.86 -38.04
C GLY B 7 -39.42 -19.45 -37.46
N ARG B 8 -39.22 -19.31 -36.16
CA ARG B 8 -39.17 -17.98 -35.56
C ARG B 8 -37.85 -17.27 -35.82
N ASN B 9 -36.82 -17.99 -36.26
CA ASN B 9 -35.53 -17.40 -36.62
C ASN B 9 -35.42 -17.43 -38.14
N VAL B 10 -35.74 -16.30 -38.78
CA VAL B 10 -35.79 -16.22 -40.24
C VAL B 10 -34.48 -15.65 -40.79
N LEU B 11 -33.46 -15.55 -39.95
CA LEU B 11 -32.18 -14.98 -40.37
C LEU B 11 -31.38 -15.99 -41.16
N ARG B 12 -30.91 -15.59 -42.35
CA ARG B 12 -30.04 -16.39 -43.18
C ARG B 12 -28.64 -15.81 -43.15
N TRP B 13 -27.62 -16.67 -43.14
CA TRP B 13 -26.23 -16.22 -43.09
C TRP B 13 -25.40 -16.81 -44.23
N ASP B 14 -26.04 -17.35 -45.26
CA ASP B 14 -25.34 -17.89 -46.42
C ASP B 14 -25.64 -17.10 -47.68
N LEU B 15 -25.88 -15.80 -47.53
CA LEU B 15 -26.17 -14.94 -48.67
C LEU B 15 -24.90 -14.59 -49.42
N SER B 16 -24.96 -14.68 -50.74
CA SER B 16 -23.85 -14.29 -51.58
C SER B 16 -23.82 -12.78 -51.74
N PRO B 17 -22.67 -12.21 -52.15
CA PRO B 17 -22.64 -10.75 -52.39
C PRO B 17 -23.69 -10.28 -53.38
N GLU B 18 -24.03 -11.10 -54.37
CA GLU B 18 -25.07 -10.72 -55.31
C GLU B 18 -26.45 -10.76 -54.66
N GLN B 19 -26.68 -11.73 -53.77
CA GLN B 19 -27.96 -11.82 -53.08
C GLN B 19 -28.14 -10.69 -52.08
N ILE B 20 -27.05 -10.21 -51.48
CA ILE B 20 -27.16 -9.10 -50.53
C ILE B 20 -27.56 -7.83 -51.25
N LYS B 21 -26.91 -7.53 -52.38
CA LYS B 21 -27.26 -6.35 -53.15
C LYS B 21 -28.66 -6.45 -53.72
N THR B 22 -29.07 -7.66 -54.13
CA THR B 22 -30.43 -7.85 -54.62
C THR B 22 -31.45 -7.71 -53.51
N ARG B 23 -31.16 -8.27 -52.33
CA ARG B 23 -32.06 -8.14 -51.19
C ARG B 23 -32.18 -6.71 -50.72
N THR B 24 -31.17 -5.88 -50.96
CA THR B 24 -31.24 -4.48 -50.57
C THR B 24 -32.25 -3.72 -51.42
N GLU B 25 -32.20 -3.93 -52.74
CA GLU B 25 -33.15 -3.27 -53.64
C GLU B 25 -34.57 -3.76 -53.41
N GLU B 26 -34.74 -5.04 -53.08
CA GLU B 26 -36.08 -5.56 -52.81
C GLU B 26 -36.64 -4.99 -51.51
N LEU B 27 -35.79 -4.79 -50.50
CA LEU B 27 -36.28 -4.23 -49.24
C LEU B 27 -36.69 -2.78 -49.40
N ILE B 28 -35.96 -2.02 -50.23
CA ILE B 28 -36.25 -0.60 -50.39
C ILE B 28 -37.58 -0.40 -51.12
N VAL B 29 -37.83 -1.17 -52.17
CA VAL B 29 -39.04 -0.99 -52.95
C VAL B 29 -40.26 -1.42 -52.14
N GLN B 30 -40.15 -2.51 -51.37
CA GLN B 30 -41.27 -2.97 -50.57
C GLN B 30 -41.57 -2.00 -49.44
N THR B 31 -40.54 -1.50 -48.75
CA THR B 31 -40.75 -0.58 -47.64
C THR B 31 -41.28 0.76 -48.14
N LYS B 32 -40.83 1.21 -49.31
CA LYS B 32 -41.29 2.49 -49.84
C LYS B 32 -42.77 2.44 -50.22
N GLN B 33 -43.27 1.28 -50.63
CA GLN B 33 -44.69 1.14 -50.93
C GLN B 33 -45.55 1.39 -49.70
N VAL B 34 -45.04 1.05 -48.51
CA VAL B 34 -45.80 1.28 -47.29
C VAL B 34 -45.83 2.76 -46.95
N TYR B 35 -44.67 3.42 -47.02
CA TYR B 35 -44.62 4.85 -46.70
C TYR B 35 -45.37 5.68 -47.75
N ASP B 36 -45.23 5.31 -49.02
CA ASP B 36 -45.96 6.03 -50.07
C ASP B 36 -47.46 5.86 -49.94
N ALA B 37 -47.91 4.71 -49.43
CA ALA B 37 -49.34 4.50 -49.24
C ALA B 37 -49.88 5.41 -48.14
N VAL B 38 -49.12 5.57 -47.06
CA VAL B 38 -49.57 6.45 -45.98
C VAL B 38 -49.49 7.90 -46.42
N GLY B 39 -48.49 8.25 -47.22
CA GLY B 39 -48.35 9.62 -47.68
C GLY B 39 -49.41 10.05 -48.67
N MET B 40 -49.99 9.09 -49.40
CA MET B 40 -51.02 9.37 -50.39
C MET B 40 -52.43 9.23 -49.83
N LEU B 41 -52.63 9.53 -48.56
CA LEU B 41 -53.93 9.48 -47.92
C LEU B 41 -54.36 10.86 -47.48
N GLY B 42 -55.67 11.07 -47.39
CA GLY B 42 -56.18 12.35 -46.94
C GLY B 42 -55.87 12.61 -45.48
N ILE B 43 -55.62 13.89 -45.17
CA ILE B 43 -55.33 14.28 -43.79
C ILE B 43 -56.54 14.03 -42.89
N GLU B 44 -57.75 14.21 -43.43
CA GLU B 44 -58.98 13.95 -42.70
C GLU B 44 -59.42 12.49 -42.80
N GLU B 45 -58.54 11.60 -43.23
CA GLU B 45 -58.87 10.19 -43.38
C GLU B 45 -57.93 9.26 -42.62
N VAL B 46 -56.80 9.76 -42.11
CA VAL B 46 -55.85 8.90 -41.42
C VAL B 46 -56.46 8.36 -40.14
N THR B 47 -56.26 7.06 -39.90
CA THR B 47 -56.77 6.39 -38.71
C THR B 47 -55.63 5.65 -38.02
N TYR B 48 -55.97 4.93 -36.95
CA TYR B 48 -54.97 4.17 -36.22
C TYR B 48 -54.46 2.98 -37.01
N GLU B 49 -55.29 2.43 -37.89
CA GLU B 49 -54.94 1.20 -38.61
C GLU B 49 -54.15 1.46 -39.88
N ASN B 50 -54.52 2.49 -40.65
CA ASN B 50 -53.85 2.76 -41.92
C ASN B 50 -52.60 3.63 -41.79
N CYS B 51 -52.35 4.19 -40.61
CA CYS B 51 -51.22 5.07 -40.41
C CYS B 51 -50.26 4.55 -39.35
N LEU B 52 -50.70 4.47 -38.08
CA LEU B 52 -49.81 4.02 -37.01
C LEU B 52 -49.48 2.54 -37.15
N GLN B 53 -50.50 1.70 -37.25
CA GLN B 53 -50.26 0.26 -37.36
C GLN B 53 -49.55 -0.10 -38.65
N ALA B 54 -49.84 0.63 -39.74
CA ALA B 54 -49.18 0.34 -41.01
C ALA B 54 -47.69 0.62 -40.93
N LEU B 55 -47.30 1.67 -40.20
CA LEU B 55 -45.89 1.97 -40.01
C LEU B 55 -45.24 1.01 -39.02
N ALA B 56 -45.99 0.61 -37.98
CA ALA B 56 -45.44 -0.32 -37.00
C ALA B 56 -45.23 -1.71 -37.60
N ASP B 57 -46.05 -2.09 -38.57
CA ASP B 57 -45.89 -3.41 -39.19
C ASP B 57 -44.69 -3.44 -40.13
N VAL B 58 -44.39 -2.33 -40.80
CA VAL B 58 -43.27 -2.32 -41.72
C VAL B 58 -41.95 -2.11 -40.98
N GLU B 59 -41.98 -1.46 -39.80
CA GLU B 59 -40.76 -1.22 -39.06
C GLU B 59 -40.17 -2.52 -38.50
N VAL B 60 -41.03 -3.44 -38.05
CA VAL B 60 -40.54 -4.74 -37.60
C VAL B 60 -40.08 -5.57 -38.80
N LYS B 61 -40.80 -5.46 -39.92
CA LYS B 61 -40.40 -6.21 -41.11
C LYS B 61 -39.12 -5.65 -41.72
N TYR B 62 -38.88 -4.35 -41.57
CA TYR B 62 -37.70 -3.72 -42.16
C TYR B 62 -36.45 -4.01 -41.32
N ILE B 63 -36.53 -3.79 -40.01
CA ILE B 63 -35.35 -3.91 -39.17
C ILE B 63 -34.83 -5.34 -39.13
N VAL B 64 -35.71 -6.33 -39.34
CA VAL B 64 -35.26 -7.71 -39.39
C VAL B 64 -34.59 -8.01 -40.72
N GLU B 65 -35.22 -7.62 -41.82
CA GLU B 65 -34.62 -7.82 -43.14
C GLU B 65 -33.36 -6.99 -43.31
N ARG B 66 -33.30 -5.81 -42.68
CA ARG B 66 -32.10 -4.98 -42.78
C ARG B 66 -30.94 -5.60 -42.03
N THR B 67 -31.21 -6.20 -40.87
CA THR B 67 -30.15 -6.78 -40.05
C THR B 67 -29.41 -7.89 -40.79
N MET B 68 -30.13 -8.68 -41.59
CA MET B 68 -29.48 -9.71 -42.40
C MET B 68 -28.46 -9.15 -43.37
N LEU B 69 -28.52 -7.84 -43.66
CA LEU B 69 -27.66 -7.21 -44.64
C LEU B 69 -26.55 -6.37 -44.03
N ASP B 70 -26.80 -5.69 -42.91
CA ASP B 70 -25.81 -4.82 -42.30
C ASP B 70 -24.97 -5.52 -41.24
N PHE B 71 -25.25 -6.78 -40.94
CA PHE B 71 -24.53 -7.51 -39.89
C PHE B 71 -23.35 -8.31 -40.41
N PRO B 72 -23.43 -8.99 -41.56
CA PRO B 72 -22.27 -9.78 -42.02
C PRO B 72 -20.97 -9.00 -42.16
N GLN B 73 -21.03 -7.66 -42.22
CA GLN B 73 -19.80 -6.88 -42.31
C GLN B 73 -18.97 -6.94 -41.04
N HIS B 74 -19.51 -7.47 -39.94
CA HIS B 74 -18.81 -7.49 -38.67
C HIS B 74 -18.29 -8.87 -38.26
N VAL B 75 -18.74 -9.94 -38.93
CA VAL B 75 -18.46 -11.29 -38.44
C VAL B 75 -18.03 -12.21 -39.57
N SER B 76 -18.55 -11.99 -40.77
CA SER B 76 -18.29 -12.91 -41.88
C SER B 76 -16.80 -12.92 -42.24
N SER B 77 -16.31 -14.10 -42.62
CA SER B 77 -14.93 -14.27 -43.01
C SER B 77 -14.67 -13.98 -44.48
N ASP B 78 -15.73 -13.85 -45.29
CA ASP B 78 -15.59 -13.52 -46.70
C ASP B 78 -15.53 -12.00 -46.85
N LYS B 79 -14.46 -11.51 -47.47
CA LYS B 79 -14.29 -10.06 -47.61
C LYS B 79 -15.28 -9.48 -48.61
N GLU B 80 -15.67 -10.25 -49.63
CA GLU B 80 -16.69 -9.76 -50.56
C GLU B 80 -18.04 -9.66 -49.88
N VAL B 81 -18.35 -10.55 -48.93
CA VAL B 81 -19.58 -10.43 -48.17
C VAL B 81 -19.51 -9.23 -47.24
N ARG B 82 -18.36 -9.02 -46.58
CA ARG B 82 -18.19 -7.86 -45.73
C ARG B 82 -18.29 -6.57 -46.53
N ALA B 83 -17.78 -6.59 -47.77
CA ALA B 83 -17.86 -5.40 -48.61
C ALA B 83 -19.28 -5.16 -49.09
N ALA B 84 -19.97 -6.23 -49.53
CA ALA B 84 -21.36 -6.09 -49.94
C ALA B 84 -22.26 -5.71 -48.78
N SER B 85 -21.94 -6.18 -47.57
CA SER B 85 -22.73 -5.80 -46.40
C SER B 85 -22.53 -4.32 -46.06
N THR B 86 -21.32 -3.81 -46.26
CA THR B 86 -21.06 -2.40 -45.99
C THR B 86 -21.79 -1.51 -47.01
N GLU B 87 -21.75 -1.90 -48.29
CA GLU B 87 -22.46 -1.14 -49.32
C GLU B 87 -23.97 -1.20 -49.12
N ALA B 88 -24.48 -2.18 -48.39
CA ALA B 88 -25.90 -2.19 -48.03
C ALA B 88 -26.17 -1.32 -46.82
N ASP B 89 -25.20 -1.22 -45.89
CA ASP B 89 -25.38 -0.34 -44.74
C ASP B 89 -25.43 1.12 -45.18
N LYS B 90 -24.54 1.52 -46.10
CA LYS B 90 -24.59 2.87 -46.64
C LYS B 90 -25.87 3.11 -47.42
N ARG B 91 -26.29 2.13 -48.21
CA ARG B 91 -27.50 2.27 -49.01
C ARG B 91 -28.74 2.42 -48.14
N LEU B 92 -28.83 1.63 -47.07
CA LEU B 92 -30.02 1.64 -46.23
C LEU B 92 -30.01 2.76 -45.21
N SER B 93 -28.83 3.20 -44.78
CA SER B 93 -28.75 4.34 -43.86
C SER B 93 -29.24 5.62 -44.53
N ARG B 94 -28.97 5.77 -45.83
CA ARG B 94 -29.51 6.90 -46.58
C ARG B 94 -31.00 6.74 -46.83
N PHE B 95 -31.49 5.50 -46.87
CA PHE B 95 -32.92 5.28 -47.04
C PHE B 95 -33.67 5.60 -45.76
N ASP B 96 -33.09 5.29 -44.61
CA ASP B 96 -33.73 5.64 -43.33
C ASP B 96 -33.83 7.15 -43.17
N ILE B 97 -32.80 7.87 -43.61
CA ILE B 97 -32.85 9.33 -43.55
C ILE B 97 -33.90 9.88 -44.52
N GLU B 98 -33.99 9.28 -45.70
CA GLU B 98 -34.97 9.76 -46.69
C GLU B 98 -36.40 9.52 -46.22
N MET B 99 -36.65 8.43 -45.50
CA MET B 99 -37.99 8.14 -45.02
C MET B 99 -38.35 8.96 -43.79
N SER B 100 -37.36 9.30 -42.97
CA SER B 100 -37.61 10.12 -41.78
C SER B 100 -37.84 11.57 -42.12
N MET B 101 -37.28 12.04 -43.24
CA MET B 101 -37.42 13.44 -43.66
C MET B 101 -38.69 13.69 -44.45
N ARG B 102 -39.58 12.71 -44.56
CA ARG B 102 -40.82 12.90 -45.30
C ARG B 102 -41.76 13.84 -44.55
N GLY B 103 -42.10 14.96 -45.18
CA GLY B 103 -42.99 15.91 -44.55
C GLY B 103 -44.43 15.44 -44.50
N ASP B 104 -44.87 14.70 -45.53
CA ASP B 104 -46.25 14.22 -45.56
C ASP B 104 -46.53 13.22 -44.46
N ILE B 105 -45.54 12.38 -44.10
CA ILE B 105 -45.73 11.44 -43.00
C ILE B 105 -45.82 12.17 -41.68
N PHE B 106 -45.00 13.20 -41.48
CA PHE B 106 -45.03 13.96 -40.24
C PHE B 106 -46.33 14.73 -40.09
N GLU B 107 -46.90 15.22 -41.20
CA GLU B 107 -48.15 15.97 -41.13
C GLU B 107 -49.30 15.11 -40.64
N ARG B 108 -49.24 13.80 -40.87
CA ARG B 108 -50.35 12.91 -40.55
C ARG B 108 -50.26 12.33 -39.15
N ILE B 109 -49.05 12.18 -38.60
CA ILE B 109 -48.94 11.66 -37.23
C ILE B 109 -49.19 12.75 -36.20
N VAL B 110 -48.99 14.02 -36.55
CA VAL B 110 -49.37 15.10 -35.64
C VAL B 110 -50.89 15.24 -35.63
N HIS B 111 -51.56 14.89 -36.74
CA HIS B 111 -53.01 14.95 -36.79
C HIS B 111 -53.64 13.84 -35.95
N LEU B 112 -52.98 12.68 -35.86
CA LEU B 112 -53.52 11.59 -35.06
C LEU B 112 -53.51 11.92 -33.57
N GLN B 113 -52.42 12.51 -33.08
CA GLN B 113 -52.31 12.81 -31.66
C GLN B 113 -53.20 13.97 -31.24
N GLU B 114 -53.83 14.67 -32.19
CA GLU B 114 -54.69 15.80 -31.88
C GLU B 114 -56.16 15.53 -32.15
N THR B 115 -56.50 14.44 -32.84
CA THR B 115 -57.88 14.17 -33.22
C THR B 115 -58.43 12.85 -32.71
N CYS B 116 -57.58 11.87 -32.41
CA CYS B 116 -58.03 10.55 -31.98
C CYS B 116 -58.01 10.45 -30.47
N ASP B 117 -58.90 9.60 -29.94
CA ASP B 117 -59.00 9.38 -28.49
C ASP B 117 -57.78 8.60 -28.01
N LEU B 118 -56.91 9.27 -27.24
CA LEU B 118 -55.71 8.62 -26.73
C LEU B 118 -55.98 7.76 -25.50
N GLY B 119 -57.22 7.73 -25.01
CA GLY B 119 -57.54 6.91 -23.85
C GLY B 119 -57.93 5.50 -24.22
N LYS B 120 -58.28 5.29 -25.49
CA LYS B 120 -58.67 3.98 -25.99
C LYS B 120 -57.50 3.19 -26.54
N ILE B 121 -56.26 3.63 -26.29
CA ILE B 121 -55.07 2.95 -26.78
C ILE B 121 -54.14 2.68 -25.59
N LYS B 122 -53.25 1.70 -25.79
CA LYS B 122 -52.34 1.30 -24.75
C LYS B 122 -51.34 2.40 -24.43
N PRO B 123 -50.79 2.42 -23.22
CA PRO B 123 -49.77 3.44 -22.89
C PRO B 123 -48.55 3.40 -23.80
N GLU B 124 -48.22 2.24 -24.35
CA GLU B 124 -47.13 2.16 -25.32
C GLU B 124 -47.49 2.82 -26.64
N ALA B 125 -48.78 2.90 -26.97
CA ALA B 125 -49.19 3.59 -28.19
C ALA B 125 -49.09 5.10 -28.04
N ARG B 126 -49.39 5.62 -26.84
CA ARG B 126 -49.25 7.05 -26.61
C ARG B 126 -47.78 7.48 -26.65
N ARG B 127 -46.90 6.66 -26.07
CA ARG B 127 -45.47 6.92 -26.17
C ARG B 127 -44.98 6.83 -27.61
N TYR B 128 -45.59 5.95 -28.40
CA TYR B 128 -45.20 5.82 -29.81
C TYR B 128 -45.46 7.12 -30.57
N LEU B 129 -46.60 7.77 -30.30
CA LEU B 129 -46.91 9.02 -30.99
C LEU B 129 -45.99 10.14 -30.53
N GLU B 130 -45.80 10.28 -29.21
CA GLU B 130 -44.97 11.36 -28.69
C GLU B 130 -43.52 11.20 -29.12
N LYS B 131 -43.00 9.97 -29.10
CA LYS B 131 -41.61 9.75 -29.49
C LYS B 131 -41.41 9.92 -30.99
N SER B 132 -42.42 9.61 -31.79
CA SER B 132 -42.30 9.77 -33.24
C SER B 132 -42.39 11.24 -33.64
N ILE B 133 -43.24 12.02 -32.97
CA ILE B 133 -43.36 13.43 -33.29
C ILE B 133 -42.11 14.19 -32.84
N LYS B 134 -41.57 13.86 -31.66
CA LYS B 134 -40.37 14.53 -31.19
C LYS B 134 -39.18 14.26 -32.09
N MET B 135 -39.10 13.05 -32.66
CA MET B 135 -38.05 12.77 -33.63
C MET B 135 -38.25 13.57 -34.91
N GLY B 136 -39.49 13.90 -35.25
CA GLY B 136 -39.72 14.78 -36.39
C GLY B 136 -39.19 16.19 -36.15
N LYS B 137 -39.34 16.70 -34.93
CA LYS B 137 -38.80 18.01 -34.62
C LYS B 137 -37.27 18.00 -34.56
N ARG B 138 -36.69 16.88 -34.14
CA ARG B 138 -35.24 16.73 -34.15
C ARG B 138 -34.67 16.50 -35.54
N ASN B 139 -35.53 16.35 -36.55
CA ASN B 139 -35.12 16.24 -37.94
C ASN B 139 -35.42 17.52 -38.72
N GLY B 140 -35.91 18.56 -38.05
CA GLY B 140 -36.20 19.81 -38.72
C GLY B 140 -37.43 19.81 -39.58
N LEU B 141 -38.37 18.89 -39.33
CA LEU B 141 -39.58 18.81 -40.13
C LEU B 141 -40.54 19.97 -39.85
N HIS B 142 -40.32 20.73 -38.78
CA HIS B 142 -41.09 21.93 -38.50
C HIS B 142 -40.36 23.21 -38.94
N LEU B 143 -39.41 23.09 -39.84
CA LEU B 143 -38.60 24.19 -40.33
C LEU B 143 -38.88 24.42 -41.81
N PRO B 144 -38.45 25.55 -42.38
CA PRO B 144 -38.66 25.79 -43.81
C PRO B 144 -38.05 24.68 -44.66
N GLU B 145 -38.58 24.55 -45.88
CA GLU B 145 -38.21 23.41 -46.71
C GLU B 145 -36.79 23.50 -47.25
N GLN B 146 -36.29 24.71 -47.50
CA GLN B 146 -34.93 24.83 -48.03
C GLN B 146 -33.87 24.51 -46.99
N VAL B 147 -34.20 24.58 -45.70
CA VAL B 147 -33.25 24.14 -44.68
C VAL B 147 -33.43 22.67 -44.32
N GLN B 148 -34.57 22.07 -44.68
CA GLN B 148 -34.72 20.62 -44.52
C GLN B 148 -33.87 19.87 -45.53
N ASN B 149 -33.85 20.34 -46.77
CA ASN B 149 -32.98 19.74 -47.77
C ASN B 149 -31.51 19.94 -47.42
N GLU B 150 -31.20 21.02 -46.71
CA GLU B 150 -29.83 21.27 -46.30
C GLU B 150 -29.42 20.34 -45.16
N ILE B 151 -30.34 20.07 -44.22
CA ILE B 151 -30.06 19.15 -43.14
C ILE B 151 -30.00 17.71 -43.65
N LYS B 152 -30.94 17.35 -44.53
CA LYS B 152 -30.92 16.01 -45.12
C LYS B 152 -29.64 15.76 -45.90
N SER B 153 -29.08 16.79 -46.52
CA SER B 153 -27.84 16.60 -47.29
C SER B 153 -26.66 16.30 -46.37
N MET B 154 -26.55 17.00 -45.25
CA MET B 154 -25.41 16.80 -44.36
C MET B 154 -25.51 15.50 -43.58
N LYS B 155 -26.74 15.08 -43.23
CA LYS B 155 -26.89 13.84 -42.47
C LYS B 155 -26.55 12.62 -43.32
N LYS B 156 -26.80 12.67 -44.63
CA LYS B 156 -26.36 11.59 -45.50
C LYS B 156 -24.85 11.51 -45.58
N ARG B 157 -24.16 12.66 -45.51
CA ARG B 157 -22.71 12.65 -45.47
C ARG B 157 -22.19 12.12 -44.14
N MET B 158 -22.83 12.53 -43.04
CA MET B 158 -22.45 12.01 -41.73
C MET B 158 -22.67 10.51 -41.63
N SER B 159 -23.68 9.98 -42.32
CA SER B 159 -23.94 8.55 -42.29
C SER B 159 -22.81 7.76 -42.92
N GLU B 160 -22.32 8.22 -44.08
CA GLU B 160 -21.25 7.50 -44.75
C GLU B 160 -19.91 7.68 -44.05
N LEU B 161 -19.70 8.84 -43.41
CA LEU B 161 -18.45 9.06 -42.70
C LEU B 161 -18.35 8.16 -41.47
N CYS B 162 -19.48 7.95 -40.78
CA CYS B 162 -19.47 7.08 -39.60
C CYS B 162 -19.26 5.62 -39.99
N ILE B 163 -19.80 5.21 -41.14
CA ILE B 163 -19.61 3.84 -41.60
C ILE B 163 -18.17 3.62 -42.04
N ASP B 164 -17.61 4.59 -42.78
CA ASP B 164 -16.21 4.47 -43.19
C ASP B 164 -15.26 4.55 -42.01
N PHE B 165 -15.65 5.25 -40.93
CA PHE B 165 -14.77 5.36 -39.78
C PHE B 165 -14.55 4.00 -39.12
N ASN B 166 -15.60 3.19 -39.01
CA ASN B 166 -15.47 1.86 -38.43
C ASN B 166 -15.04 0.81 -39.46
N LYS B 167 -15.29 1.06 -40.75
CA LYS B 167 -14.84 0.13 -41.78
C LYS B 167 -13.32 0.08 -41.85
N ASN B 168 -12.66 1.22 -41.63
CA ASN B 168 -11.20 1.24 -41.65
C ASN B 168 -10.62 0.48 -40.47
N LEU B 169 -11.21 0.64 -39.28
CA LEU B 169 -10.72 -0.06 -38.11
C LEU B 169 -10.97 -1.56 -38.21
N ASN B 170 -12.14 -1.96 -38.73
CA ASN B 170 -12.48 -3.37 -38.82
C ASN B 170 -11.56 -4.12 -39.78
N GLU B 171 -11.08 -3.46 -40.83
CA GLU B 171 -10.24 -4.08 -41.83
C GLU B 171 -8.76 -3.81 -41.61
N ASP B 172 -8.38 -3.29 -40.46
CA ASP B 172 -6.98 -2.94 -40.19
C ASP B 172 -6.20 -4.22 -39.90
N ASP B 173 -5.13 -4.44 -40.68
CA ASP B 173 -4.26 -5.61 -40.51
C ASP B 173 -2.84 -5.21 -40.12
N THR B 174 -2.66 -4.04 -39.52
CA THR B 174 -1.33 -3.58 -39.17
C THR B 174 -0.69 -4.50 -38.13
N PHE B 175 0.58 -4.84 -38.36
CA PHE B 175 1.30 -5.76 -37.50
C PHE B 175 2.76 -5.37 -37.45
N LEU B 176 3.44 -5.79 -36.38
CA LEU B 176 4.85 -5.53 -36.16
C LEU B 176 5.62 -6.83 -36.03
N VAL B 177 6.94 -6.73 -36.15
CA VAL B 177 7.84 -7.88 -36.12
C VAL B 177 8.82 -7.69 -34.97
N PHE B 178 8.95 -8.71 -34.13
CA PHE B 178 9.83 -8.67 -32.98
C PHE B 178 10.62 -9.97 -32.89
N SER B 179 11.73 -9.91 -32.17
CA SER B 179 12.57 -11.07 -31.94
C SER B 179 12.30 -11.67 -30.56
N LYS B 180 12.91 -12.83 -30.32
CA LYS B 180 12.73 -13.51 -29.04
C LYS B 180 13.28 -12.67 -27.89
N ALA B 181 14.44 -12.05 -28.09
CA ALA B 181 15.03 -11.22 -27.04
C ALA B 181 14.21 -9.99 -26.75
N GLU B 182 13.57 -9.41 -27.78
CA GLU B 182 12.71 -8.25 -27.58
C GLU B 182 11.41 -8.60 -26.88
N LEU B 183 11.07 -9.88 -26.77
CA LEU B 183 9.86 -10.29 -26.07
C LEU B 183 10.22 -10.94 -24.73
N GLY B 184 11.00 -10.23 -23.92
CA GLY B 184 11.40 -10.77 -22.64
C GLY B 184 10.23 -10.85 -21.66
N ALA B 185 10.33 -11.79 -20.73
CA ALA B 185 9.37 -12.05 -19.66
C ALA B 185 8.01 -12.53 -20.17
N LEU B 186 7.84 -12.69 -21.49
CA LEU B 186 6.57 -13.18 -22.00
C LEU B 186 6.52 -14.70 -21.90
N PRO B 187 5.40 -15.26 -21.47
CA PRO B 187 5.31 -16.72 -21.30
C PRO B 187 5.38 -17.44 -22.64
N ASP B 188 5.80 -18.70 -22.57
CA ASP B 188 6.00 -19.48 -23.79
C ASP B 188 4.70 -19.89 -24.46
N ASP B 189 3.58 -19.92 -23.72
CA ASP B 189 2.30 -20.20 -24.36
C ASP B 189 1.88 -19.09 -25.32
N PHE B 190 2.41 -17.88 -25.15
CA PHE B 190 2.14 -16.77 -26.05
C PHE B 190 3.16 -16.69 -27.18
N ILE B 191 4.43 -16.97 -26.89
CA ILE B 191 5.47 -16.88 -27.90
C ILE B 191 5.31 -18.00 -28.92
N ASP B 192 5.08 -19.24 -28.45
CA ASP B 192 4.99 -20.39 -29.34
C ASP B 192 3.72 -20.38 -30.20
N SER B 193 2.76 -19.52 -29.89
CA SER B 193 1.52 -19.42 -30.66
C SER B 193 1.51 -18.22 -31.61
N LEU B 194 2.66 -17.85 -32.13
CA LEU B 194 2.78 -16.73 -33.05
C LEU B 194 3.45 -17.19 -34.35
N GLU B 195 3.10 -16.50 -35.44
CA GLU B 195 3.69 -16.82 -36.73
C GLU B 195 5.15 -16.40 -36.76
N LYS B 196 6.02 -17.29 -37.23
CA LYS B 196 7.45 -17.03 -37.33
C LYS B 196 7.81 -16.59 -38.74
N THR B 197 8.70 -15.61 -38.84
CA THR B 197 9.14 -15.09 -40.13
C THR B 197 10.35 -15.89 -40.64
N ASP B 198 10.94 -15.43 -41.74
CA ASP B 198 12.11 -16.10 -42.29
C ASP B 198 13.34 -15.86 -41.42
N ASP B 199 13.51 -14.63 -40.93
CA ASP B 199 14.67 -14.30 -40.09
C ASP B 199 14.45 -14.68 -38.65
N ASP B 200 13.65 -15.73 -38.41
CA ASP B 200 13.39 -16.30 -37.10
C ASP B 200 12.76 -15.29 -36.13
N LYS B 201 12.19 -14.21 -36.65
CA LYS B 201 11.47 -13.26 -35.82
C LYS B 201 9.98 -13.60 -35.79
N TYR B 202 9.28 -13.00 -34.84
CA TYR B 202 7.87 -13.29 -34.61
C TYR B 202 7.01 -12.11 -35.05
N LYS B 203 5.77 -12.42 -35.45
CA LYS B 203 4.79 -11.42 -35.86
C LYS B 203 3.72 -11.29 -34.79
N ILE B 204 3.42 -10.06 -34.40
CA ILE B 204 2.39 -9.76 -33.42
C ILE B 204 1.43 -8.76 -34.03
N THR B 205 0.14 -9.09 -34.01
CA THR B 205 -0.90 -8.21 -34.54
C THR B 205 -1.28 -7.16 -33.49
N LEU B 206 -2.24 -6.31 -33.86
CA LEU B 206 -2.72 -5.23 -32.99
C LEU B 206 -4.11 -5.52 -32.44
N LYS B 207 -4.38 -6.79 -32.11
CA LYS B 207 -5.65 -7.19 -31.55
C LYS B 207 -5.51 -7.45 -30.06
N TYR B 208 -6.65 -7.64 -29.40
CA TYR B 208 -6.70 -7.73 -27.94
C TYR B 208 -5.96 -8.95 -27.41
N PRO B 209 -6.09 -10.15 -28.00
CA PRO B 209 -5.30 -11.29 -27.52
C PRO B 209 -3.80 -11.13 -27.72
N HIS B 210 -3.35 -10.15 -28.49
CA HIS B 210 -1.92 -9.93 -28.73
C HIS B 210 -1.41 -8.63 -28.13
N TYR B 211 -2.21 -7.56 -28.16
CA TYR B 211 -1.72 -6.26 -27.71
C TYR B 211 -1.59 -6.20 -26.20
N PHE B 212 -2.63 -6.59 -25.48
CA PHE B 212 -2.66 -6.45 -24.03
C PHE B 212 -1.66 -7.37 -23.32
N PRO B 213 -1.53 -8.65 -23.70
CA PRO B 213 -0.49 -9.47 -23.05
C PRO B 213 0.92 -8.91 -23.22
N VAL B 214 1.20 -8.20 -24.32
CA VAL B 214 2.51 -7.62 -24.51
C VAL B 214 2.68 -6.37 -23.65
N MET B 215 1.69 -5.47 -23.68
CA MET B 215 1.77 -4.24 -22.92
C MET B 215 1.68 -4.46 -21.42
N LYS B 216 1.30 -5.65 -20.97
CA LYS B 216 1.14 -5.94 -19.56
C LYS B 216 2.27 -6.80 -18.98
N LYS B 217 3.10 -7.42 -19.83
CA LYS B 217 4.11 -8.33 -19.30
C LYS B 217 5.47 -8.24 -20.00
N CYS B 218 5.60 -7.52 -21.10
CA CYS B 218 6.90 -7.42 -21.78
C CYS B 218 7.80 -6.47 -21.01
N CYS B 219 8.94 -6.97 -20.54
CA CYS B 219 9.86 -6.16 -19.75
C CYS B 219 10.70 -5.22 -20.59
N ILE B 220 10.81 -5.46 -21.90
CA ILE B 220 11.59 -4.60 -22.79
C ILE B 220 10.81 -3.31 -23.05
N PRO B 221 11.31 -2.16 -22.62
CA PRO B 221 10.56 -0.91 -22.83
C PRO B 221 10.44 -0.53 -24.29
N GLU B 222 11.46 -0.79 -25.11
CA GLU B 222 11.40 -0.42 -26.52
C GLU B 222 10.35 -1.23 -27.26
N THR B 223 10.13 -2.48 -26.85
CA THR B 223 9.08 -3.29 -27.47
C THR B 223 7.70 -2.74 -27.13
N ARG B 224 7.52 -2.23 -25.91
CA ARG B 224 6.24 -1.64 -25.54
C ARG B 224 6.01 -0.30 -26.23
N ARG B 225 7.09 0.43 -26.55
CA ARG B 225 6.93 1.70 -27.24
C ARG B 225 6.45 1.50 -28.68
N ARG B 226 7.00 0.51 -29.38
CA ARG B 226 6.59 0.26 -30.76
C ARG B 226 5.16 -0.25 -30.83
N MET B 227 4.77 -1.11 -29.89
CA MET B 227 3.40 -1.62 -29.89
C MET B 227 2.40 -0.51 -29.55
N GLU B 228 2.76 0.36 -28.61
CA GLU B 228 1.87 1.46 -28.26
C GLU B 228 1.77 2.47 -29.40
N MET B 229 2.87 2.70 -30.12
CA MET B 229 2.85 3.65 -31.23
C MET B 229 1.92 3.18 -32.34
N ALA B 230 2.02 1.90 -32.71
CA ALA B 230 1.20 1.39 -33.82
C ALA B 230 -0.25 1.21 -33.42
N PHE B 231 -0.52 0.97 -32.12
CA PHE B 231 -1.88 0.74 -31.70
C PHE B 231 -2.70 2.03 -31.67
N ASN B 232 -2.06 3.15 -31.32
CA ASN B 232 -2.74 4.44 -31.26
C ASN B 232 -2.60 5.24 -32.55
N THR B 233 -2.02 4.65 -33.61
CA THR B 233 -1.95 5.28 -34.92
C THR B 233 -2.69 4.46 -35.97
N ARG B 234 -3.53 3.51 -35.57
CA ARG B 234 -4.31 2.74 -36.52
C ARG B 234 -5.28 3.66 -37.27
N CYS B 235 -5.15 3.67 -38.59
CA CYS B 235 -5.99 4.50 -39.47
C CYS B 235 -5.86 5.98 -39.13
N LYS B 236 -4.65 6.41 -38.71
CA LYS B 236 -4.45 7.81 -38.37
C LYS B 236 -4.64 8.71 -39.59
N GLU B 237 -4.21 8.25 -40.76
CA GLU B 237 -4.28 9.09 -41.95
C GLU B 237 -5.71 9.32 -42.40
N GLU B 238 -6.49 8.25 -42.54
CA GLU B 238 -7.81 8.35 -43.14
C GLU B 238 -8.91 8.71 -42.15
N ASN B 239 -8.81 8.25 -40.89
CA ASN B 239 -9.85 8.56 -39.92
C ASN B 239 -9.74 9.98 -39.36
N THR B 240 -8.56 10.60 -39.43
CA THR B 240 -8.46 12.00 -39.05
C THR B 240 -9.21 12.89 -40.04
N ILE B 241 -9.17 12.54 -41.33
CA ILE B 241 -9.91 13.29 -42.33
C ILE B 241 -11.41 13.20 -42.06
N ILE B 242 -11.88 12.05 -41.57
CA ILE B 242 -13.29 11.90 -41.24
C ILE B 242 -13.66 12.77 -40.05
N LEU B 243 -12.79 12.81 -39.03
CA LEU B 243 -13.05 13.66 -37.87
C LEU B 243 -12.98 15.14 -38.23
N GLN B 244 -12.16 15.50 -39.22
CA GLN B 244 -12.10 16.88 -39.66
C GLN B 244 -13.38 17.32 -40.37
N GLN B 245 -14.21 16.36 -40.80
CA GLN B 245 -15.49 16.66 -41.44
C GLN B 245 -16.69 16.34 -40.57
N LEU B 246 -16.65 15.22 -39.83
CA LEU B 246 -17.81 14.79 -39.06
C LEU B 246 -18.10 15.73 -37.91
N LEU B 247 -17.07 16.08 -37.12
CA LEU B 247 -17.28 16.96 -35.99
C LEU B 247 -17.78 18.35 -36.38
N PRO B 248 -17.27 19.02 -37.41
CA PRO B 248 -17.90 20.28 -37.83
C PRO B 248 -19.30 20.09 -38.38
N LEU B 249 -19.56 18.98 -39.08
CA LEU B 249 -20.89 18.71 -39.59
C LEU B 249 -21.89 18.45 -38.46
N ARG B 250 -21.43 17.82 -37.37
CA ARG B 250 -22.33 17.53 -36.27
C ARG B 250 -22.77 18.80 -35.56
N THR B 251 -21.88 19.78 -35.45
CA THR B 251 -22.24 21.06 -34.85
C THR B 251 -23.01 21.95 -35.81
N LYS B 252 -22.88 21.73 -37.12
CA LYS B 252 -23.61 22.56 -38.07
C LYS B 252 -25.07 22.12 -38.19
N VAL B 253 -25.33 20.81 -38.12
CA VAL B 253 -26.71 20.32 -38.16
C VAL B 253 -27.43 20.62 -36.85
N ALA B 254 -26.70 20.78 -35.74
CA ALA B 254 -27.34 21.10 -34.48
C ALA B 254 -27.72 22.58 -34.40
N LYS B 255 -26.90 23.46 -34.97
CA LYS B 255 -27.23 24.88 -34.96
C LYS B 255 -28.44 25.18 -35.83
N LEU B 256 -28.64 24.41 -36.90
CA LEU B 256 -29.82 24.62 -37.75
C LEU B 256 -31.10 24.21 -37.04
N LEU B 257 -31.01 23.26 -36.11
CA LEU B 257 -32.18 22.79 -35.36
C LEU B 257 -32.49 23.65 -34.14
N GLY B 258 -31.64 24.63 -33.83
CA GLY B 258 -31.86 25.49 -32.68
C GLY B 258 -31.01 25.15 -31.47
N TYR B 259 -30.14 24.15 -31.56
CA TYR B 259 -29.29 23.77 -30.45
C TYR B 259 -27.94 24.46 -30.55
N SER B 260 -27.38 24.82 -29.39
CA SER B 260 -26.11 25.54 -29.37
C SER B 260 -24.97 24.67 -29.87
N THR B 261 -24.87 23.45 -29.35
CA THR B 261 -23.83 22.51 -29.74
C THR B 261 -24.47 21.15 -30.00
N HIS B 262 -23.69 20.25 -30.60
CA HIS B 262 -24.18 18.90 -30.83
C HIS B 262 -24.30 18.11 -29.54
N ALA B 263 -23.49 18.46 -28.53
CA ALA B 263 -23.62 17.81 -27.22
C ALA B 263 -24.97 18.13 -26.58
N ASP B 264 -25.40 19.38 -26.66
CA ASP B 264 -26.73 19.75 -26.17
C ASP B 264 -27.83 19.07 -26.97
N PHE B 265 -27.56 18.71 -28.23
CA PHE B 265 -28.59 18.09 -29.06
C PHE B 265 -28.86 16.65 -28.64
N VAL B 266 -27.79 15.88 -28.41
CA VAL B 266 -27.98 14.47 -28.06
C VAL B 266 -28.26 14.28 -26.58
N LEU B 267 -27.97 15.27 -25.73
CA LEU B 267 -28.23 15.13 -24.31
C LEU B 267 -29.71 15.24 -23.98
N GLU B 268 -30.52 15.79 -24.89
CA GLU B 268 -31.96 15.87 -24.64
C GLU B 268 -32.62 14.50 -24.68
N MET B 269 -32.07 13.57 -25.47
CA MET B 269 -32.59 12.21 -25.57
C MET B 269 -32.00 11.28 -24.52
N ASN B 270 -31.37 11.81 -23.49
CA ASN B 270 -30.76 11.02 -22.43
C ASN B 270 -31.34 11.42 -21.08
N THR B 271 -31.00 10.64 -20.06
CA THR B 271 -31.48 10.90 -18.70
C THR B 271 -30.74 12.03 -18.02
N ALA B 272 -29.55 12.40 -18.52
CA ALA B 272 -28.82 13.53 -17.98
C ALA B 272 -29.38 14.88 -18.43
N LYS B 273 -30.23 14.88 -19.46
CA LYS B 273 -30.98 16.05 -19.90
C LYS B 273 -30.09 17.17 -20.46
N SER B 274 -29.12 17.63 -19.69
CA SER B 274 -28.32 18.78 -20.07
C SER B 274 -26.83 18.45 -19.99
N THR B 275 -26.04 19.18 -20.75
CA THR B 275 -24.59 19.05 -20.72
C THR B 275 -23.97 19.73 -19.50
N SER B 276 -24.66 20.70 -18.91
CA SER B 276 -24.14 21.37 -17.72
C SER B 276 -24.07 20.42 -16.53
N ARG B 277 -24.95 19.42 -16.48
CA ARG B 277 -24.89 18.44 -15.40
C ARG B 277 -23.90 17.33 -15.68
N VAL B 278 -23.64 17.04 -16.96
CA VAL B 278 -22.66 16.02 -17.31
C VAL B 278 -21.25 16.48 -16.96
N THR B 279 -20.91 17.71 -17.36
CA THR B 279 -19.59 18.25 -17.03
C THR B 279 -19.42 18.44 -15.53
N ALA B 280 -20.51 18.67 -14.81
CA ALA B 280 -20.43 18.75 -13.35
C ALA B 280 -20.21 17.38 -12.72
N PHE B 281 -20.79 16.33 -13.30
CA PHE B 281 -20.59 14.99 -12.78
C PHE B 281 -19.17 14.50 -13.02
N LEU B 282 -18.59 14.83 -14.17
CA LEU B 282 -17.25 14.36 -14.50
C LEU B 282 -16.18 15.14 -13.73
N ASP B 283 -16.33 16.47 -13.63
CA ASP B 283 -15.31 17.26 -12.96
C ASP B 283 -15.31 17.04 -11.46
N ASP B 284 -16.47 16.82 -10.85
CA ASP B 284 -16.53 16.55 -9.43
C ASP B 284 -16.08 15.14 -9.09
N LEU B 285 -16.32 14.18 -9.99
CA LEU B 285 -15.78 12.84 -9.80
C LEU B 285 -14.27 12.82 -9.97
N SER B 286 -13.74 13.68 -10.85
CA SER B 286 -12.30 13.75 -11.06
C SER B 286 -11.57 14.31 -9.84
N GLN B 287 -12.25 15.10 -9.01
CA GLN B 287 -11.63 15.62 -7.80
C GLN B 287 -11.51 14.54 -6.72
N LYS B 288 -12.52 13.68 -6.62
CA LYS B 288 -12.49 12.61 -5.61
C LYS B 288 -11.42 11.57 -5.94
N LEU B 289 -11.08 11.42 -7.22
CA LEU B 289 -10.06 10.47 -7.65
C LEU B 289 -8.69 11.11 -7.80
N LYS B 290 -8.58 12.42 -7.59
CA LYS B 290 -7.29 13.09 -7.75
C LYS B 290 -6.24 12.60 -6.74
N PRO B 291 -6.53 12.51 -5.43
CA PRO B 291 -5.50 11.98 -4.53
C PRO B 291 -5.17 10.52 -4.78
N LEU B 292 -6.15 9.72 -5.23
CA LEU B 292 -5.87 8.33 -5.58
C LEU B 292 -4.94 8.25 -6.78
N GLY B 293 -5.17 9.09 -7.80
CA GLY B 293 -4.30 9.08 -8.96
C GLY B 293 -2.88 9.51 -8.65
N GLU B 294 -2.70 10.43 -7.71
CA GLU B 294 -1.36 10.86 -7.35
C GLU B 294 -0.61 9.78 -6.57
N ALA B 295 -1.33 9.01 -5.75
CA ALA B 295 -0.69 7.94 -5.00
C ALA B 295 -0.27 6.79 -5.90
N GLU B 296 -1.10 6.49 -6.91
CA GLU B 296 -0.76 5.40 -7.83
C GLU B 296 0.38 5.79 -8.75
N ARG B 297 0.44 7.05 -9.16
CA ARG B 297 1.52 7.49 -10.05
C ARG B 297 2.87 7.48 -9.34
N GLU B 298 2.90 7.87 -8.07
CA GLU B 298 4.16 7.83 -7.32
C GLU B 298 4.62 6.40 -7.08
N PHE B 299 3.68 5.48 -6.83
CA PHE B 299 4.05 4.08 -6.64
C PHE B 299 4.52 3.47 -7.95
N ILE B 300 3.84 3.78 -9.05
CA ILE B 300 4.28 3.28 -10.36
C ILE B 300 5.64 3.86 -10.73
N LEU B 301 5.85 5.15 -10.42
CA LEU B 301 7.12 5.78 -10.72
C LEU B 301 8.25 5.16 -9.90
N ASN B 302 7.96 4.76 -8.67
CA ASN B 302 8.98 4.09 -7.85
C ASN B 302 9.30 2.72 -8.41
N LEU B 303 8.30 1.99 -8.91
CA LEU B 303 8.55 0.71 -9.54
C LEU B 303 9.39 0.87 -10.80
N LYS B 304 9.09 1.88 -11.62
CA LYS B 304 9.88 2.12 -12.82
C LYS B 304 11.31 2.54 -12.49
N LYS B 305 11.50 3.29 -11.41
CA LYS B 305 12.84 3.72 -11.03
C LYS B 305 13.68 2.55 -10.53
N LYS B 306 13.07 1.62 -9.78
CA LYS B 306 13.82 0.49 -9.26
C LYS B 306 14.12 -0.52 -10.36
N GLU B 307 13.16 -0.78 -11.26
CA GLU B 307 13.36 -1.76 -12.31
C GLU B 307 14.40 -1.29 -13.32
N CYS B 308 14.40 0.01 -13.64
CA CYS B 308 15.42 0.54 -14.55
C CYS B 308 16.81 0.45 -13.92
N LYS B 309 16.90 0.63 -12.60
CA LYS B 309 18.19 0.50 -11.93
C LYS B 309 18.62 -0.95 -11.82
N ASP B 310 17.65 -1.86 -11.58
CA ASP B 310 17.99 -3.26 -11.43
C ASP B 310 18.34 -3.91 -12.77
N ARG B 311 17.71 -3.47 -13.86
CA ARG B 311 17.97 -4.04 -15.18
C ARG B 311 19.01 -3.26 -15.97
N GLY B 312 19.32 -2.04 -15.56
CA GLY B 312 20.29 -1.23 -16.28
C GLY B 312 19.71 -0.38 -17.39
N PHE B 313 18.46 0.04 -17.27
CA PHE B 313 17.83 0.88 -18.28
C PHE B 313 18.00 2.36 -17.94
N GLU B 314 17.58 3.20 -18.89
CA GLU B 314 17.67 4.65 -18.73
C GLU B 314 16.35 5.15 -18.15
N TYR B 315 16.38 5.55 -16.88
CA TYR B 315 15.19 6.04 -16.18
C TYR B 315 14.98 7.51 -16.53
N ASP B 316 13.91 7.80 -17.28
CA ASP B 316 13.65 9.17 -17.73
C ASP B 316 12.95 10.02 -16.69
N GLY B 317 12.34 9.40 -15.68
CA GLY B 317 11.71 10.14 -14.61
C GLY B 317 10.23 10.43 -14.79
N LYS B 318 9.61 9.91 -15.85
CA LYS B 318 8.20 10.14 -16.11
C LYS B 318 7.52 8.84 -16.48
N ILE B 319 6.21 8.82 -16.33
CA ILE B 319 5.39 7.65 -16.67
C ILE B 319 4.90 7.85 -18.11
N ASN B 320 5.43 7.06 -19.03
CA ASN B 320 5.03 7.15 -20.42
C ASN B 320 3.72 6.39 -20.65
N ALA B 321 3.14 6.59 -21.85
CA ALA B 321 1.88 5.95 -22.18
C ALA B 321 2.02 4.44 -22.27
N TRP B 322 3.16 3.96 -22.75
CA TRP B 322 3.38 2.52 -22.88
C TRP B 322 3.83 1.86 -21.58
N ASP B 323 4.02 2.64 -20.51
CA ASP B 323 4.42 2.11 -19.22
C ASP B 323 3.24 1.87 -18.29
N LEU B 324 2.03 2.33 -18.65
CA LEU B 324 0.91 2.27 -17.72
C LEU B 324 0.48 0.83 -17.46
N TYR B 325 0.19 0.08 -18.53
CA TYR B 325 -0.29 -1.28 -18.36
C TYR B 325 0.76 -2.18 -17.72
N TYR B 326 2.03 -1.95 -18.04
CA TYR B 326 3.08 -2.85 -17.57
C TYR B 326 3.28 -2.73 -16.06
N TYR B 327 3.14 -1.52 -15.51
CA TYR B 327 3.37 -1.31 -14.08
C TYR B 327 2.09 -1.39 -13.26
N MET B 328 0.92 -1.18 -13.87
CA MET B 328 -0.33 -1.49 -13.17
C MET B 328 -0.45 -2.98 -12.90
N THR B 329 0.11 -3.81 -13.77
CA THR B 329 0.12 -5.25 -13.52
C THR B 329 1.04 -5.60 -12.35
N GLN B 330 2.17 -4.90 -12.24
CA GLN B 330 3.05 -5.12 -11.09
C GLN B 330 2.41 -4.65 -9.80
N THR B 331 1.62 -3.58 -9.84
CA THR B 331 0.86 -3.16 -8.66
C THR B 331 -0.17 -4.20 -8.27
N GLU B 332 -0.74 -4.90 -9.26
CA GLU B 332 -1.73 -5.94 -8.96
C GLU B 332 -1.06 -7.18 -8.39
N GLU B 333 0.16 -7.49 -8.81
CA GLU B 333 0.85 -8.69 -8.35
C GLU B 333 1.52 -8.49 -6.99
N LEU B 334 1.97 -7.27 -6.70
CA LEU B 334 2.69 -7.02 -5.46
C LEU B 334 1.76 -6.67 -4.30
N LYS B 335 0.72 -5.87 -4.56
CA LYS B 335 -0.17 -5.43 -3.49
C LYS B 335 -1.33 -6.38 -3.24
N TYR B 336 -1.60 -7.33 -4.15
CA TYR B 336 -2.73 -8.23 -3.97
C TYR B 336 -2.44 -9.68 -4.37
N SER B 337 -1.21 -10.02 -4.75
CA SER B 337 -0.81 -11.40 -5.02
C SER B 337 -1.66 -12.05 -6.10
N ILE B 338 -2.00 -11.28 -7.14
CA ILE B 338 -2.84 -11.75 -8.23
C ILE B 338 -1.96 -11.93 -9.45
N ASP B 339 -1.62 -13.18 -9.77
CA ASP B 339 -0.87 -13.52 -10.98
C ASP B 339 -1.88 -13.93 -12.03
N GLN B 340 -2.12 -13.05 -13.01
CA GLN B 340 -3.14 -13.30 -14.01
C GLN B 340 -2.80 -14.51 -14.87
N GLU B 341 -1.52 -14.76 -15.13
CA GLU B 341 -1.15 -15.93 -15.92
C GLU B 341 -1.40 -17.23 -15.17
N PHE B 342 -1.34 -17.19 -13.85
CA PHE B 342 -1.64 -18.37 -13.04
C PHE B 342 -3.13 -18.52 -12.76
N LEU B 343 -3.86 -17.41 -12.63
CA LEU B 343 -5.28 -17.49 -12.32
C LEU B 343 -6.08 -17.97 -13.51
N LYS B 344 -5.59 -17.75 -14.73
CA LYS B 344 -6.35 -18.16 -15.91
C LYS B 344 -6.41 -19.67 -16.07
N GLU B 345 -5.53 -20.41 -15.39
CA GLU B 345 -5.62 -21.87 -15.42
C GLU B 345 -6.89 -22.39 -14.75
N TYR B 346 -7.51 -21.57 -13.91
CA TYR B 346 -8.75 -21.93 -13.23
C TYR B 346 -10.00 -21.47 -13.96
N PHE B 347 -9.85 -20.77 -15.10
CA PHE B 347 -10.98 -20.26 -15.87
C PHE B 347 -10.91 -20.77 -17.31
N PRO B 348 -11.18 -22.04 -17.54
CA PRO B 348 -11.32 -22.52 -18.92
C PRO B 348 -12.63 -22.06 -19.52
N ILE B 349 -12.67 -22.03 -20.86
CA ILE B 349 -13.81 -21.43 -21.55
C ILE B 349 -15.08 -22.24 -21.31
N GLU B 350 -14.96 -23.57 -21.21
CA GLU B 350 -16.14 -24.40 -21.04
C GLU B 350 -16.76 -24.22 -19.66
N VAL B 351 -15.91 -24.15 -18.63
CA VAL B 351 -16.41 -24.01 -17.26
C VAL B 351 -16.99 -22.61 -17.04
N VAL B 352 -16.33 -21.59 -17.59
CA VAL B 352 -16.84 -20.22 -17.45
C VAL B 352 -18.19 -20.08 -18.15
N THR B 353 -18.32 -20.68 -19.34
CA THR B 353 -19.59 -20.59 -20.06
C THR B 353 -20.71 -21.29 -19.30
N GLU B 354 -20.45 -22.50 -18.79
CA GLU B 354 -21.47 -23.22 -18.03
C GLU B 354 -21.83 -22.46 -16.76
N GLY B 355 -20.82 -21.98 -16.03
CA GLY B 355 -21.09 -21.25 -14.80
C GLY B 355 -21.81 -19.94 -15.04
N LEU B 356 -21.50 -19.27 -16.15
CA LEU B 356 -22.17 -18.01 -16.48
C LEU B 356 -23.66 -18.25 -16.77
N LEU B 357 -23.96 -19.29 -17.54
CA LEU B 357 -25.36 -19.59 -17.85
C LEU B 357 -26.12 -20.05 -16.60
N ASN B 358 -25.51 -20.94 -15.81
CA ASN B 358 -26.18 -21.46 -14.62
C ASN B 358 -26.41 -20.36 -13.59
N THR B 359 -25.54 -19.34 -13.55
CA THR B 359 -25.73 -18.25 -12.61
C THR B 359 -27.00 -17.47 -12.91
N TYR B 360 -27.28 -17.25 -14.20
CA TYR B 360 -28.43 -16.47 -14.61
C TYR B 360 -29.61 -17.34 -15.06
N GLN B 361 -29.42 -18.65 -15.20
CA GLN B 361 -30.56 -19.53 -15.41
C GLN B 361 -31.47 -19.57 -14.18
N GLU B 362 -30.87 -19.55 -12.99
CA GLU B 362 -31.63 -19.61 -11.75
C GLU B 362 -31.96 -18.22 -11.20
N LEU B 363 -31.14 -17.22 -11.50
CA LEU B 363 -31.38 -15.88 -10.98
C LEU B 363 -32.59 -15.24 -11.64
N LEU B 364 -32.61 -15.19 -12.96
CA LEU B 364 -33.70 -14.57 -13.71
C LEU B 364 -34.82 -15.54 -14.06
N GLY B 365 -34.70 -16.80 -13.64
CA GLY B 365 -35.72 -17.80 -13.96
C GLY B 365 -35.83 -18.09 -15.43
N LEU B 366 -34.75 -18.60 -16.03
CA LEU B 366 -34.71 -18.92 -17.44
C LEU B 366 -34.19 -20.34 -17.63
N SER B 367 -34.27 -20.82 -18.87
CA SER B 367 -33.78 -22.14 -19.24
C SER B 367 -33.04 -22.02 -20.56
N PHE B 368 -31.77 -22.43 -20.57
CA PHE B 368 -30.92 -22.34 -21.76
C PHE B 368 -30.71 -23.74 -22.34
N GLU B 369 -30.69 -23.81 -23.67
CA GLU B 369 -30.49 -25.08 -24.35
C GLU B 369 -29.74 -24.82 -25.65
N GLN B 370 -28.57 -25.43 -25.79
CA GLN B 370 -27.77 -25.27 -26.99
C GLN B 370 -28.37 -26.02 -28.16
N MET B 371 -28.35 -25.39 -29.34
CA MET B 371 -28.83 -25.98 -30.57
C MET B 371 -27.68 -26.66 -31.29
N THR B 372 -27.86 -27.93 -31.64
CA THR B 372 -26.81 -28.71 -32.29
C THR B 372 -26.55 -28.27 -33.72
N ASP B 373 -27.47 -28.56 -34.63
CA ASP B 373 -27.31 -28.23 -36.04
C ASP B 373 -27.68 -26.76 -36.27
N ALA B 374 -26.88 -25.88 -35.68
CA ALA B 374 -27.17 -24.45 -35.72
C ALA B 374 -26.68 -23.85 -37.03
N HIS B 375 -27.53 -23.05 -37.66
CA HIS B 375 -27.18 -22.31 -38.88
C HIS B 375 -26.54 -21.00 -38.45
N VAL B 376 -25.22 -20.93 -38.59
CA VAL B 376 -24.46 -19.77 -38.11
C VAL B 376 -23.57 -19.27 -39.25
N TRP B 377 -23.01 -18.07 -39.04
CA TRP B 377 -22.14 -17.43 -40.01
C TRP B 377 -20.69 -17.88 -39.90
N ASN B 378 -20.35 -18.70 -38.90
CA ASN B 378 -18.98 -19.14 -38.74
C ASN B 378 -19.00 -20.38 -37.84
N LYS B 379 -18.11 -21.34 -38.15
CA LYS B 379 -18.16 -22.63 -37.48
C LYS B 379 -17.91 -22.56 -35.98
N SER B 380 -17.27 -21.49 -35.50
CA SER B 380 -16.97 -21.34 -34.08
C SER B 380 -18.07 -20.58 -33.34
N VAL B 381 -19.28 -20.52 -33.89
CA VAL B 381 -20.40 -19.80 -33.30
C VAL B 381 -21.46 -20.82 -32.88
N THR B 382 -21.82 -20.77 -31.60
CA THR B 382 -22.86 -21.64 -31.05
C THR B 382 -24.17 -20.86 -30.90
N LEU B 383 -25.28 -21.60 -30.89
CA LEU B 383 -26.60 -21.03 -30.76
C LEU B 383 -27.30 -21.62 -29.55
N TYR B 384 -27.96 -20.76 -28.78
CA TYR B 384 -28.69 -21.16 -27.60
C TYR B 384 -30.12 -20.61 -27.65
N THR B 385 -31.05 -21.36 -27.08
CA THR B 385 -32.45 -20.99 -27.01
C THR B 385 -32.82 -20.70 -25.56
N VAL B 386 -33.49 -19.57 -25.32
CA VAL B 386 -33.85 -19.14 -23.98
C VAL B 386 -35.33 -19.45 -23.76
N LYS B 387 -35.63 -20.15 -22.67
CA LYS B 387 -37.00 -20.46 -22.28
C LYS B 387 -37.28 -19.84 -20.92
N ASP B 388 -38.56 -19.55 -20.66
CA ASP B 388 -38.98 -19.14 -19.33
C ASP B 388 -39.07 -20.37 -18.44
N LYS B 389 -38.41 -20.33 -17.29
CA LYS B 389 -38.31 -21.52 -16.45
C LYS B 389 -39.69 -21.95 -15.94
N ALA B 390 -40.53 -20.99 -15.56
CA ALA B 390 -41.80 -21.34 -14.93
C ALA B 390 -42.88 -21.68 -15.95
N THR B 391 -42.91 -20.99 -17.09
CA THR B 391 -43.97 -21.15 -18.06
C THR B 391 -43.54 -21.87 -19.34
N GLY B 392 -42.26 -22.19 -19.49
CA GLY B 392 -41.80 -22.82 -20.71
C GLY B 392 -41.90 -21.96 -21.95
N GLU B 393 -42.14 -20.66 -21.80
CA GLU B 393 -42.28 -19.77 -22.94
C GLU B 393 -40.92 -19.52 -23.58
N VAL B 394 -40.84 -19.73 -24.90
CA VAL B 394 -39.61 -19.52 -25.66
C VAL B 394 -39.44 -18.01 -25.83
N LEU B 395 -38.56 -17.41 -25.03
CA LEU B 395 -38.35 -15.97 -25.10
C LEU B 395 -37.54 -15.58 -26.33
N GLY B 396 -36.40 -16.22 -26.54
CA GLY B 396 -35.58 -15.86 -27.68
C GLY B 396 -34.34 -16.74 -27.77
N GLN B 397 -33.50 -16.40 -28.73
CA GLN B 397 -32.22 -17.07 -28.97
C GLN B 397 -31.09 -16.04 -28.95
N PHE B 398 -29.86 -16.55 -28.95
CA PHE B 398 -28.68 -15.70 -29.02
C PHE B 398 -27.49 -16.55 -29.47
N TYR B 399 -26.61 -15.93 -30.25
CA TYR B 399 -25.40 -16.58 -30.72
C TYR B 399 -24.22 -16.24 -29.81
N LEU B 400 -23.19 -17.08 -29.86
CA LEU B 400 -21.97 -16.89 -29.09
C LEU B 400 -20.78 -16.92 -30.03
N ASP B 401 -20.15 -15.76 -30.25
CA ASP B 401 -18.97 -15.63 -31.09
C ASP B 401 -17.84 -15.13 -30.19
N LEU B 402 -17.01 -16.06 -29.72
CA LEU B 402 -16.05 -15.76 -28.65
C LEU B 402 -14.61 -15.64 -29.12
N TYR B 403 -14.29 -16.08 -30.34
CA TYR B 403 -12.89 -16.12 -30.73
C TYR B 403 -12.63 -15.21 -31.92
N PRO B 404 -11.52 -14.47 -31.91
CA PRO B 404 -11.24 -13.52 -32.98
C PRO B 404 -10.75 -14.22 -34.24
N ARG B 405 -10.87 -13.50 -35.36
CA ARG B 405 -10.43 -13.97 -36.66
C ARG B 405 -10.17 -12.76 -37.54
N GLU B 406 -9.87 -13.02 -38.81
CA GLU B 406 -9.64 -11.93 -39.75
C GLU B 406 -10.97 -11.27 -40.12
N GLY B 407 -11.01 -9.95 -40.06
CA GLY B 407 -12.20 -9.21 -40.44
C GLY B 407 -13.31 -9.24 -39.42
N LYS B 408 -13.05 -9.73 -38.21
CA LYS B 408 -14.05 -9.76 -37.15
C LYS B 408 -14.00 -8.46 -36.34
N TYR B 409 -15.15 -8.09 -35.79
CA TYR B 409 -15.24 -6.96 -34.88
C TYR B 409 -14.24 -7.12 -33.74
N ASN B 410 -13.29 -6.19 -33.64
CA ASN B 410 -12.12 -6.34 -32.79
C ASN B 410 -12.32 -5.79 -31.38
N HIS B 411 -13.53 -5.41 -31.01
CA HIS B 411 -13.80 -4.94 -29.65
C HIS B 411 -14.74 -5.94 -28.97
N ALA B 412 -15.78 -5.47 -28.29
CA ALA B 412 -16.72 -6.39 -27.65
C ALA B 412 -18.08 -5.69 -27.55
N ALA B 413 -19.06 -6.23 -28.28
CA ALA B 413 -20.38 -5.61 -28.34
C ALA B 413 -21.45 -6.70 -28.44
N CYS B 414 -22.71 -6.28 -28.36
CA CYS B 414 -23.85 -7.16 -28.49
C CYS B 414 -24.79 -6.56 -29.52
N PHE B 415 -25.13 -7.34 -30.55
CA PHE B 415 -25.92 -6.86 -31.67
C PHE B 415 -27.33 -7.43 -31.57
N GLY B 416 -28.32 -6.53 -31.48
CA GLY B 416 -29.71 -6.95 -31.52
C GLY B 416 -30.09 -7.32 -32.94
N LEU B 417 -30.50 -8.57 -33.15
CA LEU B 417 -30.79 -9.08 -34.48
C LEU B 417 -32.29 -9.16 -34.78
N GLN B 418 -33.10 -9.54 -33.78
CA GLN B 418 -34.54 -9.56 -33.94
C GLN B 418 -35.14 -8.96 -32.67
N PRO B 419 -36.09 -8.03 -32.79
CA PRO B 419 -36.72 -7.43 -31.61
C PRO B 419 -37.88 -8.26 -31.09
N GLY B 420 -38.01 -8.29 -29.76
CA GLY B 420 -39.12 -8.97 -29.13
C GLY B 420 -40.36 -8.12 -29.04
N CYS B 421 -41.05 -7.95 -30.17
CA CYS B 421 -42.22 -7.10 -30.26
C CYS B 421 -43.36 -7.87 -30.93
N LEU B 422 -44.51 -7.22 -31.06
CA LEU B 422 -45.68 -7.86 -31.64
C LEU B 422 -45.59 -7.87 -33.16
N LEU B 423 -46.17 -8.89 -33.76
CA LEU B 423 -46.25 -9.07 -35.19
C LEU B 423 -47.63 -8.62 -35.69
N PRO B 424 -47.79 -8.42 -37.00
CA PRO B 424 -49.11 -8.03 -37.52
C PRO B 424 -50.22 -9.01 -37.17
N ASP B 425 -49.93 -10.32 -37.18
CA ASP B 425 -50.94 -11.33 -36.90
C ASP B 425 -51.17 -11.56 -35.41
N GLY B 426 -50.82 -10.59 -34.57
CA GLY B 426 -51.07 -10.68 -33.14
C GLY B 426 -50.06 -11.47 -32.35
N SER B 427 -49.23 -12.29 -33.00
CA SER B 427 -48.25 -13.10 -32.29
C SER B 427 -47.05 -12.23 -31.89
N ARG B 428 -46.03 -12.87 -31.32
CA ARG B 428 -44.85 -12.18 -30.83
C ARG B 428 -43.60 -12.74 -31.51
N MET B 429 -42.68 -11.86 -31.86
CA MET B 429 -41.45 -12.25 -32.52
C MET B 429 -40.43 -12.74 -31.50
N MET B 430 -39.63 -13.73 -31.91
CA MET B 430 -38.60 -14.29 -31.06
C MET B 430 -37.37 -13.40 -31.10
N ALA B 431 -36.99 -12.86 -29.93
CA ALA B 431 -35.86 -11.95 -29.86
C ALA B 431 -34.55 -12.69 -30.06
N VAL B 432 -33.69 -12.15 -30.92
CA VAL B 432 -32.40 -12.76 -31.25
C VAL B 432 -31.31 -11.73 -30.99
N ALA B 433 -30.27 -12.14 -30.27
CA ALA B 433 -29.10 -11.31 -30.01
C ALA B 433 -27.84 -12.05 -30.48
N ALA B 434 -26.69 -11.41 -30.27
CA ALA B 434 -25.43 -11.99 -30.69
C ALA B 434 -24.31 -11.39 -29.83
N LEU B 435 -23.51 -12.26 -29.22
CA LEU B 435 -22.40 -11.85 -28.37
C LEU B 435 -21.11 -11.99 -29.17
N VAL B 436 -20.42 -10.87 -29.38
CA VAL B 436 -19.21 -10.82 -30.19
C VAL B 436 -18.07 -10.30 -29.32
N VAL B 437 -17.10 -11.17 -29.04
CA VAL B 437 -15.92 -10.83 -28.25
C VAL B 437 -14.71 -11.48 -28.88
N ASN B 438 -13.53 -11.06 -28.42
CA ASN B 438 -12.25 -11.55 -28.94
C ASN B 438 -11.44 -12.10 -27.76
N PHE B 439 -11.79 -13.32 -27.33
CA PHE B 439 -11.15 -13.95 -26.20
C PHE B 439 -9.89 -14.70 -26.62
N SER B 440 -9.18 -15.22 -25.64
CA SER B 440 -7.95 -15.96 -25.90
C SER B 440 -8.26 -17.27 -26.61
N GLN B 441 -7.30 -17.73 -27.40
CA GLN B 441 -7.43 -18.93 -28.22
C GLN B 441 -6.76 -20.12 -27.53
N PRO B 442 -7.17 -21.34 -27.86
CA PRO B 442 -6.52 -22.53 -27.27
C PRO B 442 -5.06 -22.63 -27.71
N VAL B 443 -4.16 -22.61 -26.74
CA VAL B 443 -2.73 -22.67 -27.01
C VAL B 443 -2.09 -23.75 -26.12
N ALA B 444 -0.93 -24.22 -26.56
CA ALA B 444 -0.12 -25.18 -25.80
C ALA B 444 -0.89 -26.46 -25.47
N GLY B 445 -1.81 -26.86 -26.35
CA GLY B 445 -2.60 -28.05 -26.11
C GLY B 445 -3.55 -27.93 -24.93
N ARG B 446 -3.98 -26.72 -24.61
CA ARG B 446 -4.90 -26.44 -23.52
C ARG B 446 -6.14 -25.76 -24.06
N PRO B 447 -7.28 -25.86 -23.36
CA PRO B 447 -8.47 -25.12 -23.78
C PRO B 447 -8.27 -23.63 -23.61
N SER B 448 -9.22 -22.85 -24.14
CA SER B 448 -9.15 -21.40 -24.01
C SER B 448 -9.22 -21.01 -22.55
N LEU B 449 -8.16 -20.39 -22.05
CA LEU B 449 -8.09 -19.92 -20.67
C LEU B 449 -8.32 -18.43 -20.64
N LEU B 450 -9.26 -17.98 -19.81
CA LEU B 450 -9.67 -16.59 -19.75
C LEU B 450 -9.09 -15.95 -18.50
N ARG B 451 -8.48 -14.78 -18.67
CA ARG B 451 -8.10 -13.97 -17.52
C ARG B 451 -9.36 -13.45 -16.82
N HIS B 452 -9.17 -12.94 -15.60
CA HIS B 452 -10.32 -12.47 -14.85
C HIS B 452 -10.98 -11.26 -15.51
N ASP B 453 -10.17 -10.39 -16.12
CA ASP B 453 -10.75 -9.25 -16.85
C ASP B 453 -11.47 -9.71 -18.11
N GLU B 454 -11.15 -10.89 -18.65
CA GLU B 454 -11.92 -11.43 -19.75
C GLU B 454 -13.25 -12.02 -19.28
N VAL B 455 -13.33 -12.46 -18.03
CA VAL B 455 -14.59 -12.96 -17.50
C VAL B 455 -15.55 -11.81 -17.21
N ARG B 456 -15.01 -10.65 -16.81
CA ARG B 456 -15.85 -9.47 -16.63
C ARG B 456 -16.50 -9.06 -17.96
N THR B 457 -15.71 -8.97 -19.02
CA THR B 457 -16.25 -8.64 -20.33
C THR B 457 -17.29 -9.68 -20.77
N TYR B 458 -17.05 -10.95 -20.44
CA TYR B 458 -18.03 -11.99 -20.73
C TYR B 458 -19.33 -11.73 -19.98
N PHE B 459 -19.24 -11.29 -18.73
CA PHE B 459 -20.43 -10.99 -17.95
C PHE B 459 -21.07 -9.66 -18.37
N HIS B 460 -20.26 -8.67 -18.75
CA HIS B 460 -20.83 -7.40 -19.23
C HIS B 460 -21.62 -7.63 -20.52
N GLU B 461 -20.99 -8.26 -21.51
CA GLU B 461 -21.65 -8.46 -22.80
C GLU B 461 -22.89 -9.33 -22.67
N PHE B 462 -22.90 -10.26 -21.72
CA PHE B 462 -24.10 -11.05 -21.49
C PHE B 462 -25.22 -10.23 -20.87
N GLY B 463 -24.89 -9.06 -20.30
CA GLY B 463 -25.94 -8.18 -19.80
C GLY B 463 -26.80 -7.60 -20.91
N HIS B 464 -26.16 -7.19 -22.02
CA HIS B 464 -26.93 -6.72 -23.17
C HIS B 464 -27.71 -7.86 -23.80
N VAL B 465 -27.22 -9.10 -23.70
CA VAL B 465 -27.92 -10.24 -24.28
C VAL B 465 -29.23 -10.48 -23.54
N MET B 466 -29.19 -10.48 -22.20
CA MET B 466 -30.40 -10.71 -21.43
C MET B 466 -31.38 -9.54 -21.57
N HIS B 467 -30.86 -8.31 -21.66
CA HIS B 467 -31.73 -7.16 -21.87
C HIS B 467 -32.40 -7.21 -23.24
N GLN B 468 -31.72 -7.78 -24.24
CA GLN B 468 -32.30 -7.87 -25.57
C GLN B 468 -33.41 -8.92 -25.62
N ILE B 469 -33.22 -10.05 -24.94
CA ILE B 469 -34.15 -11.16 -25.03
C ILE B 469 -35.32 -11.00 -24.08
N CYS B 470 -35.06 -10.52 -22.86
CA CYS B 470 -36.13 -10.36 -21.88
C CYS B 470 -37.05 -9.19 -22.19
N ALA B 471 -36.62 -8.25 -23.04
CA ALA B 471 -37.44 -7.12 -23.39
C ALA B 471 -38.60 -7.55 -24.29
N GLN B 472 -39.82 -7.21 -23.89
CA GLN B 472 -41.02 -7.54 -24.65
C GLN B 472 -41.92 -6.32 -24.71
N THR B 473 -42.00 -5.69 -25.88
CA THR B 473 -42.83 -4.53 -26.10
C THR B 473 -43.82 -4.83 -27.24
N ASP B 474 -44.50 -3.79 -27.72
CA ASP B 474 -45.42 -3.92 -28.83
C ASP B 474 -44.87 -3.38 -30.14
N PHE B 475 -43.95 -2.42 -30.09
CA PHE B 475 -43.36 -1.82 -31.27
C PHE B 475 -41.87 -2.13 -31.32
N ALA B 476 -41.34 -2.23 -32.55
CA ALA B 476 -39.95 -2.61 -32.73
C ALA B 476 -38.97 -1.52 -32.28
N ARG B 477 -39.39 -0.27 -32.27
CA ARG B 477 -38.48 0.81 -31.90
C ARG B 477 -38.26 0.90 -30.39
N PHE B 478 -39.17 0.35 -29.59
CA PHE B 478 -39.03 0.33 -28.14
C PHE B 478 -38.50 -1.00 -27.61
N SER B 479 -38.21 -1.95 -28.50
CA SER B 479 -37.78 -3.28 -28.09
C SER B 479 -36.25 -3.35 -27.99
N GLY B 480 -35.79 -4.39 -27.31
CA GLY B 480 -34.36 -4.60 -27.16
C GLY B 480 -33.72 -3.57 -26.25
N THR B 481 -32.50 -3.16 -26.59
CA THR B 481 -31.74 -2.20 -25.81
C THR B 481 -31.91 -0.77 -26.30
N ASN B 482 -33.01 -0.47 -27.00
CA ASN B 482 -33.25 0.87 -27.54
C ASN B 482 -33.81 1.77 -26.44
N VAL B 483 -32.93 2.16 -25.53
CA VAL B 483 -33.27 3.05 -24.43
C VAL B 483 -32.36 4.27 -24.50
N GLU B 484 -32.34 5.06 -23.43
CA GLU B 484 -31.39 6.17 -23.35
C GLU B 484 -29.96 5.63 -23.38
N THR B 485 -29.11 6.29 -24.18
CA THR B 485 -27.75 5.79 -24.37
C THR B 485 -26.95 5.80 -23.06
N ASP B 486 -27.22 6.76 -22.18
CA ASP B 486 -26.59 6.80 -20.87
C ASP B 486 -27.25 5.85 -19.87
N PHE B 487 -28.12 4.97 -20.34
CA PHE B 487 -28.79 3.98 -19.49
C PHE B 487 -28.62 2.55 -19.98
N VAL B 488 -28.27 2.34 -21.26
CA VAL B 488 -28.14 0.98 -21.80
C VAL B 488 -27.03 0.21 -21.10
N GLU B 489 -26.04 0.90 -20.54
CA GLU B 489 -24.95 0.23 -19.84
C GLU B 489 -25.29 -0.08 -18.37
N VAL B 490 -26.55 0.04 -17.99
CA VAL B 490 -26.97 -0.31 -16.63
C VAL B 490 -27.11 -1.83 -16.51
N PRO B 491 -27.84 -2.53 -17.40
CA PRO B 491 -27.94 -3.99 -17.24
C PRO B 491 -26.62 -4.71 -17.44
N SER B 492 -25.73 -4.18 -18.28
CA SER B 492 -24.47 -4.86 -18.58
C SER B 492 -23.46 -4.69 -17.45
N GLN B 493 -23.27 -3.45 -17.00
CA GLN B 493 -22.29 -3.20 -15.94
C GLN B 493 -22.74 -3.74 -14.59
N MET B 494 -24.04 -4.04 -14.43
CA MET B 494 -24.52 -4.55 -13.16
C MET B 494 -24.19 -6.03 -12.99
N LEU B 495 -24.15 -6.80 -14.08
CA LEU B 495 -23.81 -8.21 -13.99
C LEU B 495 -22.34 -8.45 -13.67
N GLU B 496 -21.49 -7.42 -13.80
CA GLU B 496 -20.08 -7.59 -13.46
C GLU B 496 -19.87 -7.81 -11.96
N ASN B 497 -20.83 -7.42 -11.12
CA ASN B 497 -20.69 -7.63 -9.69
C ASN B 497 -20.68 -9.11 -9.32
N TRP B 498 -21.26 -9.98 -10.17
CA TRP B 498 -21.21 -11.41 -9.92
C TRP B 498 -19.82 -12.00 -10.18
N VAL B 499 -18.91 -11.23 -10.80
CA VAL B 499 -17.55 -11.68 -10.99
C VAL B 499 -16.65 -11.30 -9.82
N TRP B 500 -17.20 -10.62 -8.80
CA TRP B 500 -16.44 -10.22 -7.63
C TRP B 500 -17.03 -10.81 -6.34
N ASP B 501 -17.84 -11.85 -6.45
CA ASP B 501 -18.39 -12.54 -5.29
C ASP B 501 -17.60 -13.81 -5.02
N VAL B 502 -17.36 -14.10 -3.75
CA VAL B 502 -16.53 -15.25 -3.38
C VAL B 502 -17.23 -16.55 -3.77
N ASP B 503 -18.52 -16.65 -3.49
CA ASP B 503 -19.25 -17.89 -3.78
C ASP B 503 -19.48 -18.04 -5.28
N SER B 504 -19.74 -16.94 -5.99
CA SER B 504 -19.98 -17.02 -7.42
C SER B 504 -18.71 -17.37 -8.19
N LEU B 505 -17.55 -16.94 -7.69
CA LEU B 505 -16.30 -17.27 -8.37
C LEU B 505 -15.95 -18.75 -8.25
N ARG B 506 -16.40 -19.40 -7.17
CA ARG B 506 -16.20 -20.84 -7.06
C ARG B 506 -17.06 -21.61 -8.05
N ARG B 507 -18.22 -21.06 -8.42
CA ARG B 507 -19.07 -21.68 -9.42
C ARG B 507 -18.57 -21.45 -10.84
N LEU B 508 -17.62 -20.53 -11.04
CA LEU B 508 -17.05 -20.25 -12.35
C LEU B 508 -15.65 -20.84 -12.53
N SER B 509 -15.07 -21.40 -11.48
CA SER B 509 -13.67 -21.81 -11.49
C SER B 509 -13.54 -23.32 -11.40
N LYS B 510 -12.59 -23.87 -12.16
CA LYS B 510 -12.23 -25.27 -12.13
C LYS B 510 -10.93 -25.45 -12.90
N HIS B 511 -9.87 -25.89 -12.23
CA HIS B 511 -8.57 -26.00 -12.88
C HIS B 511 -8.64 -26.95 -14.06
N TYR B 512 -8.03 -26.55 -15.18
CA TYR B 512 -8.15 -27.31 -16.42
C TYR B 512 -7.46 -28.66 -16.34
N LYS B 513 -6.59 -28.88 -15.35
CA LYS B 513 -5.83 -30.11 -15.28
C LYS B 513 -6.38 -31.05 -14.21
N ASP B 514 -6.16 -30.71 -12.93
CA ASP B 514 -6.59 -31.55 -11.83
C ASP B 514 -8.02 -31.29 -11.37
N GLY B 515 -8.71 -30.33 -11.98
CA GLY B 515 -10.08 -30.03 -11.61
C GLY B 515 -10.27 -29.44 -10.23
N SER B 516 -9.20 -29.04 -9.56
CA SER B 516 -9.31 -28.47 -8.23
C SER B 516 -9.83 -27.04 -8.31
N PRO B 517 -10.49 -26.56 -7.27
CA PRO B 517 -10.97 -25.17 -7.25
C PRO B 517 -9.86 -24.23 -6.83
N ILE B 518 -10.16 -22.94 -6.87
CA ILE B 518 -9.19 -21.93 -6.44
C ILE B 518 -9.05 -21.99 -4.93
N ALA B 519 -7.82 -21.80 -4.45
CA ALA B 519 -7.57 -21.79 -3.01
C ALA B 519 -8.36 -20.67 -2.34
N ASP B 520 -8.74 -20.90 -1.08
CA ASP B 520 -9.55 -19.91 -0.37
C ASP B 520 -8.79 -18.61 -0.17
N ASP B 521 -7.49 -18.70 0.13
CA ASP B 521 -6.70 -17.49 0.33
C ASP B 521 -6.58 -16.69 -0.95
N LEU B 522 -6.34 -17.37 -2.08
CA LEU B 522 -6.22 -16.67 -3.35
C LEU B 522 -7.56 -16.13 -3.83
N LEU B 523 -8.66 -16.83 -3.52
CA LEU B 523 -9.98 -16.36 -3.93
C LEU B 523 -10.37 -15.09 -3.19
N GLU B 524 -10.01 -14.99 -1.91
CA GLU B 524 -10.31 -13.77 -1.15
C GLU B 524 -9.50 -12.59 -1.66
N LYS B 525 -8.24 -12.82 -2.04
CA LYS B 525 -7.42 -11.73 -2.57
C LYS B 525 -7.94 -11.24 -3.90
N LEU B 526 -8.57 -12.11 -4.69
CA LEU B 526 -9.12 -11.69 -5.98
C LEU B 526 -10.29 -10.72 -5.77
N VAL B 527 -11.18 -11.03 -4.82
CA VAL B 527 -12.28 -10.12 -4.50
C VAL B 527 -11.74 -8.84 -3.89
N ALA B 528 -10.71 -8.95 -3.05
CA ALA B 528 -10.13 -7.76 -2.44
C ALA B 528 -9.36 -6.91 -3.43
N SER B 529 -8.95 -7.47 -4.57
CA SER B 529 -8.25 -6.73 -5.61
C SER B 529 -9.20 -6.08 -6.61
N ARG B 530 -10.42 -5.74 -6.18
CA ARG B 530 -11.36 -5.12 -7.09
C ARG B 530 -11.00 -3.66 -7.38
N LEU B 531 -10.64 -2.91 -6.33
CA LEU B 531 -10.36 -1.49 -6.46
C LEU B 531 -8.87 -1.20 -6.68
N VAL B 532 -8.11 -2.18 -7.15
CA VAL B 532 -6.70 -1.93 -7.44
C VAL B 532 -6.59 -1.08 -8.70
N ASN B 533 -5.73 -0.06 -8.65
CA ASN B 533 -5.52 0.87 -9.75
C ASN B 533 -6.83 1.53 -10.19
N THR B 534 -7.79 1.65 -9.28
CA THR B 534 -9.07 2.23 -9.62
C THR B 534 -8.96 3.72 -9.94
N GLY B 535 -7.91 4.39 -9.46
CA GLY B 535 -7.73 5.80 -9.73
C GLY B 535 -7.40 6.05 -11.19
N LEU B 536 -6.27 5.53 -11.65
CA LEU B 536 -5.87 5.75 -13.04
C LEU B 536 -6.81 5.10 -14.03
N LEU B 537 -7.48 4.01 -13.63
CA LEU B 537 -8.43 3.35 -14.52
C LEU B 537 -9.65 4.23 -14.76
N THR B 538 -10.21 4.80 -13.69
CA THR B 538 -11.37 5.67 -13.85
C THR B 538 -10.97 7.04 -14.36
N LEU B 539 -9.80 7.54 -13.95
CA LEU B 539 -9.31 8.82 -14.47
C LEU B 539 -9.14 8.77 -15.98
N ARG B 540 -8.70 7.63 -16.51
CA ARG B 540 -8.62 7.47 -17.96
C ARG B 540 -10.01 7.49 -18.58
N GLN B 541 -11.00 6.90 -17.90
CA GLN B 541 -12.37 6.98 -18.38
C GLN B 541 -12.91 8.40 -18.29
N ILE B 542 -12.49 9.16 -17.27
CA ILE B 542 -12.86 10.56 -17.19
C ILE B 542 -12.26 11.35 -18.34
N VAL B 543 -11.02 11.00 -18.73
CA VAL B 543 -10.39 11.67 -19.86
C VAL B 543 -11.15 11.40 -21.14
N LEU B 544 -11.45 10.13 -21.42
CA LEU B 544 -12.19 9.79 -22.63
C LEU B 544 -13.59 10.39 -22.63
N SER B 545 -14.18 10.57 -21.44
CA SER B 545 -15.49 11.21 -21.36
C SER B 545 -15.40 12.72 -21.59
N LYS B 546 -14.38 13.36 -21.03
CA LYS B 546 -14.21 14.81 -21.24
C LYS B 546 -13.84 15.11 -22.69
N VAL B 547 -13.06 14.24 -23.33
CA VAL B 547 -12.71 14.44 -24.73
C VAL B 547 -13.96 14.36 -25.60
N ASP B 548 -14.85 13.41 -25.29
CA ASP B 548 -16.09 13.28 -26.06
C ASP B 548 -16.98 14.50 -25.91
N GLN B 549 -16.99 15.11 -24.71
CA GLN B 549 -17.78 16.32 -24.51
C GLN B 549 -17.14 17.52 -25.18
N SER B 550 -15.80 17.58 -25.19
CA SER B 550 -15.12 18.72 -25.79
C SER B 550 -15.20 18.68 -27.31
N LEU B 551 -15.02 17.51 -27.91
CA LEU B 551 -15.04 17.39 -29.36
C LEU B 551 -16.42 17.64 -29.96
N HIS B 552 -17.47 17.63 -29.14
CA HIS B 552 -18.83 17.94 -29.60
C HIS B 552 -19.32 19.29 -29.08
N THR B 553 -18.43 20.10 -28.51
CA THR B 553 -18.77 21.44 -28.07
C THR B 553 -18.06 22.50 -28.90
N ASN B 554 -16.72 22.49 -28.91
CA ASN B 554 -15.96 23.43 -29.72
C ASN B 554 -15.94 23.00 -31.18
N THR B 555 -15.89 24.00 -32.07
CA THR B 555 -15.90 23.74 -33.51
C THR B 555 -14.51 23.38 -34.00
N SER B 556 -13.66 24.38 -34.19
CA SER B 556 -12.31 24.18 -34.71
C SER B 556 -11.39 23.79 -33.56
N LEU B 557 -11.36 22.50 -33.25
CA LEU B 557 -10.52 21.97 -32.18
C LEU B 557 -9.77 20.75 -32.69
N ASP B 558 -8.45 20.76 -32.52
CA ASP B 558 -7.62 19.62 -32.91
C ASP B 558 -7.93 18.43 -32.01
N ALA B 559 -8.36 17.33 -32.61
CA ALA B 559 -8.74 16.15 -31.84
C ALA B 559 -7.56 15.58 -31.09
N ALA B 560 -6.39 15.51 -31.73
CA ALA B 560 -5.21 14.96 -31.07
C ALA B 560 -4.73 15.86 -29.94
N SER B 561 -4.85 17.18 -30.13
CA SER B 561 -4.39 18.11 -29.09
C SER B 561 -5.29 18.07 -27.87
N GLU B 562 -6.59 17.90 -28.08
CA GLU B 562 -7.53 17.91 -26.96
C GLU B 562 -7.39 16.64 -26.12
N TYR B 563 -7.13 15.50 -26.75
CA TYR B 563 -6.89 14.27 -26.01
C TYR B 563 -5.59 14.37 -25.22
N ALA B 564 -4.53 14.89 -25.84
CA ALA B 564 -3.26 15.02 -25.14
C ALA B 564 -3.33 16.04 -24.01
N LYS B 565 -4.22 17.02 -24.12
CA LYS B 565 -4.36 18.01 -23.05
C LYS B 565 -4.96 17.38 -21.80
N TYR B 566 -6.09 16.68 -21.97
CA TYR B 566 -6.76 16.07 -20.82
C TYR B 566 -5.97 14.91 -20.23
N CYS B 567 -5.05 14.32 -20.99
CA CYS B 567 -4.20 13.27 -20.43
C CYS B 567 -3.26 13.84 -19.38
N SER B 568 -2.56 14.93 -19.70
CA SER B 568 -1.64 15.54 -18.76
C SER B 568 -2.36 16.27 -17.63
N GLU B 569 -3.62 16.69 -17.84
CA GLU B 569 -4.34 17.41 -16.81
C GLU B 569 -5.01 16.46 -15.82
N ILE B 570 -5.75 15.48 -16.33
CA ILE B 570 -6.54 14.60 -15.47
C ILE B 570 -5.79 13.32 -15.13
N LEU B 571 -5.29 12.61 -16.15
CA LEU B 571 -4.67 11.32 -15.91
C LEU B 571 -3.26 11.45 -15.33
N GLY B 572 -2.51 12.47 -15.76
CA GLY B 572 -1.14 12.64 -15.34
C GLY B 572 -0.12 11.93 -16.20
N VAL B 573 -0.55 11.11 -17.15
CA VAL B 573 0.33 10.44 -18.09
C VAL B 573 0.14 11.10 -19.45
N ALA B 574 1.22 11.68 -19.97
CA ALA B 574 1.12 12.43 -21.21
C ALA B 574 0.90 11.49 -22.39
N ALA B 575 0.12 11.96 -23.37
CA ALA B 575 -0.11 11.21 -24.58
C ALA B 575 1.11 11.28 -25.49
N THR B 576 1.46 10.14 -26.08
CA THR B 576 2.64 10.06 -26.92
C THR B 576 2.49 10.94 -28.16
N PRO B 577 3.41 11.87 -28.42
CA PRO B 577 3.30 12.69 -29.62
C PRO B 577 3.44 11.84 -30.87
N GLY B 578 2.60 12.14 -31.87
CA GLY B 578 2.54 11.37 -33.08
C GLY B 578 1.39 10.38 -33.13
N THR B 579 0.78 10.09 -31.99
CA THR B 579 -0.36 9.19 -31.93
C THR B 579 -1.66 9.96 -32.13
N ASN B 580 -2.76 9.22 -32.23
CA ASN B 580 -4.08 9.84 -32.42
C ASN B 580 -5.14 8.86 -31.90
N MET B 581 -5.47 9.00 -30.62
CA MET B 581 -6.51 8.16 -30.03
C MET B 581 -7.88 8.39 -30.65
N PRO B 582 -8.36 9.63 -30.86
CA PRO B 582 -9.67 9.80 -31.49
C PRO B 582 -9.80 9.16 -32.86
N ALA B 583 -8.68 8.96 -33.57
CA ALA B 583 -8.74 8.26 -34.86
C ALA B 583 -9.16 6.80 -34.69
N THR B 584 -8.92 6.21 -33.52
CA THR B 584 -9.30 4.83 -33.24
C THR B 584 -10.50 4.75 -32.30
N PHE B 585 -11.10 5.87 -31.92
CA PHE B 585 -12.22 5.90 -30.98
C PHE B 585 -13.49 5.49 -31.73
N GLY B 586 -13.73 4.19 -31.80
CA GLY B 586 -14.88 3.68 -32.53
C GLY B 586 -16.22 4.10 -31.96
N HIS B 587 -16.25 4.56 -30.71
CA HIS B 587 -17.50 4.98 -30.09
C HIS B 587 -18.05 6.27 -30.70
N LEU B 588 -17.19 7.06 -31.34
CA LEU B 588 -17.66 8.31 -31.95
C LEU B 588 -18.56 8.08 -33.15
N ALA B 589 -18.48 6.90 -33.78
CA ALA B 589 -19.30 6.58 -34.94
C ALA B 589 -20.22 5.39 -34.71
N GLY B 590 -20.35 4.92 -33.46
CA GLY B 590 -21.18 3.78 -33.16
C GLY B 590 -22.37 4.11 -32.30
N GLY B 591 -22.83 5.36 -32.35
CA GLY B 591 -23.97 5.80 -31.59
C GLY B 591 -23.65 6.43 -30.26
N TYR B 592 -22.38 6.42 -29.84
CA TYR B 592 -21.97 7.00 -28.56
C TYR B 592 -21.31 8.36 -28.72
N ASP B 593 -21.63 9.08 -29.78
CA ASP B 593 -21.08 10.41 -30.00
C ASP B 593 -21.64 11.37 -28.96
N GLY B 594 -20.76 11.99 -28.18
CA GLY B 594 -21.20 12.88 -27.12
C GLY B 594 -21.92 12.21 -25.98
N GLN B 595 -21.92 10.87 -25.93
CA GLN B 595 -22.63 10.13 -24.91
C GLN B 595 -21.75 9.09 -24.23
N TYR B 596 -20.43 9.18 -24.41
CA TYR B 596 -19.52 8.22 -23.78
C TYR B 596 -19.54 8.30 -22.26
N TYR B 597 -19.99 9.42 -21.70
CA TYR B 597 -20.09 9.56 -20.25
C TYR B 597 -21.00 8.51 -19.62
N GLY B 598 -21.86 7.86 -20.43
CA GLY B 598 -22.80 6.89 -19.92
C GLY B 598 -22.16 5.70 -19.24
N TYR B 599 -20.90 5.39 -19.58
CA TYR B 599 -20.23 4.27 -18.93
C TYR B 599 -20.03 4.54 -17.44
N LEU B 600 -19.68 5.77 -17.07
CA LEU B 600 -19.60 6.16 -15.67
C LEU B 600 -20.95 6.61 -15.13
N TRP B 601 -21.81 7.17 -15.98
CA TRP B 601 -23.13 7.61 -15.52
C TRP B 601 -24.02 6.42 -15.17
N SER B 602 -23.98 5.36 -15.98
CA SER B 602 -24.81 4.19 -15.70
C SER B 602 -24.29 3.40 -14.51
N GLU B 603 -22.98 3.47 -14.25
CA GLU B 603 -22.43 2.70 -13.14
C GLU B 603 -22.96 3.20 -11.80
N VAL B 604 -23.34 4.48 -11.72
CA VAL B 604 -23.92 5.01 -10.49
C VAL B 604 -25.25 4.34 -10.19
N PHE B 605 -26.00 3.97 -11.23
CA PHE B 605 -27.28 3.31 -11.02
C PHE B 605 -27.10 1.83 -10.68
N SER B 606 -26.16 1.16 -11.35
CA SER B 606 -25.97 -0.27 -11.10
C SER B 606 -25.47 -0.53 -9.69
N MET B 607 -24.53 0.29 -9.21
CA MET B 607 -24.04 0.13 -7.84
C MET B 607 -25.13 0.43 -6.82
N ASP B 608 -26.06 1.32 -7.15
CA ASP B 608 -27.15 1.62 -6.23
C ASP B 608 -28.20 0.52 -6.22
N MET B 609 -28.31 -0.24 -7.30
CA MET B 609 -29.24 -1.37 -7.33
C MET B 609 -28.63 -2.61 -6.70
N PHE B 610 -27.34 -2.84 -6.95
CA PHE B 610 -26.68 -4.04 -6.42
C PHE B 610 -26.55 -3.97 -4.90
N TYR B 611 -26.32 -2.78 -4.36
CA TYR B 611 -26.11 -2.64 -2.92
C TYR B 611 -27.42 -2.52 -2.15
N SER B 612 -28.44 -1.89 -2.73
CA SER B 612 -29.68 -1.66 -2.02
C SER B 612 -30.70 -2.78 -2.18
N CYS B 613 -30.54 -3.64 -3.17
CA CYS B 613 -31.51 -4.70 -3.38
C CYS B 613 -30.90 -6.09 -3.46
N PHE B 614 -29.77 -6.24 -4.13
CA PHE B 614 -29.18 -7.57 -4.31
C PHE B 614 -28.27 -7.97 -3.15
N LYS B 615 -27.32 -7.10 -2.77
CA LYS B 615 -26.41 -7.45 -1.68
C LYS B 615 -27.16 -7.63 -0.36
N LYS B 616 -28.30 -6.95 -0.21
CA LYS B 616 -29.10 -7.12 1.00
C LYS B 616 -29.81 -8.47 1.01
N GLU B 617 -30.64 -8.72 0.00
CA GLU B 617 -31.43 -9.94 -0.06
C GLU B 617 -30.66 -11.15 -0.55
N GLY B 618 -29.40 -10.99 -0.96
CA GLY B 618 -28.63 -12.07 -1.53
C GLY B 618 -28.54 -11.96 -3.04
N ILE B 619 -27.32 -12.01 -3.58
CA ILE B 619 -27.12 -11.78 -5.00
C ILE B 619 -27.65 -12.91 -5.86
N MET B 620 -28.04 -14.04 -5.26
CA MET B 620 -28.62 -15.16 -5.98
C MET B 620 -30.09 -15.34 -5.64
N ASN B 621 -30.71 -14.39 -4.97
CA ASN B 621 -32.12 -14.47 -4.61
C ASN B 621 -32.98 -14.45 -5.87
N PRO B 622 -33.76 -15.50 -6.15
CA PRO B 622 -34.62 -15.47 -7.35
C PRO B 622 -35.76 -14.48 -7.23
N GLU B 623 -36.12 -14.04 -6.03
CA GLU B 623 -37.17 -13.04 -5.87
C GLU B 623 -36.73 -11.69 -6.43
N VAL B 624 -35.52 -11.26 -6.07
CA VAL B 624 -35.01 -10.01 -6.61
C VAL B 624 -34.62 -10.17 -8.07
N GLY B 625 -34.19 -11.36 -8.47
CA GLY B 625 -33.87 -11.59 -9.87
C GLY B 625 -35.07 -11.44 -10.78
N MET B 626 -36.24 -11.90 -10.31
CA MET B 626 -37.46 -11.72 -11.09
C MET B 626 -37.91 -10.26 -11.06
N LYS B 627 -37.76 -9.59 -9.92
CA LYS B 627 -38.06 -8.16 -9.84
C LYS B 627 -37.16 -7.36 -10.78
N TYR B 628 -35.88 -7.75 -10.88
CA TYR B 628 -34.96 -7.06 -11.78
C TYR B 628 -35.34 -7.30 -13.24
N ARG B 629 -35.76 -8.52 -13.56
CA ARG B 629 -36.09 -8.85 -14.94
C ARG B 629 -37.35 -8.13 -15.41
N ASN B 630 -38.37 -8.05 -14.55
CA ASN B 630 -39.66 -7.51 -14.96
C ASN B 630 -39.70 -5.99 -14.92
N LEU B 631 -38.88 -5.35 -14.08
CA LEU B 631 -38.92 -3.91 -13.93
C LEU B 631 -37.85 -3.18 -14.73
N ILE B 632 -36.77 -3.86 -15.12
CA ILE B 632 -35.66 -3.26 -15.84
C ILE B 632 -35.49 -3.87 -17.23
N LEU B 633 -35.44 -5.20 -17.30
CA LEU B 633 -35.19 -5.86 -18.58
C LEU B 633 -36.45 -5.96 -19.43
N LYS B 634 -37.59 -6.30 -18.82
CA LYS B 634 -38.80 -6.53 -19.60
C LYS B 634 -39.33 -5.28 -20.27
N PRO B 635 -39.45 -4.12 -19.60
CA PRO B 635 -39.99 -2.95 -20.31
C PRO B 635 -39.14 -2.50 -21.48
N GLY B 636 -37.82 -2.65 -21.41
CA GLY B 636 -36.97 -2.21 -22.50
C GLY B 636 -37.06 -0.71 -22.68
N GLY B 637 -37.44 -0.29 -23.88
CA GLY B 637 -37.61 1.11 -24.20
C GLY B 637 -39.02 1.65 -24.12
N SER B 638 -39.99 0.81 -23.71
CA SER B 638 -41.37 1.26 -23.60
C SER B 638 -41.60 2.18 -22.41
N LEU B 639 -40.63 2.33 -21.52
CA LEU B 639 -40.70 3.25 -20.40
C LEU B 639 -39.42 4.05 -20.32
N ASP B 640 -39.49 5.18 -19.61
CA ASP B 640 -38.31 6.01 -19.41
C ASP B 640 -37.31 5.31 -18.48
N GLY B 641 -36.05 5.73 -18.59
CA GLY B 641 -35.01 5.11 -17.79
C GLY B 641 -35.19 5.34 -16.30
N MET B 642 -35.55 6.56 -15.92
CA MET B 642 -35.74 6.87 -14.51
C MET B 642 -37.01 6.25 -13.95
N ASP B 643 -38.02 6.03 -14.81
CA ASP B 643 -39.25 5.38 -14.35
C ASP B 643 -38.99 3.94 -13.93
N MET B 644 -38.19 3.22 -14.72
CA MET B 644 -37.87 1.83 -14.38
C MET B 644 -37.01 1.76 -13.11
N LEU B 645 -36.11 2.73 -12.92
CA LEU B 645 -35.32 2.77 -11.70
C LEU B 645 -36.18 3.08 -10.48
N HIS B 646 -37.16 3.97 -10.64
CA HIS B 646 -38.03 4.31 -9.51
C HIS B 646 -38.94 3.15 -9.14
N ASN B 647 -39.37 2.35 -10.12
CA ASN B 647 -40.21 1.20 -9.80
C ASN B 647 -39.44 0.13 -9.06
N PHE B 648 -38.13 0.02 -9.30
CA PHE B 648 -37.30 -1.00 -8.68
C PHE B 648 -36.76 -0.57 -7.32
N LEU B 649 -36.23 0.66 -7.23
CA LEU B 649 -35.64 1.15 -5.99
C LEU B 649 -36.65 1.71 -5.01
N LYS B 650 -37.90 1.94 -5.45
CA LYS B 650 -38.94 2.55 -4.60
C LYS B 650 -38.52 3.94 -4.11
N ARG B 651 -37.66 4.61 -4.85
CA ARG B 651 -37.14 5.93 -4.50
C ARG B 651 -36.38 6.47 -5.70
N GLU B 652 -35.58 7.51 -5.48
CA GLU B 652 -34.70 8.09 -6.49
C GLU B 652 -33.26 7.63 -6.27
N PRO B 653 -32.54 7.34 -7.35
CA PRO B 653 -31.16 6.85 -7.21
C PRO B 653 -30.23 7.95 -6.70
N ASN B 654 -29.11 7.52 -6.14
CA ASN B 654 -28.11 8.44 -5.62
C ASN B 654 -26.73 7.80 -5.75
N GLN B 655 -25.71 8.62 -5.55
CA GLN B 655 -24.32 8.17 -5.64
C GLN B 655 -23.81 7.59 -4.33
N LYS B 656 -24.66 7.47 -3.32
CA LYS B 656 -24.23 6.97 -2.01
C LYS B 656 -23.61 5.58 -2.12
N ALA B 657 -24.31 4.65 -2.78
CA ALA B 657 -23.77 3.32 -2.96
C ALA B 657 -22.61 3.31 -3.96
N PHE B 658 -22.65 4.18 -4.96
CA PHE B 658 -21.59 4.22 -5.96
C PHE B 658 -20.28 4.75 -5.39
N LEU B 659 -20.36 5.65 -4.40
CA LEU B 659 -19.14 6.25 -3.86
C LEU B 659 -18.41 5.32 -2.91
N MET B 660 -19.14 4.64 -2.02
CA MET B 660 -18.50 3.74 -1.08
C MET B 660 -17.99 2.47 -1.74
N SER B 661 -18.54 2.10 -2.90
CA SER B 661 -18.02 0.98 -3.67
C SER B 661 -16.73 1.30 -4.39
N ARG B 662 -16.27 2.54 -4.35
CA ARG B 662 -15.02 2.96 -4.98
C ARG B 662 -13.96 3.34 -3.97
N GLY B 663 -14.19 3.11 -2.69
CA GLY B 663 -13.24 3.50 -1.66
C GLY B 663 -13.24 4.96 -1.32
N LEU B 664 -14.33 5.67 -1.61
CA LEU B 664 -14.48 7.09 -1.37
C LEU B 664 -15.41 7.29 -0.18
N HIS B 665 -16.16 8.40 -0.17
CA HIS B 665 -17.10 8.68 0.91
C HIS B 665 -18.20 7.63 0.97
N VAL C 3 21.08 3.00 30.31
CA VAL C 3 22.40 2.97 29.70
C VAL C 3 22.27 2.76 28.20
N TYR C 4 21.64 1.67 27.80
CA TYR C 4 21.44 1.35 26.38
C TYR C 4 20.13 1.97 25.89
N ILE D 1 19.97 2.15 22.81
CA ILE D 1 18.63 1.78 22.36
C ILE D 1 18.61 0.25 22.20
N HIS D 2 17.62 -0.28 21.47
CA HIS D 2 17.35 -1.71 21.41
C HIS D 2 18.12 -2.37 20.27
N PRO D 3 18.28 -3.70 20.31
CA PRO D 3 18.89 -4.42 19.19
C PRO D 3 18.16 -4.16 17.89
N PHE D 4 18.85 -3.52 16.95
CA PHE D 4 18.27 -3.18 15.66
C PHE D 4 17.94 -4.42 14.84
N VAL E 3 -25.10 -0.26 -28.21
CA VAL E 3 -24.96 -1.67 -28.51
C VAL E 3 -23.65 -2.23 -27.94
N TYR E 4 -22.76 -1.34 -27.53
CA TYR E 4 -21.44 -1.74 -27.04
C TYR E 4 -21.51 -2.36 -25.64
N ILE F 1 -18.55 -2.25 -24.90
CA ILE F 1 -17.80 -2.09 -23.66
C ILE F 1 -16.85 -0.89 -23.81
N HIS F 2 -16.53 -0.27 -22.69
CA HIS F 2 -15.60 0.86 -22.71
C HIS F 2 -14.25 0.41 -23.25
N PRO F 3 -13.56 1.26 -24.02
CA PRO F 3 -12.23 0.89 -24.52
C PRO F 3 -11.26 0.63 -23.38
N PHE F 4 -10.69 -0.57 -23.38
CA PHE F 4 -9.79 -0.99 -22.31
C PHE F 4 -8.48 -0.19 -22.33
#